data_1X1M
#
_entry.id   1X1M
#
_entity_poly.entity_id   1
_entity_poly.type   'polypeptide(L)'
_entity_poly.pdbx_seq_one_letter_code
;GSSGSSGMSLSDWHLAVKLADQPLAPKSILQLPETELGEYSLGGYSISFLKQLIAGKLQESVPDPELIDLIYCGRKLKDD
QTLDFYGIQPGSTVHVLRKSWSGPSSG
;
_entity_poly.pdbx_strand_id   A
#
# COMPACT_ATOMS: atom_id res chain seq x y z
N GLY A 1 -6.87 30.33 15.73
CA GLY A 1 -7.21 29.39 14.66
C GLY A 1 -8.09 28.26 15.14
N SER A 2 -9.26 28.60 15.65
CA SER A 2 -10.20 27.59 16.16
C SER A 2 -10.37 26.46 15.14
N SER A 3 -10.59 26.82 13.89
CA SER A 3 -10.76 25.83 12.83
C SER A 3 -9.72 24.73 12.93
N GLY A 4 -8.45 25.10 12.83
CA GLY A 4 -7.38 24.13 12.91
C GLY A 4 -6.73 23.87 11.57
N SER A 5 -6.03 22.74 11.47
CA SER A 5 -5.36 22.36 10.23
C SER A 5 -6.16 21.29 9.48
N SER A 6 -6.80 21.70 8.39
CA SER A 6 -7.60 20.77 7.59
C SER A 6 -7.42 21.06 6.10
N GLY A 7 -7.22 20.00 5.32
CA GLY A 7 -7.04 20.16 3.89
C GLY A 7 -5.72 19.57 3.41
N MET A 8 -5.72 18.27 3.12
CA MET A 8 -4.53 17.60 2.65
C MET A 8 -4.12 18.11 1.27
N SER A 9 -2.95 17.70 0.81
CA SER A 9 -2.44 18.11 -0.49
C SER A 9 -2.27 16.91 -1.41
N LEU A 10 -2.23 17.17 -2.72
CA LEU A 10 -2.07 16.11 -3.70
C LEU A 10 -0.59 15.82 -3.95
N SER A 11 -0.23 14.56 -3.86
CA SER A 11 1.17 14.14 -4.07
C SER A 11 1.39 13.72 -5.53
N ASP A 12 2.66 13.66 -5.93
CA ASP A 12 3.01 13.27 -7.29
C ASP A 12 3.12 11.75 -7.41
N TRP A 13 3.93 11.16 -6.54
CA TRP A 13 4.13 9.72 -6.55
C TRP A 13 2.81 8.98 -6.34
N HIS A 14 2.47 8.09 -7.26
CA HIS A 14 1.24 7.32 -7.17
C HIS A 14 1.51 5.83 -7.34
N LEU A 15 0.59 5.01 -6.85
CA LEU A 15 0.73 3.56 -6.96
C LEU A 15 -0.64 2.88 -7.08
N ALA A 16 -0.66 1.72 -7.72
CA ALA A 16 -1.89 0.97 -7.91
C ALA A 16 -2.02 -0.14 -6.88
N VAL A 17 -3.24 -0.37 -6.40
CA VAL A 17 -3.50 -1.40 -5.41
C VAL A 17 -4.59 -2.36 -5.88
N LYS A 18 -4.27 -3.65 -5.91
CA LYS A 18 -5.24 -4.66 -6.35
C LYS A 18 -5.52 -5.64 -5.22
N LEU A 19 -6.79 -5.98 -5.04
CA LEU A 19 -7.20 -6.92 -4.00
C LEU A 19 -7.03 -8.36 -4.47
N ALA A 20 -6.03 -9.04 -3.89
CA ALA A 20 -5.76 -10.43 -4.24
C ALA A 20 -6.98 -11.30 -4.01
N ASP A 21 -7.73 -10.99 -2.96
CA ASP A 21 -8.93 -11.76 -2.63
C ASP A 21 -10.01 -11.57 -3.68
N GLN A 22 -9.95 -10.44 -4.38
CA GLN A 22 -10.93 -10.13 -5.43
C GLN A 22 -10.24 -9.62 -6.68
N PRO A 23 -9.84 -10.54 -7.56
CA PRO A 23 -9.16 -10.20 -8.82
C PRO A 23 -10.10 -9.51 -9.81
N LEU A 24 -11.39 -9.46 -9.48
CA LEU A 24 -12.37 -8.84 -10.34
C LEU A 24 -12.60 -7.38 -9.93
N ALA A 25 -12.39 -7.09 -8.66
CA ALA A 25 -12.57 -5.73 -8.14
C ALA A 25 -11.66 -4.75 -8.88
N PRO A 26 -12.14 -3.50 -9.01
CA PRO A 26 -11.39 -2.44 -9.69
C PRO A 26 -10.16 -2.00 -8.90
N LYS A 27 -9.07 -1.75 -9.61
CA LYS A 27 -7.82 -1.33 -8.97
C LYS A 27 -7.95 0.08 -8.41
N SER A 28 -7.40 0.29 -7.22
CA SER A 28 -7.45 1.59 -6.57
C SER A 28 -6.11 2.30 -6.64
N ILE A 29 -6.13 3.63 -6.53
CA ILE A 29 -4.91 4.42 -6.58
C ILE A 29 -4.53 4.94 -5.20
N LEU A 30 -3.35 4.57 -4.73
CA LEU A 30 -2.87 4.99 -3.42
C LEU A 30 -1.79 6.07 -3.56
N GLN A 31 -2.09 7.26 -3.05
CA GLN A 31 -1.14 8.37 -3.12
C GLN A 31 -0.46 8.58 -1.77
N LEU A 32 0.79 8.12 -1.68
CA LEU A 32 1.55 8.26 -0.44
C LEU A 32 1.96 9.71 -0.21
N PRO A 33 2.15 10.09 1.07
CA PRO A 33 2.55 11.44 1.44
C PRO A 33 3.99 11.76 1.04
N GLU A 34 4.38 13.01 1.23
CA GLU A 34 5.74 13.45 0.88
C GLU A 34 6.71 13.14 2.01
N THR A 35 8.00 13.11 1.68
CA THR A 35 9.03 12.82 2.66
C THR A 35 9.97 14.00 2.83
N GLU A 36 10.64 14.07 3.97
CA GLU A 36 11.58 15.16 4.26
C GLU A 36 12.57 15.33 3.11
N LEU A 37 12.77 14.27 2.34
CA LEU A 37 13.69 14.31 1.21
C LEU A 37 13.05 15.01 0.00
N GLY A 38 13.80 15.10 -1.08
CA GLY A 38 13.30 15.74 -2.29
C GLY A 38 12.18 14.96 -2.93
N GLU A 39 12.08 15.04 -4.25
CA GLU A 39 11.05 14.33 -4.99
C GLU A 39 11.63 13.16 -5.77
N TYR A 40 12.93 13.26 -6.09
CA TYR A 40 13.61 12.20 -6.84
C TYR A 40 13.23 10.83 -6.31
N SER A 41 13.54 9.80 -7.09
CA SER A 41 13.23 8.43 -6.71
C SER A 41 13.36 8.24 -5.20
N LEU A 42 12.23 8.04 -4.53
CA LEU A 42 12.22 7.85 -3.08
C LEU A 42 13.40 7.00 -2.63
N GLY A 43 13.44 5.75 -3.08
CA GLY A 43 14.52 4.86 -2.72
C GLY A 43 14.89 4.96 -1.24
N GLY A 44 13.91 4.73 -0.37
CA GLY A 44 14.16 4.81 1.05
C GLY A 44 12.98 4.30 1.87
N TYR A 45 11.78 4.47 1.34
CA TYR A 45 10.57 4.03 2.03
C TYR A 45 10.67 2.57 2.43
N SER A 46 9.91 2.19 3.45
CA SER A 46 9.92 0.82 3.93
C SER A 46 8.56 0.16 3.71
N ILE A 47 8.58 -1.03 3.12
CA ILE A 47 7.36 -1.77 2.84
C ILE A 47 6.34 -1.59 3.96
N SER A 48 6.77 -1.85 5.19
CA SER A 48 5.90 -1.72 6.36
C SER A 48 4.93 -0.55 6.17
N PHE A 49 5.47 0.61 5.85
CA PHE A 49 4.66 1.81 5.64
C PHE A 49 3.50 1.52 4.69
N LEU A 50 3.83 1.09 3.48
CA LEU A 50 2.83 0.78 2.48
C LEU A 50 1.74 -0.13 3.05
N LYS A 51 2.16 -1.24 3.66
CA LYS A 51 1.23 -2.19 4.25
C LYS A 51 0.17 -1.47 5.08
N GLN A 52 0.50 -0.25 5.52
CA GLN A 52 -0.42 0.55 6.32
C GLN A 52 -1.33 1.39 5.44
N LEU A 53 -0.71 2.18 4.56
CA LEU A 53 -1.46 3.04 3.65
C LEU A 53 -2.55 2.26 2.93
N ILE A 54 -2.15 1.18 2.27
CA ILE A 54 -3.10 0.34 1.53
C ILE A 54 -4.19 -0.20 2.46
N ALA A 55 -3.76 -0.78 3.58
CA ALA A 55 -4.69 -1.33 4.55
C ALA A 55 -5.67 -0.26 5.05
N GLY A 56 -5.26 1.00 4.94
CA GLY A 56 -6.10 2.09 5.40
C GLY A 56 -7.13 2.49 4.35
N LYS A 57 -6.83 2.21 3.09
CA LYS A 57 -7.74 2.54 2.00
C LYS A 57 -8.69 1.38 1.72
N LEU A 58 -8.18 0.16 1.86
CA LEU A 58 -8.98 -1.03 1.61
C LEU A 58 -9.66 -1.50 2.90
N GLN A 59 -9.81 -0.59 3.85
CA GLN A 59 -10.45 -0.92 5.12
C GLN A 59 -11.78 -1.62 4.90
N GLU A 60 -12.32 -1.51 3.69
CA GLU A 60 -13.58 -2.13 3.36
C GLU A 60 -13.48 -3.65 3.44
N SER A 61 -12.32 -4.18 3.06
CA SER A 61 -12.10 -5.62 3.08
C SER A 61 -11.00 -5.98 4.07
N VAL A 62 -9.91 -5.21 4.04
CA VAL A 62 -8.78 -5.45 4.93
C VAL A 62 -9.12 -5.02 6.36
N PRO A 63 -9.02 -5.96 7.30
CA PRO A 63 -9.31 -5.70 8.72
C PRO A 63 -8.25 -4.82 9.37
N ASP A 64 -6.98 -5.20 9.20
CA ASP A 64 -5.88 -4.44 9.77
C ASP A 64 -4.61 -4.61 8.94
N PRO A 65 -3.70 -3.63 9.03
CA PRO A 65 -2.44 -3.65 8.28
C PRO A 65 -1.49 -4.72 8.81
N GLU A 66 -1.71 -5.14 10.05
CA GLU A 66 -0.86 -6.15 10.67
C GLU A 66 -1.36 -7.56 10.33
N LEU A 67 -2.66 -7.69 10.11
CA LEU A 67 -3.26 -8.98 9.78
C LEU A 67 -3.27 -9.20 8.27
N ILE A 68 -2.42 -8.45 7.57
CA ILE A 68 -2.34 -8.57 6.12
C ILE A 68 -0.89 -8.49 5.64
N ASP A 69 -0.70 -8.49 4.33
CA ASP A 69 0.65 -8.41 3.75
C ASP A 69 0.60 -7.82 2.35
N LEU A 70 1.77 -7.52 1.80
CA LEU A 70 1.87 -6.95 0.46
C LEU A 70 2.61 -7.88 -0.48
N ILE A 71 2.07 -8.06 -1.68
CA ILE A 71 2.68 -8.92 -2.67
C ILE A 71 3.04 -8.14 -3.94
N TYR A 72 4.29 -8.27 -4.37
CA TYR A 72 4.77 -7.58 -5.57
C TYR A 72 5.62 -8.49 -6.42
N CYS A 73 5.45 -8.40 -7.74
CA CYS A 73 6.22 -9.21 -8.67
C CYS A 73 5.99 -10.70 -8.40
N GLY A 74 4.83 -11.03 -7.84
CA GLY A 74 4.52 -12.41 -7.54
C GLY A 74 5.24 -12.91 -6.30
N ARG A 75 5.75 -11.98 -5.50
CA ARG A 75 6.47 -12.33 -4.29
C ARG A 75 6.17 -11.33 -3.17
N LYS A 76 5.98 -11.85 -1.95
CA LYS A 76 5.69 -11.01 -0.79
C LYS A 76 6.84 -10.05 -0.52
N LEU A 77 6.53 -8.95 0.17
CA LEU A 77 7.54 -7.95 0.49
C LEU A 77 7.67 -7.80 2.01
N LYS A 78 8.88 -8.05 2.52
CA LYS A 78 9.15 -7.93 3.94
C LYS A 78 9.16 -6.48 4.38
N ASP A 79 9.08 -6.26 5.70
CA ASP A 79 9.09 -4.91 6.24
C ASP A 79 10.51 -4.41 6.45
N ASP A 80 11.48 -5.19 5.98
CA ASP A 80 12.89 -4.83 6.11
C ASP A 80 13.50 -4.48 4.76
N GLN A 81 12.64 -4.34 3.76
CA GLN A 81 13.08 -4.01 2.41
C GLN A 81 12.70 -2.58 2.05
N THR A 82 13.18 -2.12 0.89
CA THR A 82 12.89 -0.77 0.44
C THR A 82 12.38 -0.77 -1.01
N LEU A 83 11.77 0.33 -1.41
CA LEU A 83 11.23 0.46 -2.76
C LEU A 83 12.34 0.30 -3.81
N ASP A 84 13.52 0.78 -3.48
CA ASP A 84 14.67 0.69 -4.38
C ASP A 84 15.27 -0.71 -4.35
N PHE A 85 15.21 -1.36 -3.19
CA PHE A 85 15.74 -2.70 -3.04
C PHE A 85 15.08 -3.67 -4.02
N TYR A 86 13.76 -3.60 -4.12
CA TYR A 86 13.01 -4.46 -5.01
C TYR A 86 12.99 -3.89 -6.43
N GLY A 87 13.02 -2.57 -6.53
CA GLY A 87 13.00 -1.92 -7.82
C GLY A 87 11.62 -1.39 -8.19
N ILE A 88 10.78 -1.21 -7.19
CA ILE A 88 9.43 -0.71 -7.41
C ILE A 88 9.44 0.71 -7.95
N GLN A 89 8.49 1.02 -8.82
CA GLN A 89 8.41 2.35 -9.42
C GLN A 89 6.99 2.90 -9.31
N PRO A 90 6.86 4.23 -9.40
CA PRO A 90 5.57 4.92 -9.31
C PRO A 90 4.69 4.65 -10.52
N GLY A 91 3.92 3.57 -10.48
CA GLY A 91 3.05 3.22 -11.58
C GLY A 91 2.66 1.76 -11.58
N SER A 92 3.46 0.93 -10.91
CA SER A 92 3.19 -0.50 -10.83
C SER A 92 1.94 -0.77 -10.00
N THR A 93 1.60 -2.05 -9.85
CA THR A 93 0.43 -2.45 -9.09
C THR A 93 0.75 -3.61 -8.15
N VAL A 94 0.45 -3.44 -6.87
CA VAL A 94 0.70 -4.47 -5.87
C VAL A 94 -0.58 -5.21 -5.51
N HIS A 95 -0.43 -6.34 -4.83
CA HIS A 95 -1.57 -7.14 -4.41
C HIS A 95 -1.56 -7.38 -2.91
N VAL A 96 -2.71 -7.23 -2.28
CA VAL A 96 -2.83 -7.45 -0.84
C VAL A 96 -3.21 -8.89 -0.52
N LEU A 97 -2.54 -9.46 0.47
CA LEU A 97 -2.82 -10.84 0.88
C LEU A 97 -3.05 -10.93 2.39
N ARG A 98 -4.15 -11.56 2.78
CA ARG A 98 -4.49 -11.71 4.18
C ARG A 98 -3.74 -12.89 4.79
N LYS A 99 -3.13 -12.66 5.96
CA LYS A 99 -2.38 -13.70 6.65
C LYS A 99 -3.28 -14.89 6.99
N SER A 100 -4.41 -14.61 7.62
CA SER A 100 -5.35 -15.65 7.99
C SER A 100 -6.78 -15.09 8.07
N TRP A 101 -7.73 -15.96 8.36
CA TRP A 101 -9.14 -15.57 8.45
C TRP A 101 -9.45 -15.03 9.84
N SER A 102 -10.43 -14.13 9.92
CA SER A 102 -10.84 -13.54 11.19
C SER A 102 -10.90 -14.59 12.28
N GLY A 103 -11.86 -15.51 12.17
CA GLY A 103 -12.02 -16.55 13.16
C GLY A 103 -13.31 -17.33 12.98
N PRO A 104 -14.44 -16.62 13.07
CA PRO A 104 -15.76 -17.24 12.93
C PRO A 104 -16.05 -17.69 11.50
N SER A 105 -15.66 -18.92 11.18
CA SER A 105 -15.85 -19.47 9.84
C SER A 105 -17.30 -19.26 9.39
N SER A 106 -17.46 -18.69 8.20
CA SER A 106 -18.78 -18.43 7.64
C SER A 106 -18.69 -18.04 6.17
N GLY A 107 -19.34 -18.83 5.32
CA GLY A 107 -19.31 -18.57 3.90
C GLY A 107 -17.91 -18.44 3.36
N GLY A 1 -17.83 25.59 8.31
CA GLY A 1 -18.53 24.34 8.11
C GLY A 1 -18.49 23.45 9.33
N SER A 2 -19.47 23.62 10.23
CA SER A 2 -19.53 22.83 11.45
C SER A 2 -19.41 21.34 11.14
N SER A 3 -20.20 20.88 10.18
CA SER A 3 -20.20 19.47 9.79
C SER A 3 -19.15 19.22 8.71
N GLY A 4 -19.01 17.94 8.32
CA GLY A 4 -18.03 17.59 7.31
C GLY A 4 -16.73 18.35 7.45
N SER A 5 -15.78 17.74 8.16
CA SER A 5 -14.48 18.37 8.38
C SER A 5 -13.36 17.53 7.79
N SER A 6 -12.98 17.85 6.55
CA SER A 6 -11.92 17.12 5.87
C SER A 6 -11.33 17.97 4.74
N GLY A 7 -10.12 17.60 4.32
CA GLY A 7 -9.45 18.34 3.25
C GLY A 7 -8.71 17.43 2.30
N MET A 8 -8.78 17.75 1.00
CA MET A 8 -8.11 16.95 -0.02
C MET A 8 -6.93 17.71 -0.61
N SER A 9 -5.77 17.06 -0.63
CA SER A 9 -4.56 17.68 -1.17
C SER A 9 -4.15 17.03 -2.48
N LEU A 10 -3.06 17.50 -3.07
CA LEU A 10 -2.56 16.96 -4.33
C LEU A 10 -1.22 16.26 -4.12
N SER A 11 -0.81 15.48 -5.12
CA SER A 11 0.46 14.76 -5.05
C SER A 11 0.96 14.43 -6.45
N ASP A 12 2.14 13.79 -6.51
CA ASP A 12 2.73 13.42 -7.78
C ASP A 12 2.92 11.91 -7.88
N TRP A 13 3.76 11.36 -7.02
CA TRP A 13 4.02 9.93 -7.00
C TRP A 13 2.75 9.14 -6.69
N HIS A 14 2.41 8.22 -7.58
CA HIS A 14 1.22 7.40 -7.40
C HIS A 14 1.54 5.92 -7.59
N LEU A 15 0.69 5.06 -7.06
CA LEU A 15 0.88 3.62 -7.16
C LEU A 15 -0.46 2.90 -7.33
N ALA A 16 -0.42 1.71 -7.93
CA ALA A 16 -1.61 0.92 -8.15
C ALA A 16 -1.73 -0.21 -7.13
N VAL A 17 -2.95 -0.59 -6.81
CA VAL A 17 -3.20 -1.66 -5.85
C VAL A 17 -4.35 -2.55 -6.30
N LYS A 18 -4.21 -3.86 -6.06
CA LYS A 18 -5.23 -4.82 -6.44
C LYS A 18 -5.46 -5.83 -5.33
N LEU A 19 -6.72 -5.96 -4.90
CA LEU A 19 -7.07 -6.90 -3.84
C LEU A 19 -6.92 -8.34 -4.31
N ALA A 20 -5.91 -9.02 -3.79
CA ALA A 20 -5.66 -10.42 -4.16
C ALA A 20 -6.91 -11.27 -3.95
N ASP A 21 -7.64 -10.98 -2.88
CA ASP A 21 -8.86 -11.73 -2.57
C ASP A 21 -9.96 -11.42 -3.58
N GLN A 22 -9.87 -10.25 -4.21
CA GLN A 22 -10.86 -9.83 -5.19
C GLN A 22 -10.18 -9.29 -6.45
N PRO A 23 -9.82 -10.21 -7.36
CA PRO A 23 -9.17 -9.84 -8.62
C PRO A 23 -10.10 -9.12 -9.58
N LEU A 24 -11.37 -9.01 -9.19
CA LEU A 24 -12.37 -8.33 -10.01
C LEU A 24 -12.63 -6.91 -9.49
N ALA A 25 -12.42 -6.72 -8.20
CA ALA A 25 -12.63 -5.41 -7.59
C ALA A 25 -11.93 -4.32 -8.38
N PRO A 26 -12.44 -3.08 -8.26
CA PRO A 26 -11.88 -1.92 -8.96
C PRO A 26 -10.53 -1.50 -8.40
N LYS A 27 -9.55 -1.36 -9.28
CA LYS A 27 -8.21 -0.97 -8.87
C LYS A 27 -8.26 0.19 -7.88
N SER A 28 -7.38 0.14 -6.87
CA SER A 28 -7.34 1.18 -5.85
C SER A 28 -6.03 1.97 -5.95
N ILE A 29 -6.14 3.22 -6.40
CA ILE A 29 -4.97 4.08 -6.53
C ILE A 29 -4.56 4.67 -5.19
N LEU A 30 -3.28 4.52 -4.85
CA LEU A 30 -2.77 5.04 -3.59
C LEU A 30 -1.85 6.23 -3.83
N GLN A 31 -1.80 7.14 -2.86
CA GLN A 31 -0.96 8.33 -2.96
C GLN A 31 -0.11 8.50 -1.71
N LEU A 32 1.16 8.16 -1.81
CA LEU A 32 2.07 8.28 -0.68
C LEU A 32 2.41 9.75 -0.40
N PRO A 33 2.73 10.05 0.86
CA PRO A 33 3.07 11.41 1.29
C PRO A 33 4.42 11.86 0.73
N GLU A 34 4.38 12.77 -0.25
CA GLU A 34 5.59 13.28 -0.86
C GLU A 34 6.54 13.84 0.20
N THR A 35 7.64 14.43 -0.26
CA THR A 35 8.63 15.01 0.65
C THR A 35 8.51 16.52 0.70
N GLU A 36 9.16 17.13 1.68
CA GLU A 36 9.12 18.58 1.85
C GLU A 36 10.33 19.24 1.21
N LEU A 37 11.41 18.47 1.09
CA LEU A 37 12.64 18.97 0.49
C LEU A 37 12.62 18.80 -1.03
N GLY A 38 11.44 18.54 -1.58
CA GLY A 38 11.31 18.37 -3.01
C GLY A 38 11.35 16.90 -3.42
N GLU A 39 10.26 16.43 -4.04
CA GLU A 39 10.17 15.05 -4.47
C GLU A 39 11.50 14.59 -5.09
N TYR A 40 12.03 13.49 -4.58
CA TYR A 40 13.29 12.94 -5.08
C TYR A 40 13.29 11.42 -5.02
N SER A 41 14.42 10.82 -5.37
CA SER A 41 14.55 9.37 -5.36
C SER A 41 14.25 8.80 -3.97
N LEU A 42 12.98 8.55 -3.71
CA LEU A 42 12.55 8.01 -2.42
C LEU A 42 13.59 7.05 -1.85
N GLY A 43 13.69 5.87 -2.45
CA GLY A 43 14.65 4.88 -2.00
C GLY A 43 14.88 4.94 -0.50
N GLY A 44 13.81 4.72 0.26
CA GLY A 44 13.91 4.75 1.72
C GLY A 44 12.67 4.20 2.39
N TYR A 45 11.53 4.38 1.76
CA TYR A 45 10.26 3.90 2.31
C TYR A 45 10.32 2.40 2.60
N SER A 46 9.82 2.02 3.76
CA SER A 46 9.81 0.61 4.16
C SER A 46 8.48 -0.04 3.83
N ILE A 47 8.54 -1.22 3.21
CA ILE A 47 7.34 -1.95 2.84
C ILE A 47 6.24 -1.76 3.88
N SER A 48 6.55 -2.03 5.13
CA SER A 48 5.59 -1.88 6.23
C SER A 48 4.73 -0.64 6.02
N PHE A 49 5.38 0.49 5.80
CA PHE A 49 4.68 1.76 5.59
C PHE A 49 3.49 1.57 4.66
N LEU A 50 3.78 1.20 3.42
CA LEU A 50 2.74 1.00 2.42
C LEU A 50 1.63 0.08 2.96
N LYS A 51 2.04 -1.06 3.50
CA LYS A 51 1.09 -2.02 4.06
C LYS A 51 0.10 -1.32 4.98
N GLN A 52 0.46 -0.13 5.45
CA GLN A 52 -0.39 0.64 6.35
C GLN A 52 -1.31 1.56 5.55
N LEU A 53 -0.71 2.35 4.66
CA LEU A 53 -1.48 3.29 3.83
C LEU A 53 -2.61 2.58 3.11
N ILE A 54 -2.29 1.41 2.53
CA ILE A 54 -3.29 0.63 1.81
C ILE A 54 -4.38 0.12 2.75
N ALA A 55 -3.97 -0.57 3.81
CA ALA A 55 -4.92 -1.10 4.78
C ALA A 55 -5.79 -0.01 5.37
N GLY A 56 -5.26 1.22 5.37
CA GLY A 56 -6.00 2.35 5.90
C GLY A 56 -7.00 2.92 4.90
N LYS A 57 -6.79 2.59 3.63
CA LYS A 57 -7.67 3.08 2.57
C LYS A 57 -8.68 2.01 2.16
N LEU A 58 -8.26 0.75 2.26
CA LEU A 58 -9.13 -0.36 1.90
C LEU A 58 -9.74 -1.00 3.15
N GLN A 59 -9.89 -0.21 4.19
CA GLN A 59 -10.46 -0.70 5.45
C GLN A 59 -11.76 -1.44 5.19
N GLU A 60 -12.35 -1.22 4.03
CA GLU A 60 -13.61 -1.85 3.66
C GLU A 60 -13.42 -3.37 3.52
N SER A 61 -12.26 -3.77 3.04
CA SER A 61 -11.95 -5.18 2.86
C SER A 61 -10.86 -5.64 3.81
N VAL A 62 -9.83 -4.81 3.97
CA VAL A 62 -8.71 -5.12 4.86
C VAL A 62 -8.98 -4.61 6.27
N PRO A 63 -8.99 -5.54 7.24
CA PRO A 63 -9.23 -5.21 8.65
C PRO A 63 -8.07 -4.44 9.26
N ASP A 64 -6.86 -4.96 9.10
CA ASP A 64 -5.67 -4.32 9.65
C ASP A 64 -4.45 -4.61 8.77
N PRO A 65 -3.49 -3.67 8.77
CA PRO A 65 -2.25 -3.81 7.98
C PRO A 65 -1.34 -4.88 8.53
N GLU A 66 -1.51 -5.21 9.81
CA GLU A 66 -0.68 -6.22 10.46
C GLU A 66 -1.21 -7.63 10.14
N LEU A 67 -2.52 -7.75 10.03
CA LEU A 67 -3.14 -9.03 9.73
C LEU A 67 -3.11 -9.32 8.23
N ILE A 68 -2.36 -8.50 7.50
CA ILE A 68 -2.25 -8.66 6.05
C ILE A 68 -0.82 -8.42 5.58
N ASP A 69 -0.51 -8.91 4.39
CA ASP A 69 0.82 -8.74 3.82
C ASP A 69 0.74 -8.11 2.43
N LEU A 70 1.91 -7.84 1.85
CA LEU A 70 1.98 -7.22 0.53
C LEU A 70 2.66 -8.15 -0.46
N ILE A 71 2.11 -8.22 -1.68
CA ILE A 71 2.67 -9.07 -2.72
C ILE A 71 2.99 -8.26 -3.98
N TYR A 72 4.23 -8.38 -4.43
CA TYR A 72 4.68 -7.66 -5.63
C TYR A 72 5.59 -8.53 -6.48
N CYS A 73 5.51 -8.35 -7.79
CA CYS A 73 6.34 -9.12 -8.72
C CYS A 73 6.21 -10.61 -8.46
N GLY A 74 5.04 -11.02 -7.95
CA GLY A 74 4.81 -12.43 -7.66
C GLY A 74 5.60 -12.90 -6.45
N ARG A 75 5.91 -11.98 -5.54
CA ARG A 75 6.66 -12.31 -4.34
C ARG A 75 6.27 -11.40 -3.18
N LYS A 76 6.19 -11.98 -1.99
CA LYS A 76 5.82 -11.22 -0.80
C LYS A 76 6.93 -10.24 -0.42
N LEU A 77 6.54 -9.04 -0.01
CA LEU A 77 7.50 -8.02 0.39
C LEU A 77 7.60 -7.93 1.91
N LYS A 78 8.84 -7.98 2.42
CA LYS A 78 9.07 -7.90 3.86
C LYS A 78 9.28 -6.45 4.29
N ASP A 79 9.12 -6.20 5.59
CA ASP A 79 9.29 -4.87 6.13
C ASP A 79 10.77 -4.49 6.18
N ASP A 80 11.63 -5.41 5.78
CA ASP A 80 13.07 -5.18 5.78
C ASP A 80 13.54 -4.72 4.40
N GLN A 81 12.60 -4.55 3.48
CA GLN A 81 12.92 -4.11 2.13
C GLN A 81 12.40 -2.70 1.87
N THR A 82 13.01 -2.03 0.89
CA THR A 82 12.61 -0.67 0.56
C THR A 82 12.25 -0.55 -0.92
N LEU A 83 11.36 0.38 -1.24
CA LEU A 83 10.92 0.58 -2.61
C LEU A 83 12.08 0.36 -3.59
N ASP A 84 13.24 0.90 -3.25
CA ASP A 84 14.43 0.76 -4.10
C ASP A 84 14.92 -0.69 -4.09
N PHE A 85 15.03 -1.27 -2.90
CA PHE A 85 15.49 -2.64 -2.77
C PHE A 85 14.88 -3.53 -3.84
N TYR A 86 13.57 -3.46 -3.99
CA TYR A 86 12.86 -4.26 -4.98
C TYR A 86 12.86 -3.56 -6.34
N GLY A 87 12.97 -2.24 -6.33
CA GLY A 87 12.97 -1.48 -7.56
C GLY A 87 11.59 -1.13 -8.04
N ILE A 88 10.67 -0.95 -7.10
CA ILE A 88 9.29 -0.61 -7.43
C ILE A 88 9.20 0.76 -8.09
N GLN A 89 8.52 0.82 -9.23
CA GLN A 89 8.36 2.07 -9.96
C GLN A 89 6.98 2.68 -9.72
N PRO A 90 6.87 4.00 -9.88
CA PRO A 90 5.62 4.73 -9.68
C PRO A 90 4.59 4.41 -10.77
N GLY A 91 3.70 3.48 -10.49
CA GLY A 91 2.68 3.11 -11.45
C GLY A 91 2.41 1.61 -11.46
N SER A 92 3.41 0.83 -11.08
CA SER A 92 3.27 -0.62 -11.04
C SER A 92 1.99 -1.03 -10.31
N THR A 93 1.75 -2.33 -10.25
CA THR A 93 0.57 -2.86 -9.57
C THR A 93 0.94 -3.96 -8.58
N VAL A 94 0.55 -3.76 -7.32
CA VAL A 94 0.84 -4.74 -6.28
C VAL A 94 -0.43 -5.39 -5.76
N HIS A 95 -0.33 -6.63 -5.30
CA HIS A 95 -1.47 -7.37 -4.77
C HIS A 95 -1.35 -7.55 -3.26
N VAL A 96 -2.47 -7.41 -2.56
CA VAL A 96 -2.49 -7.56 -1.11
C VAL A 96 -3.05 -8.91 -0.71
N LEU A 97 -2.33 -9.61 0.16
CA LEU A 97 -2.77 -10.93 0.63
C LEU A 97 -2.92 -10.94 2.15
N ARG A 98 -4.14 -11.19 2.61
CA ARG A 98 -4.42 -11.23 4.04
C ARG A 98 -3.96 -12.56 4.64
N LYS A 99 -3.45 -12.51 5.87
CA LYS A 99 -2.98 -13.70 6.56
C LYS A 99 -4.14 -14.65 6.86
N SER A 100 -3.89 -15.95 6.73
CA SER A 100 -4.91 -16.96 6.98
C SER A 100 -5.02 -17.26 8.47
N TRP A 101 -3.87 -17.60 9.07
CA TRP A 101 -3.83 -17.92 10.50
C TRP A 101 -3.88 -16.66 11.34
N SER A 102 -4.36 -16.78 12.57
CA SER A 102 -4.46 -15.65 13.48
C SER A 102 -3.15 -14.86 13.51
N GLY A 103 -3.20 -13.68 14.10
CA GLY A 103 -2.01 -12.84 14.19
C GLY A 103 -1.54 -12.65 15.62
N PRO A 104 -0.21 -12.69 15.82
CA PRO A 104 0.39 -12.53 17.14
C PRO A 104 0.26 -11.09 17.67
N SER A 105 0.19 -10.14 16.74
CA SER A 105 0.07 -8.73 17.11
C SER A 105 -0.90 -8.56 18.27
N SER A 106 -0.35 -8.32 19.46
CA SER A 106 -1.17 -8.13 20.66
C SER A 106 -0.96 -6.74 21.25
N GLY A 107 -1.74 -5.79 20.76
CA GLY A 107 -1.64 -4.42 21.25
C GLY A 107 -2.70 -3.51 20.67
N GLY A 1 -14.27 25.05 12.66
CA GLY A 1 -14.63 25.87 11.52
C GLY A 1 -13.68 27.02 11.29
N SER A 2 -12.47 26.70 10.83
CA SER A 2 -11.45 27.72 10.59
C SER A 2 -10.98 27.66 9.14
N SER A 3 -10.90 28.82 8.50
CA SER A 3 -10.46 28.90 7.11
C SER A 3 -9.07 28.27 6.95
N GLY A 4 -8.85 27.66 5.79
CA GLY A 4 -7.57 27.03 5.53
C GLY A 4 -7.69 25.85 4.59
N SER A 5 -7.48 24.65 5.13
CA SER A 5 -7.55 23.42 4.33
C SER A 5 -7.01 23.66 2.92
N SER A 6 -5.90 24.39 2.85
CA SER A 6 -5.27 24.69 1.57
C SER A 6 -4.39 23.54 1.11
N GLY A 7 -4.12 23.49 -0.19
CA GLY A 7 -3.29 22.42 -0.74
C GLY A 7 -4.03 21.54 -1.72
N MET A 8 -4.44 22.12 -2.84
CA MET A 8 -5.17 21.39 -3.87
C MET A 8 -4.20 20.77 -4.87
N SER A 9 -3.09 20.22 -4.37
CA SER A 9 -2.09 19.61 -5.23
C SER A 9 -1.81 18.18 -4.78
N LEU A 10 -2.18 17.22 -5.61
CA LEU A 10 -1.96 15.80 -5.30
C LEU A 10 -0.47 15.47 -5.29
N SER A 11 -0.14 14.27 -4.83
CA SER A 11 1.24 13.84 -4.77
C SER A 11 1.78 13.51 -6.17
N ASP A 12 3.10 13.51 -6.31
CA ASP A 12 3.74 13.22 -7.59
C ASP A 12 3.84 11.71 -7.80
N TRP A 13 4.41 11.01 -6.82
CA TRP A 13 4.57 9.57 -6.91
C TRP A 13 3.29 8.85 -6.52
N HIS A 14 2.79 7.99 -7.41
CA HIS A 14 1.57 7.25 -7.15
C HIS A 14 1.76 5.76 -7.45
N LEU A 15 0.82 4.95 -7.01
CA LEU A 15 0.89 3.50 -7.23
C LEU A 15 -0.51 2.89 -7.28
N ALA A 16 -0.60 1.70 -7.86
CA ALA A 16 -1.88 1.01 -7.98
C ALA A 16 -2.03 -0.05 -6.89
N VAL A 17 -3.27 -0.37 -6.54
CA VAL A 17 -3.55 -1.37 -5.51
C VAL A 17 -4.59 -2.37 -5.99
N LYS A 18 -4.28 -3.65 -5.80
CA LYS A 18 -5.20 -4.72 -6.21
C LYS A 18 -5.39 -5.73 -5.08
N LEU A 19 -6.59 -6.31 -5.02
CA LEU A 19 -6.91 -7.29 -3.99
C LEU A 19 -6.73 -8.71 -4.51
N ALA A 20 -5.92 -9.49 -3.82
CA ALA A 20 -5.67 -10.87 -4.21
C ALA A 20 -6.87 -11.75 -3.91
N ASP A 21 -7.61 -11.40 -2.86
CA ASP A 21 -8.79 -12.16 -2.46
C ASP A 21 -9.94 -11.92 -3.43
N GLN A 22 -9.99 -10.72 -4.00
CA GLN A 22 -11.05 -10.36 -4.93
C GLN A 22 -10.45 -9.82 -6.24
N PRO A 23 -10.21 -10.73 -7.20
CA PRO A 23 -9.64 -10.37 -8.50
C PRO A 23 -10.62 -9.58 -9.36
N LEU A 24 -11.85 -9.46 -8.88
CA LEU A 24 -12.89 -8.72 -9.61
C LEU A 24 -13.05 -7.31 -9.05
N ALA A 25 -12.80 -7.15 -7.76
CA ALA A 25 -12.92 -5.85 -7.11
C ALA A 25 -12.23 -4.77 -7.92
N PRO A 26 -12.75 -3.54 -7.83
CA PRO A 26 -12.18 -2.39 -8.55
C PRO A 26 -10.82 -1.98 -8.01
N LYS A 27 -9.91 -1.62 -8.92
CA LYS A 27 -8.57 -1.20 -8.53
C LYS A 27 -8.61 0.13 -7.77
N SER A 28 -7.64 0.33 -6.89
CA SER A 28 -7.58 1.56 -6.10
C SER A 28 -6.19 2.18 -6.18
N ILE A 29 -6.13 3.51 -6.27
CA ILE A 29 -4.87 4.21 -6.35
C ILE A 29 -4.49 4.81 -4.99
N LEU A 30 -3.23 4.61 -4.60
CA LEU A 30 -2.73 5.13 -3.33
C LEU A 30 -1.71 6.24 -3.56
N GLN A 31 -1.96 7.39 -2.96
CA GLN A 31 -1.07 8.54 -3.09
C GLN A 31 -0.25 8.74 -1.82
N LEU A 32 1.02 8.35 -1.86
CA LEU A 32 1.90 8.49 -0.71
C LEU A 32 2.31 9.95 -0.52
N PRO A 33 2.60 10.31 0.75
CA PRO A 33 3.01 11.67 1.10
C PRO A 33 4.40 12.02 0.57
N GLU A 34 4.46 13.05 -0.27
CA GLU A 34 5.73 13.47 -0.85
C GLU A 34 6.81 13.63 0.24
N THR A 35 8.07 13.49 -0.16
CA THR A 35 9.17 13.62 0.78
C THR A 35 10.00 14.86 0.49
N GLU A 36 10.67 15.37 1.52
CA GLU A 36 11.49 16.56 1.38
C GLU A 36 12.69 16.30 0.46
N LEU A 37 13.00 15.02 0.28
CA LEU A 37 14.12 14.62 -0.57
C LEU A 37 13.85 14.99 -2.03
N GLY A 38 12.67 14.61 -2.52
CA GLY A 38 12.31 14.90 -3.89
C GLY A 38 11.35 13.88 -4.47
N GLU A 39 11.13 13.96 -5.78
CA GLU A 39 10.23 13.02 -6.45
C GLU A 39 11.00 11.85 -7.05
N TYR A 40 12.25 12.10 -7.43
CA TYR A 40 13.10 11.07 -8.01
C TYR A 40 12.94 9.75 -7.26
N SER A 41 13.43 8.67 -7.86
CA SER A 41 13.36 7.35 -7.25
C SER A 41 13.48 7.44 -5.74
N LEU A 42 12.34 7.49 -5.05
CA LEU A 42 12.32 7.57 -3.60
C LEU A 42 13.49 6.80 -2.98
N GLY A 43 13.57 5.51 -3.31
CA GLY A 43 14.64 4.69 -2.79
C GLY A 43 14.92 4.95 -1.33
N GLY A 44 14.07 4.44 -0.45
CA GLY A 44 14.25 4.64 0.97
C GLY A 44 13.03 4.24 1.78
N TYR A 45 11.84 4.58 1.26
CA TYR A 45 10.60 4.25 1.93
C TYR A 45 10.57 2.79 2.37
N SER A 46 10.07 2.55 3.57
CA SER A 46 9.99 1.20 4.11
C SER A 46 8.65 0.54 3.76
N ILE A 47 8.72 -0.65 3.17
CA ILE A 47 7.52 -1.37 2.79
C ILE A 47 6.44 -1.28 3.87
N SER A 48 6.86 -1.42 5.12
CA SER A 48 5.94 -1.36 6.25
C SER A 48 4.95 -0.22 6.07
N PHE A 49 5.47 0.98 5.82
CA PHE A 49 4.63 2.16 5.63
C PHE A 49 3.49 1.87 4.68
N LEU A 50 3.83 1.56 3.43
CA LEU A 50 2.83 1.25 2.42
C LEU A 50 1.78 0.27 2.95
N LYS A 51 2.26 -0.87 3.45
CA LYS A 51 1.38 -1.89 4.00
C LYS A 51 0.31 -1.27 4.89
N GLN A 52 0.60 -0.08 5.42
CA GLN A 52 -0.34 0.62 6.29
C GLN A 52 -1.27 1.52 5.47
N LEU A 53 -0.68 2.27 4.53
CA LEU A 53 -1.47 3.16 3.69
C LEU A 53 -2.53 2.40 2.92
N ILE A 54 -2.14 1.31 2.28
CA ILE A 54 -3.07 0.48 1.52
C ILE A 54 -4.19 -0.06 2.42
N ALA A 55 -3.79 -0.73 3.49
CA ALA A 55 -4.75 -1.30 4.43
C ALA A 55 -5.66 -0.23 5.01
N GLY A 56 -5.17 1.01 5.02
CA GLY A 56 -5.96 2.12 5.54
C GLY A 56 -6.96 2.65 4.55
N LYS A 57 -6.75 2.32 3.27
CA LYS A 57 -7.65 2.78 2.21
C LYS A 57 -8.65 1.68 1.85
N LEU A 58 -8.22 0.43 1.96
CA LEU A 58 -9.07 -0.70 1.65
C LEU A 58 -9.72 -1.27 2.90
N GLN A 59 -9.82 -0.43 3.94
CA GLN A 59 -10.43 -0.85 5.20
C GLN A 59 -11.73 -1.59 4.95
N GLU A 60 -12.32 -1.38 3.79
CA GLU A 60 -13.58 -2.04 3.44
C GLU A 60 -13.45 -3.55 3.55
N SER A 61 -12.31 -4.08 3.11
CA SER A 61 -12.07 -5.51 3.16
C SER A 61 -10.96 -5.84 4.15
N VAL A 62 -9.92 -5.01 4.17
CA VAL A 62 -8.80 -5.22 5.07
C VAL A 62 -9.11 -4.69 6.47
N PRO A 63 -9.22 -5.60 7.43
CA PRO A 63 -9.52 -5.26 8.83
C PRO A 63 -8.35 -4.53 9.51
N ASP A 64 -7.17 -5.13 9.40
CA ASP A 64 -5.97 -4.55 10.00
C ASP A 64 -4.78 -4.65 9.06
N PRO A 65 -3.92 -3.62 9.07
CA PRO A 65 -2.73 -3.57 8.22
C PRO A 65 -1.67 -4.59 8.64
N GLU A 66 -1.86 -5.17 9.82
CA GLU A 66 -0.91 -6.15 10.35
C GLU A 66 -1.37 -7.57 10.01
N LEU A 67 -2.68 -7.75 9.93
CA LEU A 67 -3.25 -9.06 9.62
C LEU A 67 -3.29 -9.30 8.11
N ILE A 68 -2.47 -8.55 7.38
CA ILE A 68 -2.42 -8.68 5.92
C ILE A 68 -0.98 -8.58 5.43
N ASP A 69 -0.76 -9.02 4.19
CA ASP A 69 0.57 -8.97 3.59
C ASP A 69 0.52 -8.31 2.22
N LEU A 70 1.65 -7.77 1.78
CA LEU A 70 1.74 -7.11 0.49
C LEU A 70 2.53 -7.95 -0.51
N ILE A 71 2.01 -8.07 -1.73
CA ILE A 71 2.68 -8.85 -2.76
C ILE A 71 3.04 -7.98 -3.96
N TYR A 72 4.26 -8.13 -4.44
CA TYR A 72 4.73 -7.36 -5.59
C TYR A 72 5.54 -8.23 -6.54
N CYS A 73 5.27 -8.08 -7.83
CA CYS A 73 5.99 -8.86 -8.85
C CYS A 73 5.85 -10.35 -8.58
N GLY A 74 4.76 -10.73 -7.93
CA GLY A 74 4.54 -12.14 -7.63
C GLY A 74 5.37 -12.62 -6.46
N ARG A 75 5.83 -11.68 -5.64
CA ARG A 75 6.66 -12.02 -4.49
C ARG A 75 6.37 -11.07 -3.32
N LYS A 76 6.06 -11.64 -2.17
CA LYS A 76 5.77 -10.85 -0.98
C LYS A 76 6.93 -9.91 -0.65
N LEU A 77 6.62 -8.81 0.02
CA LEU A 77 7.64 -7.83 0.40
C LEU A 77 7.71 -7.69 1.91
N LYS A 78 8.91 -7.81 2.44
CA LYS A 78 9.13 -7.68 3.89
C LYS A 78 9.17 -6.22 4.31
N ASP A 79 8.88 -5.96 5.58
CA ASP A 79 8.89 -4.60 6.10
C ASP A 79 10.32 -4.12 6.35
N ASP A 80 11.28 -4.99 6.06
CA ASP A 80 12.69 -4.65 6.25
C ASP A 80 13.32 -4.19 4.94
N GLN A 81 12.57 -4.32 3.85
CA GLN A 81 13.05 -3.91 2.54
C GLN A 81 12.59 -2.50 2.21
N THR A 82 13.03 -1.99 1.05
CA THR A 82 12.66 -0.65 0.63
C THR A 82 12.29 -0.63 -0.85
N LEU A 83 11.59 0.42 -1.27
CA LEU A 83 11.18 0.56 -2.66
C LEU A 83 12.34 0.27 -3.61
N ASP A 84 13.51 0.80 -3.27
CA ASP A 84 14.71 0.60 -4.09
C ASP A 84 15.15 -0.86 -4.05
N PHE A 85 15.29 -1.40 -2.85
CA PHE A 85 15.71 -2.79 -2.68
C PHE A 85 15.15 -3.67 -3.79
N TYR A 86 13.85 -3.55 -4.04
CA TYR A 86 13.19 -4.34 -5.07
C TYR A 86 13.14 -3.56 -6.39
N GLY A 87 13.17 -2.23 -6.30
CA GLY A 87 13.13 -1.40 -7.48
C GLY A 87 11.71 -1.11 -7.94
N ILE A 88 10.76 -1.14 -7.00
CA ILE A 88 9.37 -0.87 -7.31
C ILE A 88 9.21 0.41 -8.13
N GLN A 89 8.33 0.38 -9.12
CA GLN A 89 8.09 1.54 -9.96
C GLN A 89 6.79 2.23 -9.58
N PRO A 90 6.74 3.55 -9.80
CA PRO A 90 5.55 4.35 -9.48
C PRO A 90 4.38 4.06 -10.41
N GLY A 91 4.57 3.10 -11.31
CA GLY A 91 3.53 2.73 -12.25
C GLY A 91 3.25 1.24 -12.24
N SER A 92 3.58 0.58 -11.14
CA SER A 92 3.36 -0.86 -11.01
C SER A 92 2.07 -1.15 -10.24
N THR A 93 1.77 -2.43 -10.06
CA THR A 93 0.58 -2.84 -9.34
C THR A 93 0.89 -3.95 -8.35
N VAL A 94 0.49 -3.74 -7.09
CA VAL A 94 0.71 -4.73 -6.05
C VAL A 94 -0.55 -5.50 -5.73
N HIS A 95 -0.43 -6.51 -4.86
CA HIS A 95 -1.58 -7.33 -4.47
C HIS A 95 -1.51 -7.68 -2.99
N VAL A 96 -2.62 -7.49 -2.28
CA VAL A 96 -2.68 -7.79 -0.86
C VAL A 96 -3.22 -9.20 -0.62
N LEU A 97 -2.64 -9.88 0.36
CA LEU A 97 -3.05 -11.24 0.69
C LEU A 97 -3.39 -11.36 2.17
N ARG A 98 -4.59 -11.83 2.46
CA ARG A 98 -5.03 -11.99 3.85
C ARG A 98 -4.26 -13.11 4.53
N LYS A 99 -3.73 -12.81 5.72
CA LYS A 99 -2.96 -13.79 6.49
C LYS A 99 -3.87 -14.90 7.01
N SER A 100 -4.84 -14.52 7.83
CA SER A 100 -5.78 -15.49 8.40
C SER A 100 -7.16 -14.85 8.62
N TRP A 101 -8.09 -15.65 9.12
CA TRP A 101 -9.45 -15.17 9.37
C TRP A 101 -9.45 -14.10 10.46
N SER A 102 -10.39 -13.18 10.37
CA SER A 102 -10.51 -12.10 11.35
C SER A 102 -10.74 -12.67 12.74
N GLY A 103 -11.95 -13.17 12.99
CA GLY A 103 -12.28 -13.73 14.28
C GLY A 103 -13.31 -12.89 15.03
N PRO A 104 -14.59 -13.12 14.73
CA PRO A 104 -15.70 -12.40 15.36
C PRO A 104 -15.87 -12.78 16.83
N SER A 105 -15.33 -11.95 17.72
CA SER A 105 -15.42 -12.21 19.15
C SER A 105 -16.86 -12.01 19.64
N SER A 106 -17.40 -10.82 19.41
CA SER A 106 -18.75 -10.51 19.84
C SER A 106 -19.78 -11.05 18.85
N GLY A 107 -20.92 -11.49 19.36
CA GLY A 107 -21.96 -12.03 18.51
C GLY A 107 -22.07 -13.53 18.61
N GLY A 1 -21.09 25.43 0.24
CA GLY A 1 -19.72 25.07 0.49
C GLY A 1 -18.73 26.05 -0.10
N SER A 2 -17.46 25.65 -0.19
CA SER A 2 -16.42 26.50 -0.75
C SER A 2 -15.33 25.67 -1.40
N SER A 3 -14.86 26.12 -2.55
CA SER A 3 -13.81 25.41 -3.28
C SER A 3 -12.60 25.17 -2.39
N GLY A 4 -12.06 23.95 -2.45
CA GLY A 4 -10.91 23.61 -1.64
C GLY A 4 -9.65 23.43 -2.47
N SER A 5 -9.20 22.19 -2.60
CA SER A 5 -8.00 21.90 -3.37
C SER A 5 -8.12 22.41 -4.79
N SER A 6 -7.51 23.55 -5.08
CA SER A 6 -7.55 24.15 -6.40
C SER A 6 -6.25 23.88 -7.17
N GLY A 7 -6.39 23.30 -8.35
CA GLY A 7 -5.22 23.01 -9.17
C GLY A 7 -5.06 21.52 -9.44
N MET A 8 -4.33 20.83 -8.58
CA MET A 8 -4.10 19.40 -8.74
C MET A 8 -3.74 18.76 -7.40
N SER A 9 -3.77 17.42 -7.37
CA SER A 9 -3.45 16.69 -6.15
C SER A 9 -2.18 17.22 -5.51
N LEU A 10 -1.93 16.82 -4.27
CA LEU A 10 -0.74 17.26 -3.54
C LEU A 10 0.44 16.33 -3.81
N SER A 11 0.31 15.08 -3.36
CA SER A 11 1.36 14.09 -3.55
C SER A 11 1.51 13.73 -5.02
N ASP A 12 2.76 13.63 -5.47
CA ASP A 12 3.04 13.28 -6.87
C ASP A 12 3.14 11.78 -7.05
N TRP A 13 3.93 11.14 -6.20
CA TRP A 13 4.12 9.69 -6.27
C TRP A 13 2.79 8.97 -6.15
N HIS A 14 2.52 8.06 -7.07
CA HIS A 14 1.28 7.30 -7.08
C HIS A 14 1.55 5.81 -7.24
N LEU A 15 0.60 4.98 -6.84
CA LEU A 15 0.73 3.53 -6.96
C LEU A 15 -0.63 2.88 -7.16
N ALA A 16 -0.62 1.68 -7.75
CA ALA A 16 -1.85 0.94 -8.01
C ALA A 16 -2.10 -0.09 -6.90
N VAL A 17 -3.37 -0.45 -6.73
CA VAL A 17 -3.74 -1.44 -5.72
C VAL A 17 -4.78 -2.41 -6.25
N LYS A 18 -4.57 -3.70 -5.99
CA LYS A 18 -5.49 -4.73 -6.44
C LYS A 18 -5.66 -5.81 -5.37
N LEU A 19 -6.91 -6.06 -4.99
CA LEU A 19 -7.22 -7.06 -3.99
C LEU A 19 -6.97 -8.47 -4.51
N ALA A 20 -6.18 -9.24 -3.78
CA ALA A 20 -5.85 -10.60 -4.17
C ALA A 20 -7.04 -11.53 -3.95
N ASP A 21 -7.86 -11.20 -2.95
CA ASP A 21 -9.03 -12.01 -2.63
C ASP A 21 -10.16 -11.77 -3.64
N GLN A 22 -10.21 -10.55 -4.17
CA GLN A 22 -11.24 -10.19 -5.15
C GLN A 22 -10.60 -9.69 -6.43
N PRO A 23 -10.29 -10.61 -7.35
CA PRO A 23 -9.69 -10.29 -8.65
C PRO A 23 -10.65 -9.55 -9.57
N LEU A 24 -11.90 -9.41 -9.13
CA LEU A 24 -12.91 -8.72 -9.92
C LEU A 24 -13.11 -7.29 -9.42
N ALA A 25 -12.86 -7.08 -8.14
CA ALA A 25 -13.00 -5.76 -7.54
C ALA A 25 -12.22 -4.71 -8.32
N PRO A 26 -12.67 -3.44 -8.23
CA PRO A 26 -12.02 -2.33 -8.93
C PRO A 26 -10.66 -2.00 -8.33
N LYS A 27 -9.88 -1.20 -9.05
CA LYS A 27 -8.55 -0.79 -8.60
C LYS A 27 -8.62 0.47 -7.75
N SER A 28 -7.63 0.66 -6.88
CA SER A 28 -7.59 1.82 -6.02
C SER A 28 -6.25 2.54 -6.13
N ILE A 29 -6.27 3.77 -6.64
CA ILE A 29 -5.06 4.56 -6.80
C ILE A 29 -4.63 5.18 -5.47
N LEU A 30 -3.47 4.74 -4.98
CA LEU A 30 -2.94 5.25 -3.72
C LEU A 30 -1.80 6.23 -3.97
N GLN A 31 -1.71 7.24 -3.11
CA GLN A 31 -0.66 8.26 -3.24
C GLN A 31 0.05 8.48 -1.90
N LEU A 32 1.20 7.84 -1.75
CA LEU A 32 1.98 7.96 -0.52
C LEU A 32 2.46 9.40 -0.32
N PRO A 33 2.62 9.80 0.94
CA PRO A 33 3.08 11.14 1.30
C PRO A 33 4.54 11.37 0.94
N GLU A 34 4.90 12.63 0.70
CA GLU A 34 6.27 12.98 0.33
C GLU A 34 7.19 12.89 1.55
N THR A 35 8.49 12.80 1.29
CA THR A 35 9.48 12.71 2.37
C THR A 35 10.33 13.97 2.43
N GLU A 36 11.10 14.10 3.51
CA GLU A 36 11.98 15.25 3.69
C GLU A 36 13.09 15.26 2.64
N LEU A 37 13.54 14.08 2.26
CA LEU A 37 14.60 13.94 1.26
C LEU A 37 14.11 14.35 -0.12
N GLY A 38 14.29 15.62 -0.46
CA GLY A 38 13.87 16.12 -1.76
C GLY A 38 12.57 15.47 -2.22
N GLU A 39 12.39 15.41 -3.54
CA GLU A 39 11.20 14.80 -4.12
C GLU A 39 11.56 13.70 -5.11
N TYR A 40 12.80 13.74 -5.60
CA TYR A 40 13.28 12.76 -6.55
C TYR A 40 12.94 11.34 -6.10
N SER A 41 13.25 10.37 -6.93
CA SER A 41 12.97 8.97 -6.62
C SER A 41 13.17 8.70 -5.13
N LEU A 42 12.09 8.40 -4.43
CA LEU A 42 12.14 8.12 -3.00
C LEU A 42 13.34 7.24 -2.67
N GLY A 43 13.34 6.02 -3.21
CA GLY A 43 14.44 5.10 -2.96
C GLY A 43 14.89 5.11 -1.51
N GLY A 44 14.03 4.60 -0.63
CA GLY A 44 14.36 4.56 0.78
C GLY A 44 13.19 4.13 1.65
N TYR A 45 11.98 4.38 1.15
CA TYR A 45 10.77 4.02 1.89
C TYR A 45 10.79 2.54 2.27
N SER A 46 10.14 2.22 3.39
CA SER A 46 10.08 0.85 3.87
C SER A 46 8.72 0.23 3.60
N ILE A 47 8.72 -1.04 3.18
CA ILE A 47 7.48 -1.74 2.88
C ILE A 47 6.44 -1.53 3.97
N SER A 48 6.87 -1.70 5.23
CA SER A 48 5.98 -1.52 6.36
C SER A 48 5.04 -0.33 6.15
N PHE A 49 5.62 0.79 5.73
CA PHE A 49 4.84 2.00 5.49
C PHE A 49 3.63 1.71 4.60
N LEU A 50 3.90 1.29 3.37
CA LEU A 50 2.83 0.97 2.42
C LEU A 50 1.76 0.11 3.08
N LYS A 51 2.17 -1.03 3.62
CA LYS A 51 1.25 -1.94 4.29
C LYS A 51 0.23 -1.17 5.13
N GLN A 52 0.62 0.03 5.54
CA GLN A 52 -0.26 0.88 6.36
C GLN A 52 -1.20 1.69 5.46
N LEU A 53 -0.64 2.30 4.43
CA LEU A 53 -1.43 3.13 3.52
C LEU A 53 -2.54 2.30 2.86
N ILE A 54 -2.13 1.28 2.10
CA ILE A 54 -3.08 0.41 1.43
C ILE A 54 -4.08 -0.19 2.42
N ALA A 55 -3.56 -0.80 3.47
CA ALA A 55 -4.41 -1.42 4.49
C ALA A 55 -5.54 -0.49 4.89
N GLY A 56 -5.27 0.81 4.85
CA GLY A 56 -6.28 1.79 5.22
C GLY A 56 -7.22 2.10 4.08
N LYS A 57 -6.72 2.02 2.86
CA LYS A 57 -7.53 2.29 1.68
C LYS A 57 -8.49 1.14 1.40
N LEU A 58 -8.09 -0.07 1.76
CA LEU A 58 -8.91 -1.25 1.55
C LEU A 58 -9.62 -1.65 2.85
N GLN A 59 -9.82 -0.68 3.73
CA GLN A 59 -10.49 -0.93 5.00
C GLN A 59 -11.77 -1.72 4.79
N GLU A 60 -12.29 -1.69 3.56
CA GLU A 60 -13.52 -2.41 3.23
C GLU A 60 -13.35 -3.91 3.41
N SER A 61 -12.17 -4.41 3.05
CA SER A 61 -11.88 -5.83 3.16
C SER A 61 -10.76 -6.08 4.16
N VAL A 62 -9.70 -5.27 4.07
CA VAL A 62 -8.56 -5.40 4.96
C VAL A 62 -8.88 -4.84 6.35
N PRO A 63 -8.89 -5.73 7.35
CA PRO A 63 -9.18 -5.35 8.74
C PRO A 63 -8.07 -4.52 9.36
N ASP A 64 -6.83 -5.00 9.25
CA ASP A 64 -5.69 -4.30 9.79
C ASP A 64 -4.45 -4.53 8.93
N PRO A 65 -3.52 -3.56 8.98
CA PRO A 65 -2.27 -3.63 8.21
C PRO A 65 -1.33 -4.71 8.71
N GLU A 66 -1.60 -5.22 9.91
CA GLU A 66 -0.77 -6.26 10.51
C GLU A 66 -1.34 -7.64 10.21
N LEU A 67 -2.63 -7.70 9.94
CA LEU A 67 -3.30 -8.96 9.62
C LEU A 67 -3.31 -9.21 8.12
N ILE A 68 -2.41 -8.55 7.40
CA ILE A 68 -2.32 -8.69 5.96
C ILE A 68 -0.87 -8.68 5.49
N ASP A 69 -0.67 -8.80 4.17
CA ASP A 69 0.66 -8.80 3.60
C ASP A 69 0.66 -8.16 2.21
N LEU A 70 1.80 -7.62 1.81
CA LEU A 70 1.93 -6.97 0.51
C LEU A 70 2.65 -7.89 -0.48
N ILE A 71 2.04 -8.06 -1.65
CA ILE A 71 2.63 -8.91 -2.69
C ILE A 71 3.00 -8.09 -3.92
N TYR A 72 4.25 -8.21 -4.34
CA TYR A 72 4.74 -7.48 -5.50
C TYR A 72 5.54 -8.40 -6.43
N CYS A 73 5.27 -8.30 -7.73
CA CYS A 73 5.95 -9.12 -8.73
C CYS A 73 5.77 -10.61 -8.41
N GLY A 74 4.67 -10.94 -7.74
CA GLY A 74 4.40 -12.32 -7.39
C GLY A 74 5.22 -12.78 -6.20
N ARG A 75 5.71 -11.84 -5.42
CA ARG A 75 6.53 -12.15 -4.25
C ARG A 75 6.21 -11.18 -3.10
N LYS A 76 6.00 -11.73 -1.91
CA LYS A 76 5.71 -10.92 -0.74
C LYS A 76 6.87 -9.99 -0.41
N LEU A 77 6.57 -8.87 0.24
CA LEU A 77 7.58 -7.90 0.62
C LEU A 77 7.73 -7.82 2.13
N LYS A 78 8.96 -7.91 2.61
CA LYS A 78 9.23 -7.84 4.04
C LYS A 78 9.28 -6.39 4.52
N ASP A 79 9.09 -6.19 5.82
CA ASP A 79 9.12 -4.85 6.39
C ASP A 79 10.55 -4.37 6.59
N ASP A 80 11.51 -5.23 6.25
CA ASP A 80 12.92 -4.90 6.40
C ASP A 80 13.53 -4.49 5.06
N GLN A 81 12.68 -4.42 4.04
CA GLN A 81 13.13 -4.03 2.70
C GLN A 81 12.66 -2.63 2.35
N THR A 82 13.05 -2.17 1.17
CA THR A 82 12.67 -0.84 0.71
C THR A 82 12.26 -0.86 -0.77
N LEU A 83 11.60 0.20 -1.21
CA LEU A 83 11.15 0.30 -2.60
C LEU A 83 12.31 0.08 -3.56
N ASP A 84 13.38 0.85 -3.38
CA ASP A 84 14.55 0.73 -4.23
C ASP A 84 15.16 -0.67 -4.14
N PHE A 85 15.13 -1.24 -2.93
CA PHE A 85 15.68 -2.58 -2.70
C PHE A 85 15.12 -3.58 -3.71
N TYR A 86 13.79 -3.57 -3.86
CA TYR A 86 13.13 -4.48 -4.79
C TYR A 86 13.13 -3.91 -6.20
N GLY A 87 13.15 -2.58 -6.30
CA GLY A 87 13.15 -1.93 -7.59
C GLY A 87 11.79 -1.41 -7.99
N ILE A 88 10.88 -1.34 -7.01
CA ILE A 88 9.53 -0.85 -7.26
C ILE A 88 9.54 0.57 -7.82
N GLN A 89 8.53 0.90 -8.60
CA GLN A 89 8.43 2.23 -9.19
C GLN A 89 6.99 2.75 -9.13
N PRO A 90 6.84 4.08 -9.21
CA PRO A 90 5.53 4.73 -9.16
C PRO A 90 4.70 4.46 -10.40
N GLY A 91 4.06 3.29 -10.45
CA GLY A 91 3.24 2.93 -11.59
C GLY A 91 2.83 1.47 -11.57
N SER A 92 3.63 0.64 -10.92
CA SER A 92 3.34 -0.78 -10.83
C SER A 92 2.09 -1.04 -10.01
N THR A 93 1.77 -2.31 -9.81
CA THR A 93 0.58 -2.69 -9.04
C THR A 93 0.90 -3.79 -8.04
N VAL A 94 0.46 -3.61 -6.80
CA VAL A 94 0.70 -4.61 -5.75
C VAL A 94 -0.61 -5.25 -5.29
N HIS A 95 -0.50 -6.48 -4.78
CA HIS A 95 -1.67 -7.21 -4.32
C HIS A 95 -1.56 -7.51 -2.83
N VAL A 96 -2.65 -7.30 -2.10
CA VAL A 96 -2.66 -7.55 -0.66
C VAL A 96 -3.15 -8.97 -0.36
N LEU A 97 -2.38 -9.69 0.44
CA LEU A 97 -2.72 -11.05 0.81
C LEU A 97 -3.00 -11.18 2.30
N ARG A 98 -4.16 -11.73 2.65
CA ARG A 98 -4.53 -11.90 4.05
C ARG A 98 -3.81 -13.09 4.66
N LYS A 99 -3.10 -12.85 5.76
CA LYS A 99 -2.38 -13.90 6.45
C LYS A 99 -3.29 -15.07 6.78
N SER A 100 -4.47 -14.78 7.31
CA SER A 100 -5.43 -15.81 7.67
C SER A 100 -5.72 -16.71 6.47
N TRP A 101 -5.53 -18.01 6.66
CA TRP A 101 -5.78 -18.98 5.61
C TRP A 101 -7.25 -19.39 5.57
N SER A 102 -7.83 -19.39 4.37
CA SER A 102 -9.23 -19.76 4.20
C SER A 102 -9.63 -20.85 5.19
N GLY A 103 -8.95 -22.00 5.10
CA GLY A 103 -9.24 -23.10 5.98
C GLY A 103 -10.39 -23.95 5.48
N PRO A 104 -10.11 -24.81 4.49
CA PRO A 104 -11.12 -25.70 3.91
C PRO A 104 -11.55 -26.80 4.86
N SER A 105 -12.71 -26.61 5.50
CA SER A 105 -13.23 -27.59 6.44
C SER A 105 -13.75 -28.82 5.71
N SER A 106 -12.85 -29.73 5.37
CA SER A 106 -13.22 -30.94 4.66
C SER A 106 -13.77 -31.98 5.63
N GLY A 107 -14.93 -32.54 5.29
CA GLY A 107 -15.56 -33.54 6.14
C GLY A 107 -16.65 -34.31 5.42
N GLY A 1 -12.97 10.79 5.94
CA GLY A 1 -12.41 11.24 4.68
C GLY A 1 -12.88 12.62 4.28
N SER A 2 -12.53 13.05 3.07
CA SER A 2 -12.93 14.37 2.58
C SER A 2 -13.13 14.33 1.07
N SER A 3 -13.61 15.46 0.53
CA SER A 3 -13.86 15.56 -0.91
C SER A 3 -12.56 15.85 -1.67
N GLY A 4 -12.62 15.76 -2.98
CA GLY A 4 -11.44 16.01 -3.81
C GLY A 4 -11.60 17.24 -4.67
N SER A 5 -10.74 18.23 -4.46
CA SER A 5 -10.79 19.47 -5.23
C SER A 5 -10.58 19.19 -6.71
N SER A 6 -11.32 19.91 -7.55
CA SER A 6 -11.22 19.74 -9.00
C SER A 6 -10.17 20.69 -9.58
N GLY A 7 -9.01 20.13 -9.93
CA GLY A 7 -7.94 20.94 -10.49
C GLY A 7 -6.73 21.00 -9.58
N MET A 8 -6.96 21.11 -8.28
CA MET A 8 -5.88 21.18 -7.30
C MET A 8 -5.41 19.79 -6.92
N SER A 9 -4.14 19.49 -7.23
CA SER A 9 -3.57 18.19 -6.91
C SER A 9 -3.01 18.17 -5.49
N LEU A 10 -2.69 16.97 -5.01
CA LEU A 10 -2.14 16.83 -3.66
C LEU A 10 -0.69 16.35 -3.72
N SER A 11 -0.48 15.15 -4.24
CA SER A 11 0.86 14.58 -4.35
C SER A 11 1.20 14.28 -5.81
N ASP A 12 2.45 13.89 -6.04
CA ASP A 12 2.91 13.58 -7.40
C ASP A 12 3.06 12.08 -7.58
N TRP A 13 3.72 11.42 -6.62
CA TRP A 13 3.92 9.99 -6.68
C TRP A 13 2.61 9.24 -6.49
N HIS A 14 2.29 8.34 -7.42
CA HIS A 14 1.06 7.56 -7.34
C HIS A 14 1.34 6.08 -7.58
N LEU A 15 0.63 5.22 -6.86
CA LEU A 15 0.79 3.78 -7.00
C LEU A 15 -0.55 3.08 -7.14
N ALA A 16 -0.54 1.89 -7.73
CA ALA A 16 -1.76 1.12 -7.92
C ALA A 16 -1.88 0.01 -6.88
N VAL A 17 -3.11 -0.40 -6.60
CA VAL A 17 -3.35 -1.46 -5.63
C VAL A 17 -4.45 -2.41 -6.11
N LYS A 18 -4.25 -3.70 -5.87
CA LYS A 18 -5.21 -4.71 -6.28
C LYS A 18 -5.42 -5.75 -5.17
N LEU A 19 -6.67 -6.17 -4.98
CA LEU A 19 -6.98 -7.16 -3.96
C LEU A 19 -6.86 -8.57 -4.51
N ALA A 20 -5.86 -9.30 -4.03
CA ALA A 20 -5.62 -10.66 -4.47
C ALA A 20 -6.83 -11.55 -4.18
N ASP A 21 -7.55 -11.23 -3.10
CA ASP A 21 -8.72 -11.99 -2.70
C ASP A 21 -9.83 -11.87 -3.74
N GLN A 22 -9.94 -10.68 -4.33
CA GLN A 22 -10.96 -10.43 -5.35
C GLN A 22 -10.34 -9.84 -6.60
N PRO A 23 -10.02 -10.71 -7.58
CA PRO A 23 -9.41 -10.29 -8.85
C PRO A 23 -10.39 -9.53 -9.72
N LEU A 24 -11.64 -9.42 -9.27
CA LEU A 24 -12.66 -8.71 -10.02
C LEU A 24 -12.90 -7.32 -9.43
N ALA A 25 -12.66 -7.19 -8.13
CA ALA A 25 -12.85 -5.91 -7.44
C ALA A 25 -12.16 -4.78 -8.19
N PRO A 26 -12.64 -3.55 -7.98
CA PRO A 26 -12.09 -2.35 -8.62
C PRO A 26 -10.70 -2.02 -8.11
N LYS A 27 -9.89 -1.38 -8.95
CA LYS A 27 -8.53 -0.99 -8.58
C LYS A 27 -8.55 0.26 -7.71
N SER A 28 -7.60 0.35 -6.79
CA SER A 28 -7.49 1.50 -5.90
C SER A 28 -6.10 2.12 -5.96
N ILE A 29 -6.03 3.37 -6.41
CA ILE A 29 -4.76 4.07 -6.51
C ILE A 29 -4.35 4.67 -5.17
N LEU A 30 -3.16 4.33 -4.71
CA LEU A 30 -2.65 4.84 -3.44
C LEU A 30 -1.59 5.90 -3.66
N GLN A 31 -1.83 7.10 -3.14
CA GLN A 31 -0.88 8.20 -3.28
C GLN A 31 -0.19 8.51 -1.96
N LEU A 32 1.02 8.00 -1.80
CA LEU A 32 1.79 8.22 -0.58
C LEU A 32 2.17 9.68 -0.43
N PRO A 33 2.31 10.14 0.82
CA PRO A 33 2.67 11.53 1.13
C PRO A 33 4.12 11.84 0.76
N GLU A 34 4.30 12.73 -0.20
CA GLU A 34 5.64 13.12 -0.65
C GLU A 34 6.55 13.40 0.54
N THR A 35 7.85 13.32 0.31
CA THR A 35 8.83 13.56 1.37
C THR A 35 9.68 14.78 1.06
N GLU A 36 10.02 15.55 2.09
CA GLU A 36 10.83 16.75 1.92
C GLU A 36 11.94 16.51 0.91
N LEU A 37 12.37 15.25 0.79
CA LEU A 37 13.43 14.90 -0.15
C LEU A 37 13.11 15.40 -1.55
N GLY A 38 11.95 15.02 -2.06
CA GLY A 38 11.54 15.44 -3.39
C GLY A 38 10.61 14.45 -4.06
N GLU A 39 10.24 14.73 -5.30
CA GLU A 39 9.35 13.85 -6.05
C GLU A 39 10.13 12.72 -6.73
N TYR A 40 11.33 13.05 -7.20
CA TYR A 40 12.18 12.06 -7.87
C TYR A 40 12.11 10.71 -7.17
N SER A 41 12.50 9.66 -7.87
CA SER A 41 12.47 8.31 -7.32
C SER A 41 12.78 8.32 -5.83
N LEU A 42 11.77 8.06 -5.02
CA LEU A 42 11.93 8.04 -3.57
C LEU A 42 13.14 7.20 -3.16
N GLY A 43 13.10 5.91 -3.49
CA GLY A 43 14.19 5.02 -3.15
C GLY A 43 14.64 5.17 -1.71
N GLY A 44 13.87 4.61 -0.79
CA GLY A 44 14.22 4.69 0.62
C GLY A 44 13.07 4.29 1.52
N TYR A 45 11.85 4.49 1.04
CA TYR A 45 10.65 4.14 1.81
C TYR A 45 10.71 2.69 2.27
N SER A 46 9.96 2.38 3.33
CA SER A 46 9.93 1.03 3.87
C SER A 46 8.57 0.38 3.61
N ILE A 47 8.59 -0.82 3.03
CA ILE A 47 7.37 -1.54 2.72
C ILE A 47 6.34 -1.36 3.84
N SER A 48 6.80 -1.42 5.09
CA SER A 48 5.92 -1.28 6.24
C SER A 48 4.96 -0.10 6.04
N PHE A 49 5.52 1.07 5.78
CA PHE A 49 4.72 2.27 5.57
C PHE A 49 3.54 1.99 4.66
N LEU A 50 3.84 1.62 3.41
CA LEU A 50 2.80 1.32 2.43
C LEU A 50 1.73 0.42 3.04
N LYS A 51 2.15 -0.73 3.55
CA LYS A 51 1.23 -1.69 4.16
C LYS A 51 0.16 -0.96 4.99
N GLN A 52 0.50 0.24 5.45
CA GLN A 52 -0.43 1.03 6.25
C GLN A 52 -1.33 1.88 5.35
N LEU A 53 -0.75 2.49 4.33
CA LEU A 53 -1.51 3.32 3.41
C LEU A 53 -2.62 2.51 2.73
N ILE A 54 -2.27 1.31 2.27
CA ILE A 54 -3.23 0.44 1.62
C ILE A 54 -4.28 -0.06 2.59
N ALA A 55 -3.85 -0.83 3.59
CA ALA A 55 -4.76 -1.37 4.59
C ALA A 55 -5.67 -0.27 5.15
N GLY A 56 -5.15 0.95 5.19
CA GLY A 56 -5.92 2.07 5.70
C GLY A 56 -6.97 2.55 4.72
N LYS A 57 -6.73 2.32 3.44
CA LYS A 57 -7.66 2.73 2.40
C LYS A 57 -8.62 1.60 2.04
N LEU A 58 -8.20 0.36 2.30
CA LEU A 58 -9.01 -0.81 2.01
C LEU A 58 -9.66 -1.35 3.27
N GLN A 59 -9.92 -0.46 4.23
CA GLN A 59 -10.53 -0.85 5.49
C GLN A 59 -11.81 -1.65 5.26
N GLU A 60 -12.33 -1.57 4.03
CA GLU A 60 -13.55 -2.29 3.67
C GLU A 60 -13.30 -3.79 3.59
N SER A 61 -12.09 -4.15 3.18
CA SER A 61 -11.71 -5.57 3.06
C SER A 61 -10.59 -5.92 4.03
N VAL A 62 -9.55 -5.09 4.05
CA VAL A 62 -8.41 -5.31 4.92
C VAL A 62 -8.67 -4.75 6.32
N PRO A 63 -8.70 -5.65 7.32
CA PRO A 63 -8.94 -5.26 8.72
C PRO A 63 -7.78 -4.48 9.31
N ASP A 64 -6.57 -5.02 9.17
CA ASP A 64 -5.37 -4.37 9.69
C ASP A 64 -4.17 -4.65 8.80
N PRO A 65 -3.22 -3.70 8.77
CA PRO A 65 -2.00 -3.82 7.97
C PRO A 65 -1.06 -4.89 8.50
N GLU A 66 -1.32 -5.35 9.72
CA GLU A 66 -0.50 -6.38 10.35
C GLU A 66 -1.05 -7.77 10.07
N LEU A 67 -2.36 -7.86 9.92
CA LEU A 67 -3.02 -9.13 9.65
C LEU A 67 -3.07 -9.42 8.16
N ILE A 68 -2.26 -8.69 7.40
CA ILE A 68 -2.20 -8.87 5.96
C ILE A 68 -0.77 -8.83 5.44
N ASP A 69 -0.60 -9.06 4.15
CA ASP A 69 0.73 -9.05 3.54
C ASP A 69 0.69 -8.36 2.18
N LEU A 70 1.84 -7.83 1.77
CA LEU A 70 1.94 -7.13 0.49
C LEU A 70 2.72 -7.97 -0.52
N ILE A 71 2.11 -8.22 -1.67
CA ILE A 71 2.75 -9.01 -2.73
C ILE A 71 3.06 -8.15 -3.94
N TYR A 72 4.31 -8.22 -4.40
CA TYR A 72 4.73 -7.45 -5.57
C TYR A 72 5.65 -8.27 -6.47
N CYS A 73 5.52 -8.09 -7.77
CA CYS A 73 6.34 -8.81 -8.73
C CYS A 73 6.29 -10.31 -8.46
N GLY A 74 5.18 -10.78 -7.90
CA GLY A 74 5.03 -12.19 -7.60
C GLY A 74 5.85 -12.61 -6.40
N ARG A 75 6.13 -11.67 -5.52
CA ARG A 75 6.92 -11.96 -4.32
C ARG A 75 6.56 -11.01 -3.18
N LYS A 76 6.34 -11.57 -2.00
CA LYS A 76 5.98 -10.76 -0.84
C LYS A 76 7.07 -9.75 -0.52
N LEU A 77 6.67 -8.65 0.12
CA LEU A 77 7.62 -7.60 0.48
C LEU A 77 7.71 -7.46 2.00
N LYS A 78 8.90 -7.72 2.54
CA LYS A 78 9.13 -7.62 3.97
C LYS A 78 9.15 -6.16 4.42
N ASP A 79 8.90 -5.93 5.70
CA ASP A 79 8.89 -4.58 6.26
C ASP A 79 10.31 -4.11 6.54
N ASP A 80 11.27 -4.98 6.31
CA ASP A 80 12.68 -4.66 6.54
C ASP A 80 13.35 -4.22 5.25
N GLN A 81 12.59 -4.21 4.16
CA GLN A 81 13.11 -3.81 2.86
C GLN A 81 12.55 -2.47 2.42
N THR A 82 12.98 -1.98 1.27
CA THR A 82 12.52 -0.71 0.76
C THR A 82 12.04 -0.85 -0.69
N LEU A 83 11.55 0.26 -1.25
CA LEU A 83 11.06 0.27 -2.63
C LEU A 83 12.18 -0.10 -3.61
N ASP A 84 13.29 0.62 -3.52
CA ASP A 84 14.43 0.38 -4.40
C ASP A 84 14.99 -1.02 -4.18
N PHE A 85 15.10 -1.41 -2.91
CA PHE A 85 15.63 -2.72 -2.56
C PHE A 85 14.98 -3.82 -3.40
N TYR A 86 13.69 -3.65 -3.68
CA TYR A 86 12.94 -4.63 -4.47
C TYR A 86 12.93 -4.23 -5.94
N GLY A 87 12.93 -2.92 -6.19
CA GLY A 87 12.91 -2.42 -7.56
C GLY A 87 11.52 -2.02 -8.00
N ILE A 88 10.83 -1.27 -7.16
CA ILE A 88 9.48 -0.81 -7.47
C ILE A 88 9.50 0.62 -8.00
N GLN A 89 8.59 0.90 -8.94
CA GLN A 89 8.50 2.23 -9.54
C GLN A 89 7.08 2.77 -9.45
N PRO A 90 6.94 4.09 -9.59
CA PRO A 90 5.64 4.77 -9.53
C PRO A 90 4.77 4.45 -10.74
N GLY A 91 3.80 3.55 -10.57
CA GLY A 91 2.92 3.19 -11.66
C GLY A 91 2.57 1.71 -11.64
N SER A 92 3.41 0.90 -11.00
CA SER A 92 3.19 -0.52 -10.92
C SER A 92 1.95 -0.83 -10.08
N THR A 93 1.61 -2.12 -9.99
CA THR A 93 0.45 -2.55 -9.22
C THR A 93 0.81 -3.69 -8.28
N VAL A 94 0.44 -3.54 -7.00
CA VAL A 94 0.72 -4.57 -6.00
C VAL A 94 -0.54 -5.33 -5.63
N HIS A 95 -0.37 -6.54 -5.12
CA HIS A 95 -1.49 -7.38 -4.71
C HIS A 95 -1.38 -7.76 -3.24
N VAL A 96 -2.44 -7.50 -2.49
CA VAL A 96 -2.47 -7.82 -1.06
C VAL A 96 -2.93 -9.25 -0.83
N LEU A 97 -2.48 -9.84 0.27
CA LEU A 97 -2.85 -11.20 0.61
C LEU A 97 -3.21 -11.32 2.09
N ARG A 98 -4.46 -11.70 2.36
CA ARG A 98 -4.93 -11.84 3.73
C ARG A 98 -4.30 -13.06 4.40
N LYS A 99 -3.82 -12.87 5.62
CA LYS A 99 -3.19 -13.96 6.37
C LYS A 99 -4.23 -14.94 6.89
N SER A 100 -4.29 -16.11 6.27
CA SER A 100 -5.25 -17.14 6.66
C SER A 100 -4.62 -18.13 7.64
N TRP A 101 -4.94 -17.98 8.91
CA TRP A 101 -4.41 -18.85 9.95
C TRP A 101 -5.44 -19.89 10.37
N SER A 102 -6.71 -19.48 10.41
CA SER A 102 -7.79 -20.36 10.80
C SER A 102 -9.12 -19.90 10.20
N GLY A 103 -10.20 -20.61 10.55
CA GLY A 103 -11.51 -20.25 10.03
C GLY A 103 -12.47 -19.86 11.13
N PRO A 104 -12.40 -18.59 11.55
CA PRO A 104 -13.26 -18.05 12.60
C PRO A 104 -14.72 -17.93 12.15
N SER A 105 -15.63 -17.88 13.11
CA SER A 105 -17.05 -17.76 12.82
C SER A 105 -17.82 -17.25 14.04
N SER A 106 -19.12 -17.01 13.84
CA SER A 106 -19.97 -16.52 14.93
C SER A 106 -20.48 -17.67 15.78
N GLY A 107 -20.68 -17.40 17.07
CA GLY A 107 -21.16 -18.43 17.97
C GLY A 107 -21.31 -17.92 19.39
N GLY A 1 -25.93 22.05 4.53
CA GLY A 1 -26.03 23.49 4.72
C GLY A 1 -24.71 24.20 4.51
N SER A 2 -23.67 23.74 5.21
CA SER A 2 -22.35 24.35 5.10
C SER A 2 -21.33 23.33 4.61
N SER A 3 -20.34 23.81 3.85
CA SER A 3 -19.30 22.93 3.31
C SER A 3 -17.92 23.54 3.55
N GLY A 4 -17.02 22.73 4.08
CA GLY A 4 -15.67 23.20 4.35
C GLY A 4 -14.67 22.74 3.30
N SER A 5 -13.39 22.72 3.65
CA SER A 5 -12.35 22.31 2.73
C SER A 5 -11.13 21.79 3.50
N SER A 6 -10.49 20.76 2.95
CA SER A 6 -9.32 20.16 3.57
C SER A 6 -8.25 19.85 2.53
N GLY A 7 -7.04 20.34 2.78
CA GLY A 7 -5.94 20.12 1.86
C GLY A 7 -4.60 20.55 2.43
N MET A 8 -3.89 19.62 3.05
CA MET A 8 -2.59 19.92 3.64
C MET A 8 -1.54 20.11 2.56
N SER A 9 -1.42 19.13 1.66
CA SER A 9 -0.45 19.18 0.59
C SER A 9 -0.81 18.20 -0.53
N LEU A 10 -0.23 18.39 -1.70
CA LEU A 10 -0.48 17.52 -2.84
C LEU A 10 0.81 16.85 -3.32
N SER A 11 0.75 15.56 -3.55
CA SER A 11 1.91 14.80 -4.02
C SER A 11 1.77 14.46 -5.50
N ASP A 12 2.74 13.70 -6.01
CA ASP A 12 2.73 13.30 -7.41
C ASP A 12 2.91 11.79 -7.55
N TRP A 13 3.70 11.21 -6.66
CA TRP A 13 3.96 9.78 -6.68
C TRP A 13 2.69 9.00 -6.33
N HIS A 14 2.28 8.12 -7.24
CA HIS A 14 1.08 7.31 -7.03
C HIS A 14 1.36 5.84 -7.32
N LEU A 15 0.46 4.97 -6.87
CA LEU A 15 0.61 3.53 -7.08
C LEU A 15 -0.75 2.86 -7.21
N ALA A 16 -0.76 1.66 -7.78
CA ALA A 16 -2.00 0.91 -7.95
C ALA A 16 -2.11 -0.19 -6.89
N VAL A 17 -3.35 -0.55 -6.57
CA VAL A 17 -3.61 -1.59 -5.57
C VAL A 17 -4.68 -2.56 -6.05
N LYS A 18 -4.42 -3.85 -5.90
CA LYS A 18 -5.35 -4.88 -6.32
C LYS A 18 -5.59 -5.89 -5.20
N LEU A 19 -6.85 -6.15 -4.90
CA LEU A 19 -7.21 -7.10 -3.85
C LEU A 19 -7.04 -8.54 -4.33
N ALA A 20 -6.03 -9.22 -3.79
CA ALA A 20 -5.76 -10.61 -4.17
C ALA A 20 -6.96 -11.50 -3.82
N ASP A 21 -7.62 -11.19 -2.72
CA ASP A 21 -8.77 -11.98 -2.28
C ASP A 21 -9.92 -11.85 -3.27
N GLN A 22 -10.03 -10.68 -3.90
CA GLN A 22 -11.09 -10.43 -4.88
C GLN A 22 -10.52 -9.92 -6.19
N PRO A 23 -10.25 -10.84 -7.12
CA PRO A 23 -9.70 -10.50 -8.44
C PRO A 23 -10.70 -9.76 -9.31
N LEU A 24 -11.93 -9.65 -8.83
CA LEU A 24 -12.98 -8.96 -9.57
C LEU A 24 -13.12 -7.51 -9.12
N ALA A 25 -12.76 -7.26 -7.86
CA ALA A 25 -12.83 -5.92 -7.30
C ALA A 25 -12.07 -4.92 -8.16
N PRO A 26 -12.55 -3.66 -8.19
CA PRO A 26 -11.93 -2.59 -8.97
C PRO A 26 -10.59 -2.17 -8.40
N LYS A 27 -9.69 -1.74 -9.29
CA LYS A 27 -8.36 -1.29 -8.88
C LYS A 27 -8.43 0.07 -8.20
N SER A 28 -7.54 0.30 -7.23
CA SER A 28 -7.50 1.56 -6.51
C SER A 28 -6.13 2.23 -6.65
N ILE A 29 -6.11 3.55 -6.55
CA ILE A 29 -4.86 4.29 -6.68
C ILE A 29 -4.48 4.95 -5.35
N LEU A 30 -3.28 4.66 -4.88
CA LEU A 30 -2.79 5.21 -3.62
C LEU A 30 -1.78 6.32 -3.86
N GLN A 31 -1.69 7.25 -2.93
CA GLN A 31 -0.77 8.37 -3.04
C GLN A 31 0.02 8.57 -1.76
N LEU A 32 1.24 8.03 -1.72
CA LEU A 32 2.08 8.15 -0.54
C LEU A 32 2.54 9.59 -0.33
N PRO A 33 2.80 9.95 0.93
CA PRO A 33 3.25 11.31 1.29
C PRO A 33 4.68 11.58 0.82
N GLU A 34 5.11 12.83 0.95
CA GLU A 34 6.46 13.22 0.54
C GLU A 34 7.49 12.74 1.55
N THR A 35 8.73 12.61 1.09
CA THR A 35 9.82 12.16 1.95
C THR A 35 10.85 13.26 2.17
N GLU A 36 11.77 13.04 3.10
CA GLU A 36 12.81 14.01 3.40
C GLU A 36 13.51 14.47 2.12
N LEU A 37 13.79 13.52 1.23
CA LEU A 37 14.46 13.82 -0.02
C LEU A 37 13.59 14.73 -0.89
N GLY A 38 12.52 14.18 -1.44
CA GLY A 38 11.63 14.95 -2.29
C GLY A 38 10.65 14.09 -3.05
N GLU A 39 10.47 14.38 -4.33
CA GLU A 39 9.55 13.63 -5.17
C GLU A 39 10.28 12.97 -6.34
N TYR A 40 11.31 13.66 -6.84
CA TYR A 40 12.08 13.15 -7.96
C TYR A 40 12.58 11.73 -7.68
N SER A 41 12.54 11.34 -6.41
CA SER A 41 12.98 10.01 -6.01
C SER A 41 12.71 9.77 -4.53
N LEU A 42 12.43 8.52 -4.17
CA LEU A 42 12.16 8.15 -2.79
C LEU A 42 13.25 7.24 -2.24
N GLY A 43 13.35 6.04 -2.79
CA GLY A 43 14.36 5.10 -2.33
C GLY A 43 14.64 5.21 -0.85
N GLY A 44 13.84 4.52 -0.04
CA GLY A 44 14.02 4.57 1.40
C GLY A 44 12.79 4.12 2.15
N TYR A 45 11.63 4.22 1.50
CA TYR A 45 10.37 3.83 2.12
C TYR A 45 10.37 2.34 2.47
N SER A 46 9.97 2.02 3.69
CA SER A 46 9.93 0.64 4.16
C SER A 46 8.59 -0.01 3.81
N ILE A 47 8.64 -1.19 3.21
CA ILE A 47 7.43 -1.91 2.83
C ILE A 47 6.34 -1.74 3.88
N SER A 48 6.73 -1.83 5.15
CA SER A 48 5.78 -1.68 6.25
C SER A 48 4.85 -0.49 6.02
N PHE A 49 5.45 0.68 5.81
CA PHE A 49 4.68 1.89 5.57
C PHE A 49 3.48 1.61 4.66
N LEU A 50 3.77 1.22 3.43
CA LEU A 50 2.71 0.93 2.46
C LEU A 50 1.64 0.03 3.08
N LYS A 51 2.04 -1.13 3.57
CA LYS A 51 1.13 -2.07 4.19
C LYS A 51 0.16 -1.35 5.12
N GLN A 52 0.57 -0.17 5.59
CA GLN A 52 -0.26 0.63 6.49
C GLN A 52 -1.16 1.58 5.71
N LEU A 53 -0.59 2.22 4.69
CA LEU A 53 -1.34 3.17 3.87
C LEU A 53 -2.47 2.45 3.13
N ILE A 54 -2.10 1.45 2.33
CA ILE A 54 -3.09 0.69 1.57
C ILE A 54 -4.16 0.11 2.47
N ALA A 55 -3.73 -0.55 3.54
CA ALA A 55 -4.66 -1.16 4.49
C ALA A 55 -5.59 -0.10 5.08
N GLY A 56 -5.14 1.14 5.09
CA GLY A 56 -5.95 2.23 5.63
C GLY A 56 -6.97 2.74 4.63
N LYS A 57 -6.70 2.53 3.35
CA LYS A 57 -7.59 2.98 2.30
C LYS A 57 -8.65 1.92 1.99
N LEU A 58 -8.26 0.66 2.12
CA LEU A 58 -9.18 -0.45 1.86
C LEU A 58 -9.77 -0.99 3.16
N GLN A 59 -9.83 -0.13 4.18
CA GLN A 59 -10.38 -0.51 5.48
C GLN A 59 -11.72 -1.21 5.32
N GLU A 60 -12.35 -1.03 4.15
CA GLU A 60 -13.63 -1.64 3.88
C GLU A 60 -13.53 -3.15 3.85
N SER A 61 -12.41 -3.65 3.35
CA SER A 61 -12.17 -5.09 3.26
C SER A 61 -11.04 -5.52 4.19
N VAL A 62 -9.98 -4.71 4.23
CA VAL A 62 -8.83 -4.99 5.07
C VAL A 62 -9.11 -4.67 6.53
N PRO A 63 -9.13 -5.70 7.39
CA PRO A 63 -9.39 -5.55 8.82
C PRO A 63 -8.25 -4.83 9.54
N ASP A 64 -7.03 -5.31 9.33
CA ASP A 64 -5.86 -4.71 9.96
C ASP A 64 -4.66 -4.73 9.02
N PRO A 65 -3.83 -3.68 9.09
CA PRO A 65 -2.64 -3.54 8.25
C PRO A 65 -1.55 -4.56 8.61
N GLU A 66 -1.73 -5.22 9.75
CA GLU A 66 -0.77 -6.22 10.22
C GLU A 66 -1.14 -7.61 9.72
N LEU A 67 -2.45 -7.86 9.62
CA LEU A 67 -2.94 -9.15 9.15
C LEU A 67 -2.96 -9.22 7.63
N ILE A 68 -2.14 -8.39 7.00
CA ILE A 68 -2.07 -8.36 5.54
C ILE A 68 -0.62 -8.30 5.08
N ASP A 69 -0.37 -8.79 3.87
CA ASP A 69 0.97 -8.79 3.29
C ASP A 69 0.97 -8.17 1.90
N LEU A 70 2.13 -7.68 1.48
CA LEU A 70 2.27 -7.05 0.17
C LEU A 70 2.97 -7.98 -0.80
N ILE A 71 2.39 -8.17 -1.98
CA ILE A 71 2.96 -9.03 -3.00
C ILE A 71 3.28 -8.24 -4.26
N TYR A 72 4.49 -8.44 -4.78
CA TYR A 72 4.94 -7.74 -5.98
C TYR A 72 5.80 -8.65 -6.86
N CYS A 73 5.61 -8.56 -8.17
CA CYS A 73 6.37 -9.37 -9.11
C CYS A 73 6.27 -10.85 -8.76
N GLY A 74 5.15 -11.23 -8.12
CA GLY A 74 4.95 -12.61 -7.74
C GLY A 74 5.80 -13.01 -6.54
N ARG A 75 6.24 -12.02 -5.78
CA ARG A 75 7.06 -12.27 -4.60
C ARG A 75 6.69 -11.32 -3.46
N LYS A 76 6.44 -11.89 -2.28
CA LYS A 76 6.07 -11.10 -1.12
C LYS A 76 7.23 -10.20 -0.68
N LEU A 77 6.90 -9.02 -0.17
CA LEU A 77 7.91 -8.08 0.29
C LEU A 77 7.90 -7.95 1.81
N LYS A 78 9.05 -8.18 2.43
CA LYS A 78 9.17 -8.08 3.88
C LYS A 78 9.15 -6.64 4.33
N ASP A 79 8.96 -6.43 5.63
CA ASP A 79 8.91 -5.09 6.20
C ASP A 79 10.32 -4.56 6.46
N ASP A 80 11.32 -5.38 6.15
CA ASP A 80 12.71 -5.00 6.35
C ASP A 80 13.31 -4.42 5.07
N GLN A 81 12.61 -4.61 3.95
CA GLN A 81 13.06 -4.10 2.67
C GLN A 81 12.46 -2.74 2.36
N THR A 82 12.86 -2.15 1.24
CA THR A 82 12.36 -0.85 0.83
C THR A 82 11.97 -0.84 -0.65
N LEU A 83 11.31 0.23 -1.08
CA LEU A 83 10.89 0.36 -2.46
C LEU A 83 12.06 0.18 -3.42
N ASP A 84 13.20 0.76 -3.07
CA ASP A 84 14.40 0.67 -3.88
C ASP A 84 14.96 -0.76 -3.86
N PHE A 85 15.02 -1.33 -2.67
CA PHE A 85 15.54 -2.69 -2.51
C PHE A 85 14.92 -3.64 -3.53
N TYR A 86 13.63 -3.45 -3.79
CA TYR A 86 12.91 -4.30 -4.75
C TYR A 86 12.88 -3.64 -6.12
N GLY A 87 13.00 -2.32 -6.15
CA GLY A 87 12.99 -1.60 -7.41
C GLY A 87 11.58 -1.33 -7.91
N ILE A 88 10.63 -1.24 -6.99
CA ILE A 88 9.24 -0.99 -7.35
C ILE A 88 9.09 0.33 -8.10
N GLN A 89 8.05 0.43 -8.91
CA GLN A 89 7.79 1.64 -9.67
C GLN A 89 6.42 2.23 -9.33
N PRO A 90 6.31 3.56 -9.42
CA PRO A 90 5.05 4.27 -9.12
C PRO A 90 3.97 4.01 -10.17
N GLY A 91 4.29 3.15 -11.13
CA GLY A 91 3.34 2.82 -12.18
C GLY A 91 2.96 1.35 -12.18
N SER A 92 3.46 0.61 -11.19
CA SER A 92 3.17 -0.81 -11.08
C SER A 92 1.96 -1.05 -10.19
N THR A 93 1.56 -2.32 -10.06
CA THR A 93 0.42 -2.69 -9.23
C THR A 93 0.77 -3.83 -8.29
N VAL A 94 0.45 -3.65 -7.01
CA VAL A 94 0.73 -4.68 -6.01
C VAL A 94 -0.55 -5.33 -5.53
N HIS A 95 -0.42 -6.50 -4.91
CA HIS A 95 -1.57 -7.23 -4.38
C HIS A 95 -1.46 -7.41 -2.88
N VAL A 96 -2.61 -7.38 -2.20
CA VAL A 96 -2.65 -7.54 -0.75
C VAL A 96 -3.22 -8.90 -0.36
N LEU A 97 -2.47 -9.63 0.44
CA LEU A 97 -2.90 -10.96 0.89
C LEU A 97 -3.12 -10.97 2.41
N ARG A 98 -4.31 -11.37 2.82
CA ARG A 98 -4.65 -11.44 4.24
C ARG A 98 -4.06 -12.69 4.88
N LYS A 99 -3.34 -12.50 5.98
CA LYS A 99 -2.73 -13.62 6.69
C LYS A 99 -3.65 -14.12 7.81
N SER A 100 -4.90 -14.37 7.47
CA SER A 100 -5.88 -14.85 8.43
C SER A 100 -7.06 -15.53 7.74
N TRP A 101 -7.89 -16.20 8.52
CA TRP A 101 -9.05 -16.89 7.97
C TRP A 101 -10.35 -16.33 8.56
N SER A 102 -10.38 -16.20 9.89
CA SER A 102 -11.56 -15.68 10.57
C SER A 102 -11.21 -14.42 11.36
N GLY A 103 -10.16 -14.50 12.16
CA GLY A 103 -9.75 -13.37 12.96
C GLY A 103 -9.58 -13.72 14.43
N PRO A 104 -8.56 -14.54 14.73
CA PRO A 104 -8.27 -14.98 16.10
C PRO A 104 -7.73 -13.84 16.96
N SER A 105 -7.58 -12.67 16.36
CA SER A 105 -7.06 -11.50 17.07
C SER A 105 -8.18 -10.79 17.82
N SER A 106 -7.82 -9.73 18.54
CA SER A 106 -8.80 -8.96 19.31
C SER A 106 -8.98 -7.57 18.71
N GLY A 107 -10.16 -6.99 18.93
CA GLY A 107 -10.45 -5.67 18.40
C GLY A 107 -11.03 -4.74 19.44
N GLY A 1 1.67 32.70 2.69
CA GLY A 1 0.57 31.75 2.71
C GLY A 1 -0.56 32.22 3.61
N SER A 2 -1.55 31.35 3.80
CA SER A 2 -2.71 31.66 4.63
C SER A 2 -3.14 30.45 5.45
N SER A 3 -3.99 30.69 6.45
CA SER A 3 -4.48 29.61 7.30
C SER A 3 -5.96 29.33 7.02
N GLY A 4 -6.78 30.36 7.11
CA GLY A 4 -8.20 30.20 6.87
C GLY A 4 -8.49 29.28 5.70
N SER A 5 -8.06 29.69 4.51
CA SER A 5 -8.28 28.90 3.30
C SER A 5 -7.01 28.15 2.91
N SER A 6 -6.86 26.93 3.43
CA SER A 6 -5.68 26.12 3.13
C SER A 6 -5.97 25.16 1.99
N GLY A 7 -4.97 24.94 1.14
CA GLY A 7 -5.14 24.02 0.02
C GLY A 7 -4.29 22.78 0.15
N MET A 8 -4.87 21.74 0.72
CA MET A 8 -4.14 20.47 0.90
C MET A 8 -4.10 19.68 -0.40
N SER A 9 -2.90 19.32 -0.83
CA SER A 9 -2.71 18.56 -2.06
C SER A 9 -2.00 17.25 -1.79
N LEU A 10 -2.21 16.27 -2.66
CA LEU A 10 -1.58 14.96 -2.52
C LEU A 10 -0.18 14.96 -3.11
N SER A 11 0.55 13.88 -2.88
CA SER A 11 1.92 13.74 -3.39
C SER A 11 1.92 13.58 -4.90
N ASP A 12 3.10 13.39 -5.47
CA ASP A 12 3.23 13.21 -6.91
C ASP A 12 3.31 11.73 -7.28
N TRP A 13 4.10 10.98 -6.52
CA TRP A 13 4.25 9.55 -6.76
C TRP A 13 2.94 8.81 -6.53
N HIS A 14 2.55 7.99 -7.50
CA HIS A 14 1.31 7.23 -7.40
C HIS A 14 1.56 5.75 -7.67
N LEU A 15 0.65 4.90 -7.19
CA LEU A 15 0.78 3.47 -7.37
C LEU A 15 -0.59 2.81 -7.44
N ALA A 16 -0.64 1.62 -8.04
CA ALA A 16 -1.89 0.89 -8.18
C ALA A 16 -2.06 -0.13 -7.04
N VAL A 17 -3.30 -0.39 -6.66
CA VAL A 17 -3.60 -1.33 -5.60
C VAL A 17 -4.65 -2.35 -6.04
N LYS A 18 -4.42 -3.61 -5.70
CA LYS A 18 -5.35 -4.68 -6.06
C LYS A 18 -5.48 -5.68 -4.92
N LEU A 19 -6.72 -6.10 -4.65
CA LEU A 19 -6.98 -7.07 -3.59
C LEU A 19 -6.84 -8.50 -4.10
N ALA A 20 -5.85 -9.22 -3.59
CA ALA A 20 -5.62 -10.59 -3.99
C ALA A 20 -6.79 -11.49 -3.61
N ASP A 21 -7.58 -11.04 -2.63
CA ASP A 21 -8.74 -11.80 -2.18
C ASP A 21 -9.92 -11.61 -3.13
N GLN A 22 -10.00 -10.42 -3.73
CA GLN A 22 -11.08 -10.10 -4.66
C GLN A 22 -10.53 -9.58 -5.98
N PRO A 23 -10.25 -10.52 -6.91
CA PRO A 23 -9.71 -10.16 -8.23
C PRO A 23 -10.74 -9.45 -9.11
N LEU A 24 -11.97 -9.38 -8.62
CA LEU A 24 -13.05 -8.73 -9.36
C LEU A 24 -13.24 -7.29 -8.89
N ALA A 25 -12.93 -7.05 -7.61
CA ALA A 25 -13.07 -5.71 -7.04
C ALA A 25 -12.30 -4.68 -7.87
N PRO A 26 -12.79 -3.43 -7.84
CA PRO A 26 -12.17 -2.33 -8.59
C PRO A 26 -10.83 -1.92 -8.00
N LYS A 27 -9.91 -1.50 -8.87
CA LYS A 27 -8.58 -1.09 -8.43
C LYS A 27 -8.65 0.25 -7.69
N SER A 28 -7.66 0.50 -6.84
CA SER A 28 -7.60 1.74 -6.08
C SER A 28 -6.25 2.41 -6.23
N ILE A 29 -6.26 3.74 -6.33
CA ILE A 29 -5.03 4.51 -6.48
C ILE A 29 -4.54 5.04 -5.13
N LEU A 30 -3.31 4.71 -4.78
CA LEU A 30 -2.72 5.15 -3.52
C LEU A 30 -1.64 6.19 -3.76
N GLN A 31 -1.67 7.26 -2.97
CA GLN A 31 -0.68 8.32 -3.10
C GLN A 31 0.08 8.53 -1.78
N LEU A 32 1.32 8.05 -1.75
CA LEU A 32 2.15 8.18 -0.56
C LEU A 32 2.61 9.62 -0.37
N PRO A 33 2.83 10.01 0.90
CA PRO A 33 3.27 11.36 1.25
C PRO A 33 4.72 11.61 0.83
N GLU A 34 5.13 12.88 0.87
CA GLU A 34 6.49 13.26 0.50
C GLU A 34 7.48 12.86 1.59
N THR A 35 8.69 12.49 1.16
CA THR A 35 9.73 12.08 2.10
C THR A 35 10.72 13.21 2.36
N GLU A 36 11.45 13.12 3.46
CA GLU A 36 12.44 14.13 3.82
C GLU A 36 13.22 14.58 2.58
N LEU A 37 13.42 13.66 1.64
CA LEU A 37 14.15 13.97 0.42
C LEU A 37 13.26 14.72 -0.57
N GLY A 38 12.35 13.98 -1.21
CA GLY A 38 11.45 14.59 -2.17
C GLY A 38 10.55 13.57 -2.84
N GLU A 39 10.36 13.72 -4.14
CA GLU A 39 9.50 12.81 -4.90
C GLU A 39 10.24 12.24 -6.10
N TYR A 40 11.19 13.00 -6.62
CA TYR A 40 11.98 12.57 -7.78
C TYR A 40 12.58 11.19 -7.54
N SER A 41 12.60 10.77 -6.28
CA SER A 41 13.16 9.47 -5.92
C SER A 41 12.95 9.19 -4.44
N LEU A 42 12.36 8.04 -4.14
CA LEU A 42 12.10 7.65 -2.75
C LEU A 42 13.22 6.76 -2.23
N GLY A 43 13.31 5.54 -2.77
CA GLY A 43 14.34 4.62 -2.34
C GLY A 43 14.65 4.74 -0.86
N GLY A 44 13.65 4.49 -0.02
CA GLY A 44 13.84 4.58 1.41
C GLY A 44 12.65 4.06 2.19
N TYR A 45 11.46 4.27 1.66
CA TYR A 45 10.23 3.82 2.30
C TYR A 45 10.30 2.32 2.61
N SER A 46 9.94 1.96 3.84
CA SER A 46 9.95 0.56 4.24
C SER A 46 8.65 -0.14 3.86
N ILE A 47 8.78 -1.34 3.30
CA ILE A 47 7.62 -2.12 2.88
C ILE A 47 6.47 -1.95 3.87
N SER A 48 6.76 -2.16 5.15
CA SER A 48 5.75 -2.04 6.19
C SER A 48 4.88 -0.80 5.97
N PHE A 49 5.54 0.33 5.74
CA PHE A 49 4.83 1.58 5.50
C PHE A 49 3.61 1.37 4.61
N LEU A 50 3.85 0.91 3.38
CA LEU A 50 2.78 0.66 2.43
C LEU A 50 1.65 -0.12 3.08
N LYS A 51 1.97 -1.28 3.62
CA LYS A 51 0.98 -2.13 4.28
C LYS A 51 0.01 -1.29 5.10
N GLN A 52 0.47 -0.10 5.52
CA GLN A 52 -0.36 0.80 6.32
C GLN A 52 -1.24 1.66 5.42
N LEU A 53 -0.63 2.26 4.41
CA LEU A 53 -1.36 3.11 3.48
C LEU A 53 -2.49 2.33 2.79
N ILE A 54 -2.16 1.15 2.29
CA ILE A 54 -3.14 0.32 1.61
C ILE A 54 -4.23 -0.13 2.57
N ALA A 55 -3.84 -0.51 3.78
CA ALA A 55 -4.78 -0.95 4.80
C ALA A 55 -5.76 0.16 5.16
N GLY A 56 -5.38 1.41 4.86
CA GLY A 56 -6.23 2.54 5.17
C GLY A 56 -7.24 2.81 4.06
N LYS A 57 -6.92 2.39 2.85
CA LYS A 57 -7.80 2.59 1.71
C LYS A 57 -8.71 1.39 1.50
N LEU A 58 -8.24 0.21 1.89
CA LEU A 58 -9.01 -1.01 1.75
C LEU A 58 -9.69 -1.39 3.07
N GLN A 59 -9.92 -0.39 3.91
CA GLN A 59 -10.56 -0.60 5.20
C GLN A 59 -11.88 -1.36 5.03
N GLU A 60 -12.38 -1.40 3.80
CA GLU A 60 -13.63 -2.09 3.52
C GLU A 60 -13.45 -3.61 3.60
N SER A 61 -12.27 -4.08 3.22
CA SER A 61 -11.97 -5.51 3.25
C SER A 61 -10.82 -5.80 4.20
N VAL A 62 -9.74 -5.03 4.07
CA VAL A 62 -8.56 -5.21 4.91
C VAL A 62 -8.87 -4.82 6.36
N PRO A 63 -8.78 -5.82 7.27
CA PRO A 63 -9.04 -5.60 8.68
C PRO A 63 -7.96 -4.76 9.36
N ASP A 64 -6.71 -5.17 9.17
CA ASP A 64 -5.58 -4.45 9.75
C ASP A 64 -4.36 -4.54 8.85
N PRO A 65 -3.49 -3.52 8.91
CA PRO A 65 -2.27 -3.45 8.11
C PRO A 65 -1.23 -4.49 8.55
N GLU A 66 -1.36 -4.95 9.79
CA GLU A 66 -0.44 -5.95 10.33
C GLU A 66 -0.92 -7.36 10.02
N LEU A 67 -2.22 -7.53 9.91
CA LEU A 67 -2.81 -8.83 9.61
C LEU A 67 -2.84 -9.10 8.11
N ILE A 68 -2.12 -8.26 7.36
CA ILE A 68 -2.07 -8.40 5.91
C ILE A 68 -0.63 -8.26 5.40
N ASP A 69 -0.42 -8.62 4.14
CA ASP A 69 0.90 -8.53 3.52
C ASP A 69 0.81 -7.92 2.13
N LEU A 70 1.96 -7.57 1.57
CA LEU A 70 2.02 -6.97 0.24
C LEU A 70 2.74 -7.90 -0.73
N ILE A 71 2.18 -8.03 -1.93
CA ILE A 71 2.77 -8.88 -2.96
C ILE A 71 3.13 -8.08 -4.20
N TYR A 72 4.37 -8.22 -4.66
CA TYR A 72 4.84 -7.51 -5.84
C TYR A 72 5.67 -8.42 -6.73
N CYS A 73 5.42 -8.36 -8.04
CA CYS A 73 6.15 -9.17 -9.00
C CYS A 73 5.93 -10.66 -8.72
N GLY A 74 4.79 -10.99 -8.14
CA GLY A 74 4.48 -12.37 -7.83
C GLY A 74 5.24 -12.87 -6.62
N ARG A 75 5.66 -11.95 -5.76
CA ARG A 75 6.41 -12.31 -4.56
C ARG A 75 6.19 -11.28 -3.46
N LYS A 76 6.00 -11.77 -2.23
CA LYS A 76 5.78 -10.89 -1.09
C LYS A 76 7.05 -10.09 -0.78
N LEU A 77 6.87 -8.98 -0.07
CA LEU A 77 7.99 -8.12 0.30
C LEU A 77 8.13 -8.02 1.82
N LYS A 78 9.32 -8.31 2.32
CA LYS A 78 9.59 -8.26 3.75
C LYS A 78 9.45 -6.83 4.27
N ASP A 79 9.28 -6.69 5.58
CA ASP A 79 9.14 -5.38 6.20
C ASP A 79 10.51 -4.74 6.45
N ASP A 80 11.56 -5.47 6.12
CA ASP A 80 12.92 -4.98 6.30
C ASP A 80 13.49 -4.46 4.99
N GLN A 81 12.67 -4.47 3.94
CA GLN A 81 13.08 -4.00 2.63
C GLN A 81 12.46 -2.65 2.31
N THR A 82 12.95 -2.02 1.24
CA THR A 82 12.44 -0.71 0.83
C THR A 82 12.00 -0.73 -0.63
N LEU A 83 11.29 0.31 -1.05
CA LEU A 83 10.81 0.41 -2.43
C LEU A 83 11.95 0.20 -3.42
N ASP A 84 13.07 0.88 -3.18
CA ASP A 84 14.24 0.77 -4.05
C ASP A 84 14.85 -0.62 -3.96
N PHE A 85 14.97 -1.13 -2.72
CA PHE A 85 15.56 -2.45 -2.50
C PHE A 85 15.05 -3.45 -3.55
N TYR A 86 13.76 -3.40 -3.83
CA TYR A 86 13.16 -4.29 -4.81
C TYR A 86 13.11 -3.65 -6.19
N GLY A 87 13.08 -2.32 -6.21
CA GLY A 87 13.03 -1.60 -7.47
C GLY A 87 11.61 -1.36 -7.95
N ILE A 88 10.67 -1.29 -7.01
CA ILE A 88 9.28 -1.06 -7.35
C ILE A 88 9.09 0.26 -8.11
N GLN A 89 8.41 0.18 -9.24
CA GLN A 89 8.16 1.37 -10.06
C GLN A 89 6.82 2.00 -9.70
N PRO A 90 6.73 3.32 -9.90
CA PRO A 90 5.50 4.08 -9.62
C PRO A 90 4.38 3.77 -10.59
N GLY A 91 4.64 2.83 -11.50
CA GLY A 91 3.64 2.45 -12.47
C GLY A 91 3.24 0.99 -12.37
N SER A 92 3.72 0.33 -11.31
CA SER A 92 3.41 -1.09 -11.10
C SER A 92 2.22 -1.25 -10.15
N THR A 93 1.77 -2.49 -10.00
CA THR A 93 0.64 -2.78 -9.12
C THR A 93 1.00 -3.83 -8.09
N VAL A 94 0.52 -3.62 -6.85
CA VAL A 94 0.80 -4.56 -5.77
C VAL A 94 -0.48 -5.24 -5.28
N HIS A 95 -0.38 -6.54 -5.00
CA HIS A 95 -1.53 -7.30 -4.53
C HIS A 95 -1.40 -7.60 -3.04
N VAL A 96 -2.49 -7.42 -2.31
CA VAL A 96 -2.50 -7.68 -0.86
C VAL A 96 -3.06 -9.07 -0.57
N LEU A 97 -2.41 -9.76 0.37
CA LEU A 97 -2.84 -11.11 0.75
C LEU A 97 -3.02 -11.20 2.26
N ARG A 98 -4.22 -11.55 2.69
CA ARG A 98 -4.52 -11.68 4.11
C ARG A 98 -3.80 -12.88 4.71
N LYS A 99 -3.18 -12.67 5.87
CA LYS A 99 -2.45 -13.73 6.55
C LYS A 99 -3.38 -14.88 6.93
N SER A 100 -4.42 -14.57 7.71
CA SER A 100 -5.38 -15.57 8.14
C SER A 100 -4.66 -16.82 8.65
N TRP A 101 -3.64 -16.62 9.48
CA TRP A 101 -2.88 -17.73 10.04
C TRP A 101 -2.47 -17.43 11.48
N SER A 102 -2.23 -18.49 12.25
CA SER A 102 -1.84 -18.35 13.64
C SER A 102 -0.99 -17.10 13.84
N GLY A 103 0.27 -17.17 13.42
CA GLY A 103 1.16 -16.03 13.56
C GLY A 103 1.91 -16.05 14.87
N PRO A 104 3.24 -15.86 14.81
CA PRO A 104 4.11 -15.84 16.00
C PRO A 104 3.87 -14.62 16.87
N SER A 105 3.02 -13.71 16.40
CA SER A 105 2.71 -12.50 17.14
C SER A 105 2.54 -12.79 18.62
N SER A 106 2.81 -11.79 19.45
CA SER A 106 2.69 -11.94 20.91
C SER A 106 1.59 -11.03 21.45
N GLY A 107 0.47 -10.97 20.75
CA GLY A 107 -0.64 -10.13 21.18
C GLY A 107 -1.41 -9.54 20.02
N GLY A 1 -11.70 8.59 4.71
CA GLY A 1 -10.89 7.86 5.67
C GLY A 1 -9.85 8.74 6.34
N SER A 2 -8.59 8.33 6.23
CA SER A 2 -7.49 9.09 6.83
C SER A 2 -6.23 8.98 5.99
N SER A 3 -5.27 9.86 6.27
CA SER A 3 -4.01 9.87 5.53
C SER A 3 -2.84 10.23 6.44
N GLY A 4 -1.62 10.06 5.93
CA GLY A 4 -0.45 10.38 6.71
C GLY A 4 -0.14 11.87 6.74
N SER A 5 -0.25 12.51 5.57
CA SER A 5 0.02 13.94 5.46
C SER A 5 -1.11 14.65 4.72
N SER A 6 -1.02 15.97 4.63
CA SER A 6 -2.03 16.76 3.94
C SER A 6 -2.13 16.36 2.47
N GLY A 7 -3.23 16.76 1.83
CA GLY A 7 -3.43 16.42 0.43
C GLY A 7 -2.87 17.48 -0.50
N MET A 8 -1.65 17.92 -0.22
CA MET A 8 -0.99 18.93 -1.04
C MET A 8 0.43 18.50 -1.41
N SER A 9 0.59 18.04 -2.65
CA SER A 9 1.90 17.59 -3.13
C SER A 9 2.06 17.88 -4.62
N LEU A 10 3.31 17.89 -5.08
CA LEU A 10 3.60 18.15 -6.48
C LEU A 10 3.94 16.87 -7.22
N SER A 11 4.79 16.05 -6.62
CA SER A 11 5.20 14.79 -7.22
C SER A 11 3.98 13.90 -7.50
N ASP A 12 2.86 14.24 -6.88
CA ASP A 12 1.63 13.49 -7.07
C ASP A 12 1.92 12.00 -7.27
N TRP A 13 2.72 11.44 -6.36
CA TRP A 13 3.08 10.02 -6.45
C TRP A 13 1.87 9.13 -6.20
N HIS A 14 1.59 8.25 -7.15
CA HIS A 14 0.45 7.34 -7.03
C HIS A 14 0.87 5.91 -7.36
N LEU A 15 0.14 4.94 -6.81
CA LEU A 15 0.44 3.53 -7.04
C LEU A 15 -0.85 2.74 -7.27
N ALA A 16 -0.73 1.64 -8.02
CA ALA A 16 -1.88 0.79 -8.31
C ALA A 16 -2.03 -0.30 -7.27
N VAL A 17 -3.23 -0.41 -6.70
CA VAL A 17 -3.50 -1.41 -5.68
C VAL A 17 -4.50 -2.46 -6.19
N LYS A 18 -4.17 -3.73 -6.00
CA LYS A 18 -5.03 -4.82 -6.43
C LYS A 18 -5.28 -5.81 -5.30
N LEU A 19 -6.55 -6.13 -5.07
CA LEU A 19 -6.92 -7.06 -4.02
C LEU A 19 -6.78 -8.50 -4.49
N ALA A 20 -5.71 -9.17 -4.01
CA ALA A 20 -5.46 -10.55 -4.38
C ALA A 20 -6.68 -11.43 -4.11
N ASP A 21 -7.40 -11.12 -3.04
CA ASP A 21 -8.59 -11.88 -2.67
C ASP A 21 -9.62 -11.83 -3.78
N GLN A 22 -9.77 -10.67 -4.41
CA GLN A 22 -10.74 -10.49 -5.48
C GLN A 22 -10.06 -9.89 -6.72
N PRO A 23 -9.72 -10.74 -7.69
CA PRO A 23 -9.07 -10.31 -8.92
C PRO A 23 -10.01 -9.52 -9.82
N LEU A 24 -11.28 -9.47 -9.45
CA LEU A 24 -12.28 -8.73 -10.22
C LEU A 24 -12.50 -7.34 -9.65
N ALA A 25 -12.33 -7.21 -8.34
CA ALA A 25 -12.51 -5.93 -7.67
C ALA A 25 -11.82 -4.80 -8.45
N PRO A 26 -12.38 -3.59 -8.35
CA PRO A 26 -11.83 -2.41 -9.03
C PRO A 26 -10.50 -1.96 -8.43
N LYS A 27 -9.60 -1.50 -9.29
CA LYS A 27 -8.29 -1.03 -8.86
C LYS A 27 -8.42 0.24 -8.03
N SER A 28 -7.61 0.35 -6.99
CA SER A 28 -7.63 1.53 -6.12
C SER A 28 -6.26 2.20 -6.07
N ILE A 29 -6.18 3.40 -6.63
CA ILE A 29 -4.93 4.15 -6.65
C ILE A 29 -4.60 4.72 -5.28
N LEU A 30 -3.38 4.51 -4.83
CA LEU A 30 -2.94 5.01 -3.52
C LEU A 30 -1.95 6.16 -3.69
N GLN A 31 -1.92 7.06 -2.72
CA GLN A 31 -1.03 8.20 -2.75
C GLN A 31 -0.22 8.30 -1.45
N LEU A 32 1.08 8.03 -1.56
CA LEU A 32 1.96 8.08 -0.40
C LEU A 32 2.48 9.50 -0.17
N PRO A 33 2.75 9.85 1.10
CA PRO A 33 3.26 11.17 1.47
C PRO A 33 4.69 11.39 1.01
N GLU A 34 5.23 12.57 1.30
CA GLU A 34 6.60 12.90 0.92
C GLU A 34 7.60 12.38 1.95
N THR A 35 8.87 12.32 1.56
CA THR A 35 9.92 11.85 2.46
C THR A 35 11.02 12.90 2.62
N GLU A 36 11.94 12.63 3.53
CA GLU A 36 13.05 13.55 3.78
C GLU A 36 13.81 13.85 2.50
N LEU A 37 14.02 12.81 1.69
CA LEU A 37 14.74 12.95 0.42
C LEU A 37 14.04 13.95 -0.49
N GLY A 38 12.91 13.52 -1.06
CA GLY A 38 12.16 14.38 -1.96
C GLY A 38 11.20 13.61 -2.84
N GLU A 39 11.10 14.02 -4.10
CA GLU A 39 10.21 13.35 -5.05
C GLU A 39 11.01 12.67 -6.15
N TYR A 40 12.05 13.34 -6.63
CA TYR A 40 12.90 12.79 -7.68
C TYR A 40 13.06 11.28 -7.52
N SER A 41 13.23 10.84 -6.28
CA SER A 41 13.40 9.42 -5.99
C SER A 41 13.26 9.16 -4.49
N LEU A 42 12.33 8.28 -4.13
CA LEU A 42 12.10 7.93 -2.74
C LEU A 42 13.22 7.05 -2.20
N GLY A 43 13.30 5.82 -2.72
CA GLY A 43 14.32 4.89 -2.29
C GLY A 43 14.65 5.04 -0.81
N GLY A 44 13.73 4.62 0.05
CA GLY A 44 13.95 4.72 1.48
C GLY A 44 12.75 4.26 2.27
N TYR A 45 11.56 4.36 1.68
CA TYR A 45 10.34 3.95 2.36
C TYR A 45 10.37 2.47 2.70
N SER A 46 10.06 2.15 3.95
CA SER A 46 10.05 0.77 4.42
C SER A 46 8.76 0.07 4.02
N ILE A 47 8.90 -1.08 3.36
CA ILE A 47 7.74 -1.86 2.92
C ILE A 47 6.60 -1.73 3.93
N SER A 48 6.89 -1.96 5.20
CA SER A 48 5.88 -1.88 6.24
C SER A 48 5.02 -0.64 6.06
N PHE A 49 5.66 0.51 5.92
CA PHE A 49 4.95 1.77 5.75
C PHE A 49 3.80 1.61 4.75
N LEU A 50 4.11 1.08 3.57
CA LEU A 50 3.11 0.88 2.54
C LEU A 50 2.01 -0.06 3.03
N LYS A 51 2.41 -1.23 3.52
CA LYS A 51 1.47 -2.22 4.03
C LYS A 51 0.46 -1.57 4.98
N GLN A 52 0.81 -0.40 5.49
CA GLN A 52 -0.06 0.33 6.41
C GLN A 52 -1.01 1.25 5.66
N LEU A 53 -0.48 1.99 4.71
CA LEU A 53 -1.28 2.92 3.91
C LEU A 53 -2.35 2.17 3.13
N ILE A 54 -1.94 1.12 2.42
CA ILE A 54 -2.87 0.33 1.63
C ILE A 54 -4.00 -0.23 2.50
N ALA A 55 -3.63 -0.79 3.64
CA ALA A 55 -4.60 -1.35 4.57
C ALA A 55 -5.65 -0.32 4.96
N GLY A 56 -5.22 0.94 5.08
CA GLY A 56 -6.13 2.01 5.45
C GLY A 56 -7.03 2.42 4.30
N LYS A 57 -6.57 2.19 3.08
CA LYS A 57 -7.35 2.54 1.89
C LYS A 57 -8.36 1.45 1.56
N LEU A 58 -8.02 0.21 1.90
CA LEU A 58 -8.90 -0.92 1.64
C LEU A 58 -9.64 -1.33 2.91
N GLN A 59 -9.83 -0.39 3.83
CA GLN A 59 -10.52 -0.65 5.08
C GLN A 59 -11.84 -1.38 4.83
N GLU A 60 -12.33 -1.28 3.60
CA GLU A 60 -13.59 -1.92 3.24
C GLU A 60 -13.50 -3.44 3.43
N SER A 61 -12.36 -4.02 3.06
CA SER A 61 -12.15 -5.45 3.19
C SER A 61 -11.07 -5.75 4.22
N VAL A 62 -10.00 -4.97 4.20
CA VAL A 62 -8.90 -5.15 5.13
C VAL A 62 -9.26 -4.65 6.52
N PRO A 63 -9.24 -5.56 7.50
CA PRO A 63 -9.58 -5.23 8.89
C PRO A 63 -8.50 -4.37 9.55
N ASP A 64 -7.26 -4.81 9.46
CA ASP A 64 -6.14 -4.07 10.04
C ASP A 64 -4.88 -4.23 9.19
N PRO A 65 -4.00 -3.21 9.24
CA PRO A 65 -2.75 -3.21 8.48
C PRO A 65 -1.75 -4.23 9.00
N GLU A 66 -2.02 -4.76 10.19
CA GLU A 66 -1.15 -5.75 10.81
C GLU A 66 -1.59 -7.17 10.46
N LEU A 67 -2.90 -7.33 10.22
CA LEU A 67 -3.45 -8.64 9.88
C LEU A 67 -3.45 -8.86 8.37
N ILE A 68 -2.59 -8.11 7.68
CA ILE A 68 -2.48 -8.23 6.23
C ILE A 68 -1.04 -8.11 5.77
N ASP A 69 -0.81 -8.35 4.49
CA ASP A 69 0.52 -8.27 3.92
C ASP A 69 0.49 -7.72 2.50
N LEU A 70 1.66 -7.46 1.93
CA LEU A 70 1.75 -6.94 0.58
C LEU A 70 2.51 -7.91 -0.33
N ILE A 71 1.99 -8.10 -1.54
CA ILE A 71 2.62 -8.99 -2.51
C ILE A 71 2.99 -8.25 -3.78
N TYR A 72 4.21 -8.45 -4.24
CA TYR A 72 4.69 -7.80 -5.45
C TYR A 72 5.60 -8.74 -6.25
N CYS A 73 5.60 -8.56 -7.58
CA CYS A 73 6.42 -9.39 -8.45
C CYS A 73 6.31 -10.87 -8.08
N GLY A 74 5.10 -11.28 -7.70
CA GLY A 74 4.87 -12.67 -7.32
C GLY A 74 5.70 -13.06 -6.11
N ARG A 75 5.87 -12.14 -5.18
CA ARG A 75 6.64 -12.40 -3.97
C ARG A 75 6.27 -11.42 -2.87
N LYS A 76 6.21 -11.92 -1.63
CA LYS A 76 5.88 -11.09 -0.49
C LYS A 76 6.99 -10.07 -0.20
N LEU A 77 6.59 -8.90 0.29
CA LEU A 77 7.55 -7.85 0.60
C LEU A 77 7.72 -7.70 2.11
N LYS A 78 8.93 -7.97 2.60
CA LYS A 78 9.23 -7.87 4.02
C LYS A 78 9.43 -6.42 4.44
N ASP A 79 9.32 -6.15 5.74
CA ASP A 79 9.50 -4.81 6.26
C ASP A 79 10.98 -4.45 6.36
N ASP A 80 11.83 -5.42 6.10
CA ASP A 80 13.28 -5.20 6.16
C ASP A 80 13.82 -4.81 4.79
N GLN A 81 12.96 -4.24 3.95
CA GLN A 81 13.36 -3.82 2.61
C GLN A 81 12.74 -2.47 2.26
N THR A 82 13.20 -1.88 1.16
CA THR A 82 12.70 -0.58 0.72
C THR A 82 12.15 -0.66 -0.71
N LEU A 83 11.45 0.39 -1.11
CA LEU A 83 10.87 0.44 -2.45
C LEU A 83 11.93 0.21 -3.51
N ASP A 84 13.10 0.81 -3.31
CA ASP A 84 14.20 0.66 -4.25
C ASP A 84 14.78 -0.74 -4.20
N PHE A 85 15.16 -1.20 -3.00
CA PHE A 85 15.73 -2.53 -2.82
C PHE A 85 14.98 -3.55 -3.67
N TYR A 86 13.66 -3.42 -3.73
CA TYR A 86 12.83 -4.34 -4.50
C TYR A 86 12.75 -3.90 -5.96
N GLY A 87 12.82 -2.60 -6.18
CA GLY A 87 12.76 -2.07 -7.54
C GLY A 87 11.35 -1.67 -7.93
N ILE A 88 10.67 -0.95 -7.04
CA ILE A 88 9.31 -0.50 -7.30
C ILE A 88 9.29 0.94 -7.79
N GLN A 89 8.38 1.24 -8.70
CA GLN A 89 8.25 2.59 -9.26
C GLN A 89 6.80 3.07 -9.21
N PRO A 90 6.61 4.38 -9.29
CA PRO A 90 5.28 5.00 -9.26
C PRO A 90 4.48 4.70 -10.53
N GLY A 91 3.89 3.52 -10.59
CA GLY A 91 3.10 3.14 -11.74
C GLY A 91 2.83 1.65 -11.80
N SER A 92 3.65 0.88 -11.08
CA SER A 92 3.50 -0.58 -11.05
C SER A 92 2.20 -0.97 -10.36
N THR A 93 1.93 -2.28 -10.32
CA THR A 93 0.73 -2.79 -9.68
C THR A 93 1.07 -3.86 -8.65
N VAL A 94 0.61 -3.64 -7.41
CA VAL A 94 0.87 -4.57 -6.33
C VAL A 94 -0.41 -5.32 -5.94
N HIS A 95 -0.24 -6.48 -5.32
CA HIS A 95 -1.38 -7.29 -4.88
C HIS A 95 -1.38 -7.46 -3.37
N VAL A 96 -2.50 -7.10 -2.74
CA VAL A 96 -2.64 -7.22 -1.29
C VAL A 96 -3.12 -8.60 -0.90
N LEU A 97 -2.57 -9.14 0.19
CA LEU A 97 -2.95 -10.46 0.67
C LEU A 97 -3.12 -10.45 2.19
N ARG A 98 -4.34 -10.74 2.65
CA ARG A 98 -4.64 -10.76 4.07
C ARG A 98 -4.25 -12.10 4.69
N LYS A 99 -3.59 -12.05 5.84
CA LYS A 99 -3.16 -13.26 6.53
C LYS A 99 -4.35 -14.17 6.83
N SER A 100 -5.35 -13.62 7.53
CA SER A 100 -6.55 -14.38 7.88
C SER A 100 -6.19 -15.54 8.80
N TRP A 101 -5.31 -15.28 9.76
CA TRP A 101 -4.88 -16.30 10.71
C TRP A 101 -6.05 -17.21 11.09
N SER A 102 -7.20 -16.61 11.38
CA SER A 102 -8.39 -17.36 11.76
C SER A 102 -9.62 -16.46 11.80
N GLY A 103 -10.78 -17.07 11.99
CA GLY A 103 -12.01 -16.30 12.07
C GLY A 103 -12.73 -16.46 13.38
N PRO A 104 -12.18 -15.82 14.44
CA PRO A 104 -12.75 -15.88 15.78
C PRO A 104 -14.08 -15.13 15.88
N SER A 105 -14.96 -15.60 16.76
CA SER A 105 -16.26 -14.97 16.95
C SER A 105 -16.18 -13.83 17.96
N SER A 106 -16.94 -12.77 17.72
CA SER A 106 -16.95 -11.61 18.60
C SER A 106 -17.83 -11.86 19.82
N GLY A 107 -19.05 -12.33 19.56
CA GLY A 107 -19.98 -12.61 20.64
C GLY A 107 -20.83 -11.40 21.00
N GLY A 1 -11.61 8.97 12.90
CA GLY A 1 -13.00 9.03 12.50
C GLY A 1 -13.78 10.08 13.28
N SER A 2 -14.03 11.21 12.64
CA SER A 2 -14.77 12.31 13.28
C SER A 2 -15.90 12.80 12.37
N SER A 3 -16.99 13.23 13.00
CA SER A 3 -18.15 13.72 12.25
C SER A 3 -17.82 15.03 11.55
N GLY A 4 -17.66 14.95 10.22
CA GLY A 4 -17.34 16.14 9.45
C GLY A 4 -15.85 16.32 9.24
N SER A 5 -15.34 15.72 8.16
CA SER A 5 -13.91 15.80 7.85
C SER A 5 -13.66 15.42 6.40
N SER A 6 -12.54 15.91 5.85
CA SER A 6 -12.18 15.63 4.47
C SER A 6 -10.76 16.09 4.17
N GLY A 7 -9.94 15.18 3.67
CA GLY A 7 -8.56 15.50 3.35
C GLY A 7 -8.10 14.89 2.04
N MET A 8 -8.16 15.67 0.97
CA MET A 8 -7.74 15.19 -0.34
C MET A 8 -6.99 16.27 -1.11
N SER A 9 -5.79 15.95 -1.57
CA SER A 9 -4.98 16.90 -2.31
C SER A 9 -4.42 16.26 -3.58
N LEU A 10 -3.58 17.01 -4.29
CA LEU A 10 -2.97 16.52 -5.52
C LEU A 10 -1.53 16.07 -5.28
N SER A 11 -1.31 14.76 -5.30
CA SER A 11 0.01 14.20 -5.08
C SER A 11 0.72 13.94 -6.40
N ASP A 12 2.05 13.86 -6.36
CA ASP A 12 2.84 13.61 -7.56
C ASP A 12 3.07 12.12 -7.75
N TRP A 13 3.53 11.45 -6.69
CA TRP A 13 3.79 10.02 -6.75
C TRP A 13 2.52 9.22 -6.52
N HIS A 14 2.17 8.36 -7.47
CA HIS A 14 0.98 7.54 -7.36
C HIS A 14 1.31 6.07 -7.57
N LEU A 15 0.50 5.18 -7.00
CA LEU A 15 0.71 3.75 -7.12
C LEU A 15 -0.62 3.01 -7.24
N ALA A 16 -0.60 1.85 -7.89
CA ALA A 16 -1.80 1.06 -8.07
C ALA A 16 -1.94 0.02 -6.96
N VAL A 17 -3.18 -0.33 -6.63
CA VAL A 17 -3.45 -1.31 -5.59
C VAL A 17 -4.44 -2.36 -6.07
N LYS A 18 -4.12 -3.63 -5.82
CA LYS A 18 -4.98 -4.73 -6.23
C LYS A 18 -5.14 -5.74 -5.10
N LEU A 19 -6.31 -6.34 -5.01
CA LEU A 19 -6.60 -7.33 -3.98
C LEU A 19 -6.35 -8.75 -4.48
N ALA A 20 -5.52 -9.50 -3.77
CA ALA A 20 -5.20 -10.87 -4.15
C ALA A 20 -6.36 -11.81 -3.81
N ASP A 21 -7.26 -11.35 -2.96
CA ASP A 21 -8.41 -12.16 -2.56
C ASP A 21 -9.59 -11.92 -3.49
N GLN A 22 -9.63 -10.75 -4.11
CA GLN A 22 -10.70 -10.40 -5.03
C GLN A 22 -10.14 -9.83 -6.34
N PRO A 23 -9.80 -10.72 -7.27
CA PRO A 23 -9.25 -10.33 -8.57
C PRO A 23 -10.28 -9.64 -9.46
N LEU A 24 -11.54 -9.64 -9.00
CA LEU A 24 -12.62 -9.01 -9.75
C LEU A 24 -12.88 -7.61 -9.26
N ALA A 25 -12.55 -7.34 -8.00
CA ALA A 25 -12.74 -6.03 -7.41
C ALA A 25 -12.01 -4.95 -8.21
N PRO A 26 -12.56 -3.73 -8.21
CA PRO A 26 -11.97 -2.60 -8.93
C PRO A 26 -10.67 -2.12 -8.29
N LYS A 27 -9.68 -1.82 -9.13
CA LYS A 27 -8.39 -1.34 -8.64
C LYS A 27 -8.54 -0.04 -7.87
N SER A 28 -7.61 0.23 -6.97
CA SER A 28 -7.64 1.45 -6.17
C SER A 28 -6.29 2.17 -6.22
N ILE A 29 -6.34 3.49 -6.43
CA ILE A 29 -5.13 4.29 -6.50
C ILE A 29 -4.76 4.85 -5.13
N LEU A 30 -3.49 4.68 -4.76
CA LEU A 30 -3.01 5.17 -3.47
C LEU A 30 -2.03 6.33 -3.66
N GLN A 31 -2.19 7.37 -2.85
CA GLN A 31 -1.32 8.54 -2.92
C GLN A 31 -0.53 8.70 -1.63
N LEU A 32 0.72 8.24 -1.65
CA LEU A 32 1.59 8.34 -0.48
C LEU A 32 2.06 9.78 -0.27
N PRO A 33 2.36 10.13 0.98
CA PRO A 33 2.82 11.48 1.34
C PRO A 33 4.24 11.75 0.83
N GLU A 34 4.35 12.72 -0.07
CA GLU A 34 5.64 13.08 -0.64
C GLU A 34 6.71 13.18 0.46
N THR A 35 7.97 13.21 0.05
CA THR A 35 9.08 13.31 0.98
C THR A 35 9.95 14.52 0.69
N GLU A 36 10.56 15.07 1.74
CA GLU A 36 11.42 16.24 1.59
C GLU A 36 12.31 16.10 0.36
N LEU A 37 12.70 14.87 0.05
CA LEU A 37 13.56 14.60 -1.09
C LEU A 37 12.88 15.01 -2.40
N GLY A 38 13.63 14.94 -3.49
CA GLY A 38 13.08 15.30 -4.78
C GLY A 38 11.91 14.43 -5.19
N GLU A 39 11.84 14.09 -6.48
CA GLU A 39 10.76 13.27 -6.99
C GLU A 39 11.29 11.92 -7.46
N TYR A 40 12.56 11.90 -7.87
CA TYR A 40 13.19 10.67 -8.36
C TYR A 40 12.83 9.49 -7.46
N SER A 41 13.11 8.28 -7.95
CA SER A 41 12.82 7.07 -7.19
C SER A 41 13.05 7.29 -5.70
N LEU A 42 11.97 7.41 -4.94
CA LEU A 42 12.06 7.63 -3.51
C LEU A 42 13.25 6.87 -2.91
N GLY A 43 13.41 5.62 -3.32
CA GLY A 43 14.50 4.81 -2.82
C GLY A 43 14.82 5.08 -1.36
N GLY A 44 13.92 4.64 -0.47
CA GLY A 44 14.13 4.87 0.95
C GLY A 44 12.96 4.37 1.78
N TYR A 45 11.75 4.54 1.26
CA TYR A 45 10.55 4.11 1.97
C TYR A 45 10.62 2.63 2.31
N SER A 46 10.01 2.27 3.45
CA SER A 46 10.01 0.88 3.90
C SER A 46 8.65 0.22 3.61
N ILE A 47 8.71 -1.01 3.11
CA ILE A 47 7.48 -1.75 2.80
C ILE A 47 6.44 -1.60 3.90
N SER A 48 6.88 -1.80 5.14
CA SER A 48 5.99 -1.69 6.29
C SER A 48 5.04 -0.51 6.12
N PHE A 49 5.59 0.66 5.83
CA PHE A 49 4.79 1.86 5.65
C PHE A 49 3.63 1.61 4.69
N LEU A 50 3.97 1.22 3.46
CA LEU A 50 2.97 0.94 2.44
C LEU A 50 1.85 0.07 3.01
N LYS A 51 2.22 -1.10 3.50
CA LYS A 51 1.24 -2.03 4.07
C LYS A 51 0.23 -1.29 4.94
N GLN A 52 0.63 -0.13 5.45
CA GLN A 52 -0.24 0.68 6.30
C GLN A 52 -1.16 1.56 5.45
N LEU A 53 -0.56 2.28 4.51
CA LEU A 53 -1.32 3.17 3.63
C LEU A 53 -2.43 2.40 2.92
N ILE A 54 -2.05 1.36 2.19
CA ILE A 54 -3.01 0.55 1.45
C ILE A 54 -4.09 -0.01 2.39
N ALA A 55 -3.65 -0.58 3.51
CA ALA A 55 -4.57 -1.14 4.49
C ALA A 55 -5.57 -0.09 4.97
N GLY A 56 -5.14 1.17 4.97
CA GLY A 56 -6.01 2.24 5.41
C GLY A 56 -7.11 2.56 4.42
N LYS A 57 -6.87 2.21 3.15
CA LYS A 57 -7.84 2.46 2.10
C LYS A 57 -8.69 1.21 1.84
N LEU A 58 -8.04 0.06 1.84
CA LEU A 58 -8.72 -1.21 1.61
C LEU A 58 -9.62 -1.57 2.78
N GLN A 59 -9.62 -0.72 3.80
CA GLN A 59 -10.43 -0.95 4.99
C GLN A 59 -11.71 -1.69 4.64
N GLU A 60 -12.27 -1.38 3.47
CA GLU A 60 -13.50 -2.02 3.02
C GLU A 60 -13.45 -3.52 3.27
N SER A 61 -12.38 -4.17 2.82
CA SER A 61 -12.22 -5.60 2.99
C SER A 61 -11.07 -5.91 3.95
N VAL A 62 -10.05 -5.06 3.92
CA VAL A 62 -8.89 -5.24 4.79
C VAL A 62 -9.17 -4.76 6.20
N PRO A 63 -9.15 -5.68 7.17
CA PRO A 63 -9.42 -5.37 8.58
C PRO A 63 -8.29 -4.55 9.20
N ASP A 64 -7.06 -5.02 9.04
CA ASP A 64 -5.90 -4.34 9.59
C ASP A 64 -4.66 -4.59 8.73
N PRO A 65 -3.68 -3.67 8.82
CA PRO A 65 -2.43 -3.77 8.06
C PRO A 65 -1.54 -4.90 8.56
N GLU A 66 -1.77 -5.33 9.80
CA GLU A 66 -0.99 -6.41 10.40
C GLU A 66 -1.58 -7.77 10.03
N LEU A 67 -2.88 -7.80 9.79
CA LEU A 67 -3.57 -9.04 9.44
C LEU A 67 -3.47 -9.31 7.94
N ILE A 68 -2.66 -8.51 7.25
CA ILE A 68 -2.47 -8.66 5.82
C ILE A 68 -1.03 -8.42 5.42
N ASP A 69 -0.62 -9.04 4.32
CA ASP A 69 0.76 -8.89 3.83
C ASP A 69 0.77 -8.23 2.45
N LEU A 70 1.97 -7.92 1.97
CA LEU A 70 2.13 -7.29 0.67
C LEU A 70 2.83 -8.23 -0.32
N ILE A 71 2.27 -8.36 -1.51
CA ILE A 71 2.84 -9.22 -2.54
C ILE A 71 3.17 -8.42 -3.81
N TYR A 72 4.41 -8.54 -4.26
CA TYR A 72 4.85 -7.84 -5.46
C TYR A 72 5.80 -8.70 -6.28
N CYS A 73 5.71 -8.57 -7.60
CA CYS A 73 6.56 -9.34 -8.50
C CYS A 73 6.49 -10.83 -8.17
N GLY A 74 5.31 -11.29 -7.76
CA GLY A 74 5.14 -12.68 -7.42
C GLY A 74 5.97 -13.10 -6.22
N ARG A 75 6.17 -12.18 -5.28
CA ARG A 75 6.96 -12.46 -4.09
C ARG A 75 6.64 -11.45 -2.99
N LYS A 76 6.37 -11.97 -1.79
CA LYS A 76 6.05 -11.11 -0.65
C LYS A 76 7.16 -10.09 -0.40
N LEU A 77 6.78 -8.94 0.15
CA LEU A 77 7.74 -7.88 0.44
C LEU A 77 7.91 -7.70 1.94
N LYS A 78 9.09 -8.06 2.45
CA LYS A 78 9.39 -7.93 3.87
C LYS A 78 9.36 -6.46 4.30
N ASP A 79 9.26 -6.24 5.61
CA ASP A 79 9.23 -4.89 6.15
C ASP A 79 10.63 -4.36 6.37
N ASP A 80 11.64 -5.15 6.00
CA ASP A 80 13.03 -4.76 6.16
C ASP A 80 13.61 -4.27 4.84
N GLN A 81 12.82 -4.38 3.77
CA GLN A 81 13.26 -3.96 2.45
C GLN A 81 12.77 -2.55 2.13
N THR A 82 13.08 -2.08 0.92
CA THR A 82 12.66 -0.76 0.50
C THR A 82 12.18 -0.76 -0.94
N LEU A 83 11.49 0.30 -1.34
CA LEU A 83 10.96 0.41 -2.70
C LEU A 83 12.06 0.16 -3.72
N ASP A 84 13.25 0.67 -3.45
CA ASP A 84 14.39 0.49 -4.35
C ASP A 84 14.90 -0.95 -4.31
N PHE A 85 15.13 -1.45 -3.11
CA PHE A 85 15.61 -2.82 -2.93
C PHE A 85 14.88 -3.78 -3.86
N TYR A 86 13.60 -3.51 -4.08
CA TYR A 86 12.78 -4.36 -4.95
C TYR A 86 12.68 -3.76 -6.35
N GLY A 87 12.78 -2.45 -6.43
CA GLY A 87 12.70 -1.77 -7.71
C GLY A 87 11.30 -1.26 -8.02
N ILE A 88 10.45 -1.23 -6.99
CA ILE A 88 9.08 -0.75 -7.16
C ILE A 88 9.05 0.62 -7.81
N GLN A 89 8.00 0.88 -8.59
CA GLN A 89 7.86 2.15 -9.28
C GLN A 89 6.44 2.69 -9.13
N PRO A 90 6.27 4.00 -9.36
CA PRO A 90 4.96 4.66 -9.26
C PRO A 90 4.00 4.23 -10.36
N GLY A 91 4.45 3.31 -11.20
CA GLY A 91 3.63 2.84 -12.29
C GLY A 91 3.28 1.36 -12.16
N SER A 92 3.83 0.71 -11.14
CA SER A 92 3.58 -0.70 -10.91
C SER A 92 2.36 -0.90 -10.02
N THR A 93 1.97 -2.16 -9.84
CA THR A 93 0.82 -2.49 -9.01
C THR A 93 1.15 -3.58 -8.01
N VAL A 94 0.81 -3.34 -6.74
CA VAL A 94 1.07 -4.31 -5.68
C VAL A 94 -0.20 -5.01 -5.24
N HIS A 95 -0.12 -6.31 -5.02
CA HIS A 95 -1.26 -7.09 -4.60
C HIS A 95 -1.26 -7.30 -3.09
N VAL A 96 -2.45 -7.33 -2.48
CA VAL A 96 -2.57 -7.51 -1.05
C VAL A 96 -3.04 -8.91 -0.71
N LEU A 97 -2.62 -9.42 0.44
CA LEU A 97 -3.00 -10.76 0.88
C LEU A 97 -3.67 -10.71 2.25
N ARG A 98 -4.76 -11.45 2.39
CA ARG A 98 -5.50 -11.50 3.66
C ARG A 98 -5.07 -12.72 4.48
N LYS A 99 -4.24 -12.48 5.49
CA LYS A 99 -3.77 -13.54 6.36
C LYS A 99 -4.93 -14.40 6.86
N SER A 100 -4.62 -15.62 7.29
CA SER A 100 -5.64 -16.53 7.79
C SER A 100 -5.49 -16.74 9.29
N TRP A 101 -4.25 -16.80 9.75
CA TRP A 101 -3.97 -16.99 11.17
C TRP A 101 -3.02 -15.92 11.68
N SER A 102 -3.35 -15.34 12.84
CA SER A 102 -2.51 -14.30 13.44
C SER A 102 -1.03 -14.60 13.22
N GLY A 103 -0.52 -15.59 13.96
CA GLY A 103 0.88 -15.95 13.83
C GLY A 103 1.77 -15.18 14.80
N PRO A 104 1.77 -15.61 16.07
CA PRO A 104 2.57 -14.97 17.13
C PRO A 104 4.06 -15.21 16.94
N SER A 105 4.87 -14.37 17.57
CA SER A 105 6.32 -14.51 17.47
C SER A 105 6.88 -15.28 18.66
N SER A 106 7.85 -16.14 18.39
CA SER A 106 8.47 -16.96 19.44
C SER A 106 9.84 -16.40 19.83
N GLY A 107 10.43 -16.99 20.86
CA GLY A 107 11.74 -16.54 21.31
C GLY A 107 12.45 -17.56 22.16
N GLY A 1 -11.95 38.78 -11.37
CA GLY A 1 -12.20 37.55 -10.64
C GLY A 1 -10.98 36.65 -10.60
N SER A 2 -10.12 36.86 -9.60
CA SER A 2 -8.91 36.07 -9.45
C SER A 2 -9.25 34.61 -9.16
N SER A 3 -9.02 33.74 -10.14
CA SER A 3 -9.31 32.32 -9.99
C SER A 3 -8.19 31.47 -10.59
N GLY A 4 -7.88 30.36 -9.94
CA GLY A 4 -6.83 29.48 -10.44
C GLY A 4 -6.56 28.33 -9.48
N SER A 5 -7.61 27.75 -8.92
CA SER A 5 -7.48 26.64 -7.98
C SER A 5 -7.70 25.31 -8.69
N SER A 6 -6.62 24.55 -8.87
CA SER A 6 -6.70 23.25 -9.53
C SER A 6 -7.62 22.31 -8.78
N GLY A 7 -7.47 22.27 -7.46
CA GLY A 7 -8.28 21.40 -6.65
C GLY A 7 -7.53 20.83 -5.45
N MET A 8 -8.20 19.97 -4.69
CA MET A 8 -7.58 19.35 -3.52
C MET A 8 -6.10 19.07 -3.78
N SER A 9 -5.30 19.15 -2.71
CA SER A 9 -3.86 18.90 -2.83
C SER A 9 -3.60 17.56 -3.50
N LEU A 10 -3.09 17.61 -4.73
CA LEU A 10 -2.79 16.40 -5.48
C LEU A 10 -1.39 15.89 -5.16
N SER A 11 -1.17 14.61 -5.40
CA SER A 11 0.12 13.99 -5.12
C SER A 11 0.87 13.70 -6.42
N ASP A 12 2.20 13.76 -6.36
CA ASP A 12 3.03 13.49 -7.52
C ASP A 12 3.22 11.99 -7.73
N TRP A 13 3.60 11.30 -6.66
CA TRP A 13 3.82 9.87 -6.72
C TRP A 13 2.51 9.10 -6.58
N HIS A 14 2.27 8.18 -7.52
CA HIS A 14 1.04 7.38 -7.50
C HIS A 14 1.36 5.90 -7.64
N LEU A 15 0.49 5.05 -7.11
CA LEU A 15 0.67 3.61 -7.19
C LEU A 15 -0.66 2.89 -7.37
N ALA A 16 -0.61 1.69 -7.94
CA ALA A 16 -1.81 0.91 -8.16
C ALA A 16 -2.00 -0.14 -7.06
N VAL A 17 -3.26 -0.43 -6.73
CA VAL A 17 -3.57 -1.41 -5.70
C VAL A 17 -4.60 -2.41 -6.20
N LYS A 18 -4.34 -3.69 -5.93
CA LYS A 18 -5.25 -4.75 -6.35
C LYS A 18 -5.45 -5.76 -5.23
N LEU A 19 -6.71 -6.06 -4.93
CA LEU A 19 -7.04 -7.01 -3.88
C LEU A 19 -6.89 -8.45 -4.37
N ALA A 20 -5.92 -9.15 -3.79
CA ALA A 20 -5.66 -10.54 -4.18
C ALA A 20 -6.88 -11.42 -3.91
N ASP A 21 -7.56 -11.16 -2.80
CA ASP A 21 -8.74 -11.92 -2.43
C ASP A 21 -9.85 -11.74 -3.46
N GLN A 22 -9.94 -10.54 -4.02
CA GLN A 22 -10.95 -10.24 -5.03
C GLN A 22 -10.31 -9.71 -6.31
N PRO A 23 -10.01 -10.62 -7.24
CA PRO A 23 -9.38 -10.26 -8.52
C PRO A 23 -10.34 -9.52 -9.44
N LEU A 24 -11.62 -9.53 -9.08
CA LEU A 24 -12.64 -8.85 -9.88
C LEU A 24 -12.86 -7.42 -9.38
N ALA A 25 -12.60 -7.20 -8.09
CA ALA A 25 -12.76 -5.88 -7.50
C ALA A 25 -12.02 -4.82 -8.30
N PRO A 26 -12.53 -3.57 -8.23
CA PRO A 26 -11.92 -2.45 -8.94
C PRO A 26 -10.57 -2.05 -8.37
N LYS A 27 -9.72 -1.45 -9.21
CA LYS A 27 -8.40 -1.03 -8.80
C LYS A 27 -8.48 0.23 -7.93
N SER A 28 -7.47 0.43 -7.09
CA SER A 28 -7.43 1.58 -6.20
C SER A 28 -6.07 2.27 -6.27
N ILE A 29 -6.08 3.57 -6.55
CA ILE A 29 -4.84 4.34 -6.65
C ILE A 29 -4.48 4.96 -5.30
N LEU A 30 -3.33 4.60 -4.77
CA LEU A 30 -2.87 5.12 -3.49
C LEU A 30 -1.80 6.19 -3.69
N GLN A 31 -1.98 7.34 -3.04
CA GLN A 31 -1.03 8.44 -3.15
C GLN A 31 -0.28 8.64 -1.83
N LEU A 32 0.95 8.11 -1.78
CA LEU A 32 1.77 8.23 -0.58
C LEU A 32 2.23 9.67 -0.38
N PRO A 33 2.50 10.03 0.89
CA PRO A 33 2.95 11.38 1.24
C PRO A 33 4.38 11.65 0.76
N GLU A 34 4.77 12.93 0.79
CA GLU A 34 6.10 13.32 0.36
C GLU A 34 7.15 12.92 1.39
N THR A 35 8.41 13.12 1.04
CA THR A 35 9.51 12.79 1.94
C THR A 35 10.27 14.04 2.38
N GLU A 36 10.64 14.08 3.66
CA GLU A 36 11.37 15.22 4.20
C GLU A 36 12.71 15.39 3.49
N LEU A 37 13.29 14.29 3.06
CA LEU A 37 14.58 14.31 2.37
C LEU A 37 14.51 15.21 1.13
N GLY A 38 13.62 14.85 0.20
CA GLY A 38 13.47 15.64 -1.01
C GLY A 38 12.63 14.92 -2.06
N GLU A 39 12.34 15.62 -3.15
CA GLU A 39 11.54 15.04 -4.22
C GLU A 39 12.28 13.91 -4.91
N TYR A 40 13.61 14.00 -4.93
CA TYR A 40 14.43 12.97 -5.56
C TYR A 40 13.84 11.59 -5.34
N SER A 41 14.16 10.67 -6.24
CA SER A 41 13.66 9.29 -6.14
C SER A 41 13.55 8.86 -4.69
N LEU A 42 12.31 8.66 -4.23
CA LEU A 42 12.07 8.25 -2.85
C LEU A 42 13.15 7.29 -2.37
N GLY A 43 13.17 6.09 -2.93
CA GLY A 43 14.16 5.11 -2.54
C GLY A 43 14.52 5.19 -1.07
N GLY A 44 13.68 4.59 -0.22
CA GLY A 44 13.93 4.61 1.21
C GLY A 44 12.74 4.13 2.00
N TYR A 45 11.54 4.38 1.49
CA TYR A 45 10.31 3.98 2.16
C TYR A 45 10.36 2.49 2.52
N SER A 46 9.93 2.17 3.74
CA SER A 46 9.92 0.79 4.20
C SER A 46 8.60 0.11 3.85
N ILE A 47 8.70 -1.04 3.19
CA ILE A 47 7.52 -1.79 2.79
C ILE A 47 6.42 -1.68 3.85
N SER A 48 6.82 -1.68 5.12
CA SER A 48 5.87 -1.59 6.22
C SER A 48 4.89 -0.44 6.01
N PHE A 49 5.44 0.75 5.75
CA PHE A 49 4.62 1.93 5.53
C PHE A 49 3.45 1.62 4.60
N LEU A 50 3.77 1.22 3.38
CA LEU A 50 2.75 0.89 2.38
C LEU A 50 1.69 -0.02 2.99
N LYS A 51 2.12 -1.17 3.50
CA LYS A 51 1.21 -2.12 4.11
C LYS A 51 0.19 -1.42 5.00
N GLN A 52 0.54 -0.22 5.46
CA GLN A 52 -0.34 0.55 6.32
C GLN A 52 -1.26 1.43 5.49
N LEU A 53 -0.69 2.18 4.56
CA LEU A 53 -1.46 3.08 3.70
C LEU A 53 -2.60 2.33 3.02
N ILE A 54 -2.25 1.24 2.33
CA ILE A 54 -3.25 0.43 1.64
C ILE A 54 -4.31 -0.09 2.61
N ALA A 55 -3.85 -0.75 3.68
CA ALA A 55 -4.76 -1.29 4.67
C ALA A 55 -5.71 -0.21 5.21
N GLY A 56 -5.19 1.00 5.34
CA GLY A 56 -6.00 2.11 5.83
C GLY A 56 -7.03 2.57 4.82
N LYS A 57 -6.74 2.37 3.54
CA LYS A 57 -7.65 2.77 2.48
C LYS A 57 -8.64 1.65 2.16
N LEU A 58 -8.20 0.42 2.34
CA LEU A 58 -9.06 -0.74 2.09
C LEU A 58 -9.62 -1.31 3.38
N GLN A 59 -9.80 -0.43 4.38
CA GLN A 59 -10.33 -0.84 5.67
C GLN A 59 -11.66 -1.57 5.50
N GLU A 60 -12.26 -1.43 4.32
CA GLU A 60 -13.54 -2.08 4.03
C GLU A 60 -13.38 -3.59 4.01
N SER A 61 -12.23 -4.06 3.54
CA SER A 61 -11.96 -5.49 3.46
C SER A 61 -10.81 -5.88 4.40
N VAL A 62 -9.76 -5.06 4.41
CA VAL A 62 -8.60 -5.32 5.26
C VAL A 62 -8.89 -4.96 6.71
N PRO A 63 -8.79 -5.95 7.59
CA PRO A 63 -9.04 -5.76 9.03
C PRO A 63 -7.95 -4.92 9.70
N ASP A 64 -6.71 -5.31 9.49
CA ASP A 64 -5.57 -4.60 10.07
C ASP A 64 -4.34 -4.71 9.17
N PRO A 65 -3.49 -3.67 9.20
CA PRO A 65 -2.27 -3.64 8.39
C PRO A 65 -1.21 -4.63 8.88
N GLU A 66 -1.46 -5.21 10.05
CA GLU A 66 -0.53 -6.18 10.62
C GLU A 66 -0.97 -7.61 10.29
N LEU A 67 -2.27 -7.79 10.06
CA LEU A 67 -2.81 -9.10 9.74
C LEU A 67 -2.85 -9.31 8.22
N ILE A 68 -2.05 -8.54 7.49
CA ILE A 68 -1.99 -8.65 6.05
C ILE A 68 -0.56 -8.47 5.55
N ASP A 69 -0.35 -8.75 4.26
CA ASP A 69 0.97 -8.62 3.66
C ASP A 69 0.87 -8.01 2.26
N LEU A 70 2.01 -7.86 1.61
CA LEU A 70 2.05 -7.28 0.27
C LEU A 70 2.76 -8.22 -0.71
N ILE A 71 2.21 -8.35 -1.91
CA ILE A 71 2.79 -9.21 -2.93
C ILE A 71 3.14 -8.41 -4.18
N TYR A 72 4.36 -8.63 -4.67
CA TYR A 72 4.82 -7.92 -5.88
C TYR A 72 5.68 -8.84 -6.74
N CYS A 73 5.55 -8.69 -8.05
CA CYS A 73 6.31 -9.51 -9.00
C CYS A 73 6.19 -10.99 -8.65
N GLY A 74 5.10 -11.35 -7.99
CA GLY A 74 4.88 -12.74 -7.61
C GLY A 74 5.70 -13.14 -6.40
N ARG A 75 6.02 -12.16 -5.55
CA ARG A 75 6.80 -12.42 -4.35
C ARG A 75 6.39 -11.48 -3.23
N LYS A 76 6.18 -12.04 -2.04
CA LYS A 76 5.79 -11.25 -0.88
C LYS A 76 6.94 -10.34 -0.42
N LEU A 77 6.64 -9.06 -0.26
CA LEU A 77 7.65 -8.10 0.17
C LEU A 77 7.60 -7.91 1.68
N LYS A 78 8.67 -8.31 2.36
CA LYS A 78 8.76 -8.18 3.81
C LYS A 78 8.75 -6.71 4.23
N ASP A 79 8.77 -6.48 5.53
CA ASP A 79 8.76 -5.12 6.06
C ASP A 79 10.18 -4.64 6.34
N ASP A 80 11.16 -5.43 5.91
CA ASP A 80 12.57 -5.09 6.11
C ASP A 80 13.21 -4.59 4.82
N GLN A 81 12.41 -4.56 3.75
CA GLN A 81 12.90 -4.10 2.45
C GLN A 81 12.42 -2.68 2.17
N THR A 82 12.93 -2.09 1.09
CA THR A 82 12.56 -0.74 0.70
C THR A 82 12.15 -0.68 -0.77
N LEU A 83 11.25 0.24 -1.09
CA LEU A 83 10.77 0.41 -2.46
C LEU A 83 11.91 0.19 -3.46
N ASP A 84 13.08 0.71 -3.13
CA ASP A 84 14.25 0.56 -4.00
C ASP A 84 14.80 -0.86 -3.94
N PHE A 85 15.00 -1.36 -2.72
CA PHE A 85 15.53 -2.70 -2.53
C PHE A 85 14.90 -3.68 -3.51
N TYR A 86 13.60 -3.54 -3.71
CA TYR A 86 12.86 -4.42 -4.62
C TYR A 86 12.86 -3.84 -6.04
N GLY A 87 13.02 -2.54 -6.14
CA GLY A 87 13.03 -1.88 -7.44
C GLY A 87 11.66 -1.48 -7.90
N ILE A 88 10.77 -1.22 -6.95
CA ILE A 88 9.39 -0.82 -7.25
C ILE A 88 9.35 0.60 -7.81
N GLN A 89 8.67 0.77 -8.94
CA GLN A 89 8.55 2.08 -9.57
C GLN A 89 7.15 2.66 -9.37
N PRO A 90 7.05 3.99 -9.43
CA PRO A 90 5.77 4.69 -9.25
C PRO A 90 4.83 4.48 -10.44
N GLY A 91 4.04 3.41 -10.37
CA GLY A 91 3.11 3.12 -11.44
C GLY A 91 2.79 1.64 -11.54
N SER A 92 3.58 0.82 -10.85
CA SER A 92 3.38 -0.63 -10.87
C SER A 92 2.12 -1.01 -10.09
N THR A 93 1.89 -2.31 -9.96
CA THR A 93 0.73 -2.82 -9.24
C THR A 93 1.13 -3.82 -8.17
N VAL A 94 0.60 -3.65 -6.96
CA VAL A 94 0.90 -4.54 -5.85
C VAL A 94 -0.35 -5.21 -5.32
N HIS A 95 -0.32 -6.54 -5.22
CA HIS A 95 -1.47 -7.28 -4.72
C HIS A 95 -1.38 -7.48 -3.21
N VAL A 96 -2.49 -7.22 -2.51
CA VAL A 96 -2.52 -7.36 -1.07
C VAL A 96 -3.11 -8.70 -0.66
N LEU A 97 -2.43 -9.41 0.24
CA LEU A 97 -2.89 -10.71 0.70
C LEU A 97 -3.02 -10.72 2.22
N ARG A 98 -4.22 -10.97 2.71
CA ARG A 98 -4.47 -11.02 4.15
C ARG A 98 -4.14 -12.40 4.71
N LYS A 99 -3.59 -12.42 5.92
CA LYS A 99 -3.22 -13.67 6.57
C LYS A 99 -4.46 -14.40 7.08
N SER A 100 -4.62 -15.64 6.65
CA SER A 100 -5.77 -16.44 7.06
C SER A 100 -5.47 -17.22 8.34
N TRP A 101 -5.89 -16.68 9.47
CA TRP A 101 -5.66 -17.31 10.76
C TRP A 101 -6.55 -16.68 11.83
N SER A 102 -6.71 -17.40 12.95
CA SER A 102 -7.53 -16.91 14.05
C SER A 102 -7.08 -15.52 14.49
N GLY A 103 -7.80 -14.95 15.46
CA GLY A 103 -7.46 -13.63 15.95
C GLY A 103 -6.99 -13.65 17.39
N PRO A 104 -5.71 -13.32 17.60
CA PRO A 104 -5.11 -13.30 18.94
C PRO A 104 -5.65 -12.15 19.79
N SER A 105 -6.29 -11.19 19.15
CA SER A 105 -6.85 -10.04 19.85
C SER A 105 -7.35 -10.43 21.23
N SER A 106 -6.69 -9.93 22.26
CA SER A 106 -7.07 -10.24 23.64
C SER A 106 -8.32 -9.46 24.04
N GLY A 107 -9.01 -9.95 25.06
CA GLY A 107 -10.21 -9.30 25.53
C GLY A 107 -11.47 -9.90 24.94
N GLY A 1 -23.68 10.72 12.26
CA GLY A 1 -23.14 12.01 12.67
C GLY A 1 -22.50 12.76 11.50
N SER A 2 -22.63 14.08 11.52
CA SER A 2 -22.06 14.92 10.47
C SER A 2 -20.55 14.79 10.43
N SER A 3 -20.02 14.47 9.26
CA SER A 3 -18.58 14.30 9.08
C SER A 3 -18.02 15.37 8.15
N GLY A 4 -16.93 16.00 8.56
CA GLY A 4 -16.31 17.03 7.74
C GLY A 4 -14.97 16.60 7.17
N SER A 5 -14.82 16.76 5.86
CA SER A 5 -13.58 16.39 5.19
C SER A 5 -12.57 17.53 5.21
N SER A 6 -11.30 17.19 5.32
CA SER A 6 -10.24 18.19 5.37
C SER A 6 -9.48 18.24 4.03
N GLY A 7 -9.06 17.07 3.56
CA GLY A 7 -8.34 17.01 2.31
C GLY A 7 -6.86 17.32 2.47
N MET A 8 -6.02 16.30 2.27
CA MET A 8 -4.58 16.46 2.40
C MET A 8 -3.96 16.91 1.08
N SER A 9 -2.78 17.52 1.15
CA SER A 9 -2.08 18.00 -0.03
C SER A 9 -2.06 16.92 -1.12
N LEU A 10 -1.57 17.29 -2.29
CA LEU A 10 -1.48 16.37 -3.41
C LEU A 10 -0.05 15.87 -3.60
N SER A 11 0.08 14.61 -4.02
CA SER A 11 1.40 14.01 -4.24
C SER A 11 1.61 13.68 -5.71
N ASP A 12 2.87 13.71 -6.14
CA ASP A 12 3.20 13.41 -7.53
C ASP A 12 3.35 11.91 -7.74
N TRP A 13 4.03 11.24 -6.81
CA TRP A 13 4.24 9.81 -6.90
C TRP A 13 2.96 9.05 -6.58
N HIS A 14 2.56 8.16 -7.48
CA HIS A 14 1.35 7.37 -7.29
C HIS A 14 1.63 5.88 -7.51
N LEU A 15 0.71 5.04 -7.06
CA LEU A 15 0.85 3.60 -7.21
C LEU A 15 -0.51 2.92 -7.32
N ALA A 16 -0.52 1.73 -7.91
CA ALA A 16 -1.76 0.97 -8.08
C ALA A 16 -1.93 -0.06 -6.97
N VAL A 17 -3.18 -0.40 -6.68
CA VAL A 17 -3.47 -1.38 -5.63
C VAL A 17 -4.53 -2.38 -6.10
N LYS A 18 -4.31 -3.65 -5.78
CA LYS A 18 -5.24 -4.70 -6.16
C LYS A 18 -5.43 -5.71 -5.02
N LEU A 19 -6.61 -6.30 -4.95
CA LEU A 19 -6.91 -7.28 -3.91
C LEU A 19 -6.73 -8.70 -4.44
N ALA A 20 -5.76 -9.42 -3.88
CA ALA A 20 -5.48 -10.79 -4.30
C ALA A 20 -6.68 -11.69 -4.02
N ASP A 21 -7.39 -11.42 -2.93
CA ASP A 21 -8.56 -12.21 -2.56
C ASP A 21 -9.72 -11.95 -3.52
N GLN A 22 -9.71 -10.76 -4.13
CA GLN A 22 -10.76 -10.39 -5.07
C GLN A 22 -10.17 -9.78 -6.33
N PRO A 23 -9.83 -10.64 -7.31
CA PRO A 23 -9.26 -10.22 -8.59
C PRO A 23 -10.26 -9.47 -9.46
N LEU A 24 -11.51 -9.42 -9.00
CA LEU A 24 -12.57 -8.74 -9.74
C LEU A 24 -12.80 -7.34 -9.20
N ALA A 25 -12.45 -7.14 -7.93
CA ALA A 25 -12.62 -5.84 -7.29
C ALA A 25 -11.99 -4.73 -8.13
N PRO A 26 -12.58 -3.52 -8.05
CA PRO A 26 -12.10 -2.36 -8.80
C PRO A 26 -10.76 -1.85 -8.27
N LYS A 27 -9.76 -1.83 -9.15
CA LYS A 27 -8.43 -1.36 -8.77
C LYS A 27 -8.51 -0.09 -7.94
N SER A 28 -7.56 0.08 -7.02
CA SER A 28 -7.52 1.25 -6.16
C SER A 28 -6.19 1.98 -6.28
N ILE A 29 -6.26 3.30 -6.38
CA ILE A 29 -5.06 4.12 -6.50
C ILE A 29 -4.69 4.76 -5.17
N LEU A 30 -3.42 4.62 -4.78
CA LEU A 30 -2.95 5.18 -3.52
C LEU A 30 -1.93 6.28 -3.78
N GLN A 31 -1.88 7.27 -2.88
CA GLN A 31 -0.96 8.38 -3.01
C GLN A 31 -0.16 8.57 -1.73
N LEU A 32 1.09 8.11 -1.75
CA LEU A 32 1.97 8.22 -0.58
C LEU A 32 2.36 9.68 -0.34
N PRO A 33 2.65 10.02 0.92
CA PRO A 33 3.05 11.37 1.31
C PRO A 33 4.44 11.74 0.80
N GLU A 34 4.51 12.76 -0.04
CA GLU A 34 5.78 13.21 -0.60
C GLU A 34 6.87 13.21 0.46
N THR A 35 8.12 13.26 0.02
CA THR A 35 9.26 13.26 0.93
C THR A 35 10.23 14.39 0.59
N GLU A 36 11.06 14.76 1.56
CA GLU A 36 12.03 15.83 1.37
C GLU A 36 12.95 15.52 0.20
N LEU A 37 12.96 14.26 -0.23
CA LEU A 37 13.79 13.84 -1.36
C LEU A 37 13.25 14.39 -2.67
N GLY A 38 12.15 13.79 -3.14
CA GLY A 38 11.55 14.23 -4.38
C GLY A 38 10.71 13.15 -5.03
N GLU A 39 9.95 13.53 -6.06
CA GLU A 39 9.09 12.59 -6.76
C GLU A 39 9.91 11.68 -7.68
N TYR A 40 10.88 12.26 -8.37
CA TYR A 40 11.73 11.51 -9.28
C TYR A 40 12.00 10.11 -8.73
N SER A 41 12.19 10.01 -7.43
CA SER A 41 12.45 8.73 -6.78
C SER A 41 12.37 8.85 -5.26
N LEU A 42 12.27 7.72 -4.58
CA LEU A 42 12.18 7.71 -3.13
C LEU A 42 13.31 6.88 -2.52
N GLY A 43 13.41 5.62 -2.95
CA GLY A 43 14.46 4.76 -2.44
C GLY A 43 14.74 4.99 -0.97
N GLY A 44 13.86 4.49 -0.12
CA GLY A 44 14.04 4.65 1.32
C GLY A 44 12.83 4.21 2.11
N TYR A 45 11.66 4.25 1.48
CA TYR A 45 10.42 3.85 2.13
C TYR A 45 10.46 2.38 2.52
N SER A 46 10.00 2.08 3.73
CA SER A 46 9.99 0.71 4.23
C SER A 46 8.66 0.03 3.91
N ILE A 47 8.73 -1.14 3.28
CA ILE A 47 7.54 -1.90 2.92
C ILE A 47 6.45 -1.73 3.98
N SER A 48 6.82 -1.93 5.23
CA SER A 48 5.87 -1.80 6.34
C SER A 48 4.93 -0.62 6.11
N PHE A 49 5.50 0.57 5.97
CA PHE A 49 4.71 1.78 5.74
C PHE A 49 3.60 1.53 4.71
N LEU A 50 4.01 1.05 3.54
CA LEU A 50 3.05 0.77 2.46
C LEU A 50 1.89 -0.07 2.99
N LYS A 51 2.22 -1.19 3.64
CA LYS A 51 1.20 -2.07 4.19
C LYS A 51 0.22 -1.30 5.08
N GLN A 52 0.60 -0.09 5.46
CA GLN A 52 -0.25 0.74 6.30
C GLN A 52 -1.16 1.62 5.45
N LEU A 53 -0.57 2.28 4.45
CA LEU A 53 -1.33 3.16 3.57
C LEU A 53 -2.48 2.40 2.90
N ILE A 54 -2.14 1.34 2.18
CA ILE A 54 -3.15 0.52 1.51
C ILE A 54 -4.16 -0.05 2.50
N ALA A 55 -3.66 -0.52 3.63
CA ALA A 55 -4.51 -1.10 4.66
C ALA A 55 -5.50 -0.06 5.20
N GLY A 56 -5.15 1.20 5.05
CA GLY A 56 -6.02 2.27 5.52
C GLY A 56 -7.03 2.70 4.47
N LYS A 57 -6.75 2.37 3.22
CA LYS A 57 -7.64 2.72 2.12
C LYS A 57 -8.62 1.59 1.83
N LEU A 58 -8.16 0.36 1.99
CA LEU A 58 -9.00 -0.81 1.75
C LEU A 58 -9.67 -1.28 3.03
N GLN A 59 -9.78 -0.38 4.01
CA GLN A 59 -10.39 -0.71 5.29
C GLN A 59 -11.73 -1.42 5.09
N GLU A 60 -12.29 -1.28 3.89
CA GLU A 60 -13.57 -1.91 3.58
C GLU A 60 -13.47 -3.43 3.73
N SER A 61 -12.32 -3.98 3.38
CA SER A 61 -12.10 -5.42 3.47
C SER A 61 -10.94 -5.74 4.42
N VAL A 62 -9.89 -4.93 4.34
CA VAL A 62 -8.72 -5.13 5.19
C VAL A 62 -8.99 -4.63 6.61
N PRO A 63 -8.92 -5.56 7.58
CA PRO A 63 -9.16 -5.25 8.99
C PRO A 63 -8.03 -4.41 9.59
N ASP A 64 -6.80 -4.85 9.39
CA ASP A 64 -5.63 -4.14 9.91
C ASP A 64 -4.42 -4.36 9.00
N PRO A 65 -3.47 -3.42 9.06
CA PRO A 65 -2.24 -3.48 8.25
C PRO A 65 -1.31 -4.59 8.70
N GLU A 66 -1.49 -5.05 9.93
CA GLU A 66 -0.66 -6.12 10.47
C GLU A 66 -1.24 -7.49 10.14
N LEU A 67 -2.55 -7.54 9.93
CA LEU A 67 -3.23 -8.79 9.60
C LEU A 67 -3.26 -9.01 8.09
N ILE A 68 -2.39 -8.30 7.38
CA ILE A 68 -2.32 -8.42 5.93
C ILE A 68 -0.87 -8.37 5.44
N ASP A 69 -0.66 -8.75 4.18
CA ASP A 69 0.68 -8.75 3.60
C ASP A 69 0.65 -8.15 2.20
N LEU A 70 1.81 -7.65 1.76
CA LEU A 70 1.92 -7.04 0.44
C LEU A 70 2.69 -7.96 -0.52
N ILE A 71 2.13 -8.14 -1.71
CA ILE A 71 2.76 -8.99 -2.72
C ILE A 71 3.09 -8.20 -3.98
N TYR A 72 4.33 -8.32 -4.44
CA TYR A 72 4.77 -7.61 -5.63
C TYR A 72 5.71 -8.48 -6.46
N CYS A 73 5.48 -8.51 -7.77
CA CYS A 73 6.30 -9.30 -8.68
C CYS A 73 6.17 -10.78 -8.39
N GLY A 74 4.99 -11.18 -7.89
CA GLY A 74 4.75 -12.57 -7.57
C GLY A 74 5.51 -13.03 -6.35
N ARG A 75 5.95 -12.07 -5.54
CA ARG A 75 6.70 -12.38 -4.33
C ARG A 75 6.34 -11.41 -3.20
N LYS A 76 6.23 -11.94 -1.99
CA LYS A 76 5.89 -11.13 -0.82
C LYS A 76 7.04 -10.19 -0.46
N LEU A 77 6.69 -9.03 0.08
CA LEU A 77 7.69 -8.04 0.47
C LEU A 77 7.81 -7.96 1.99
N LYS A 78 9.05 -7.90 2.48
CA LYS A 78 9.30 -7.82 3.91
C LYS A 78 9.43 -6.37 4.36
N ASP A 79 9.28 -6.14 5.66
CA ASP A 79 9.37 -4.80 6.21
C ASP A 79 10.83 -4.36 6.32
N ASP A 80 11.74 -5.28 6.04
CA ASP A 80 13.17 -4.99 6.11
C ASP A 80 13.67 -4.50 4.75
N GLN A 81 12.78 -4.46 3.77
CA GLN A 81 13.15 -4.01 2.42
C GLN A 81 12.54 -2.64 2.13
N THR A 82 12.86 -2.10 0.95
CA THR A 82 12.36 -0.79 0.55
C THR A 82 11.93 -0.80 -0.91
N LEU A 83 11.38 0.32 -1.37
CA LEU A 83 10.92 0.45 -2.75
C LEU A 83 12.10 0.31 -3.71
N ASP A 84 13.23 0.87 -3.35
CA ASP A 84 14.43 0.82 -4.18
C ASP A 84 15.08 -0.57 -4.10
N PHE A 85 15.08 -1.13 -2.90
CA PHE A 85 15.67 -2.46 -2.68
C PHE A 85 15.17 -3.45 -3.73
N TYR A 86 13.88 -3.41 -4.02
CA TYR A 86 13.28 -4.30 -4.99
C TYR A 86 13.22 -3.64 -6.37
N GLY A 87 13.06 -2.33 -6.40
CA GLY A 87 13.00 -1.61 -7.65
C GLY A 87 11.58 -1.33 -8.09
N ILE A 88 10.66 -1.31 -7.14
CA ILE A 88 9.25 -1.05 -7.43
C ILE A 88 9.07 0.31 -8.09
N GLN A 89 8.31 0.34 -9.17
CA GLN A 89 8.05 1.60 -9.89
C GLN A 89 6.69 2.16 -9.53
N PRO A 90 6.55 3.48 -9.62
CA PRO A 90 5.30 4.18 -9.31
C PRO A 90 4.21 3.90 -10.35
N GLY A 91 4.54 3.05 -11.32
CA GLY A 91 3.57 2.72 -12.36
C GLY A 91 3.16 1.26 -12.31
N SER A 92 3.63 0.55 -11.30
CA SER A 92 3.31 -0.86 -11.15
C SER A 92 2.07 -1.05 -10.28
N THR A 93 1.74 -2.31 -9.98
CA THR A 93 0.59 -2.63 -9.16
C THR A 93 0.92 -3.67 -8.11
N VAL A 94 0.45 -3.45 -6.89
CA VAL A 94 0.71 -4.37 -5.79
C VAL A 94 -0.57 -5.09 -5.37
N HIS A 95 -0.42 -6.33 -4.91
CA HIS A 95 -1.56 -7.13 -4.48
C HIS A 95 -1.55 -7.32 -2.96
N VAL A 96 -2.74 -7.42 -2.37
CA VAL A 96 -2.86 -7.61 -0.93
C VAL A 96 -3.44 -8.97 -0.60
N LEU A 97 -2.72 -9.74 0.22
CA LEU A 97 -3.17 -11.07 0.62
C LEU A 97 -3.43 -11.12 2.12
N ARG A 98 -4.65 -11.52 2.48
CA ARG A 98 -5.03 -11.63 3.88
C ARG A 98 -4.36 -12.82 4.55
N LYS A 99 -3.73 -12.59 5.70
CA LYS A 99 -3.06 -13.66 6.43
C LYS A 99 -4.04 -14.73 6.85
N SER A 100 -4.10 -15.83 6.09
CA SER A 100 -5.00 -16.93 6.39
C SER A 100 -4.50 -17.74 7.58
N TRP A 101 -4.92 -17.36 8.78
CA TRP A 101 -4.50 -18.05 9.99
C TRP A 101 -5.61 -18.03 11.04
N SER A 102 -5.58 -19.00 11.95
CA SER A 102 -6.59 -19.08 13.00
C SER A 102 -7.06 -17.69 13.42
N GLY A 103 -6.22 -17.00 14.18
CA GLY A 103 -6.56 -15.66 14.64
C GLY A 103 -7.28 -15.69 15.98
N PRO A 104 -6.79 -14.86 16.92
CA PRO A 104 -7.37 -14.75 18.25
C PRO A 104 -8.75 -14.10 18.25
N SER A 105 -9.78 -14.91 18.50
CA SER A 105 -11.15 -14.41 18.50
C SER A 105 -11.75 -14.52 19.91
N SER A 106 -12.26 -13.40 20.41
CA SER A 106 -12.86 -13.38 21.75
C SER A 106 -14.33 -13.81 21.69
N GLY A 107 -14.60 -15.03 22.15
CA GLY A 107 -15.96 -15.53 22.14
C GLY A 107 -16.47 -15.82 23.53
N GLY A 1 -20.20 5.86 16.04
CA GLY A 1 -19.90 7.08 15.31
C GLY A 1 -19.82 6.86 13.82
N SER A 2 -19.90 7.95 13.05
CA SER A 2 -19.84 7.87 11.60
C SER A 2 -18.57 8.53 11.07
N SER A 3 -17.57 7.71 10.76
CA SER A 3 -16.30 8.21 10.24
C SER A 3 -16.38 8.44 8.74
N GLY A 4 -15.66 9.46 8.27
CA GLY A 4 -15.66 9.79 6.86
C GLY A 4 -14.52 10.70 6.47
N SER A 5 -13.32 10.38 6.95
CA SER A 5 -12.14 11.18 6.64
C SER A 5 -12.18 11.68 5.20
N SER A 6 -11.46 12.77 4.95
CA SER A 6 -11.41 13.35 3.61
C SER A 6 -10.48 12.54 2.70
N GLY A 7 -9.26 12.29 3.19
CA GLY A 7 -8.30 11.54 2.41
C GLY A 7 -7.77 12.32 1.23
N MET A 8 -7.19 13.48 1.50
CA MET A 8 -6.64 14.34 0.45
C MET A 8 -5.14 14.53 0.63
N SER A 9 -4.36 13.92 -0.25
CA SER A 9 -2.90 14.01 -0.18
C SER A 9 -2.36 14.78 -1.38
N LEU A 10 -1.49 15.75 -1.11
CA LEU A 10 -0.89 16.55 -2.16
C LEU A 10 0.46 15.98 -2.59
N SER A 11 0.42 14.83 -3.25
CA SER A 11 1.64 14.17 -3.71
C SER A 11 1.52 13.78 -5.18
N ASP A 12 2.63 13.92 -5.91
CA ASP A 12 2.64 13.58 -7.33
C ASP A 12 2.81 12.08 -7.53
N TRP A 13 3.70 11.48 -6.74
CA TRP A 13 3.96 10.05 -6.84
C TRP A 13 2.70 9.25 -6.52
N HIS A 14 2.32 8.36 -7.44
CA HIS A 14 1.13 7.53 -7.25
C HIS A 14 1.47 6.06 -7.47
N LEU A 15 0.56 5.19 -7.03
CA LEU A 15 0.76 3.75 -7.17
C LEU A 15 -0.58 3.03 -7.34
N ALA A 16 -0.53 1.82 -7.88
CA ALA A 16 -1.74 1.03 -8.09
C ALA A 16 -1.84 -0.09 -7.07
N VAL A 17 -3.07 -0.53 -6.81
CA VAL A 17 -3.32 -1.60 -5.85
C VAL A 17 -4.36 -2.57 -6.37
N LYS A 18 -4.30 -3.81 -5.88
CA LYS A 18 -5.24 -4.84 -6.30
C LYS A 18 -5.49 -5.84 -5.17
N LEU A 19 -6.76 -6.12 -4.91
CA LEU A 19 -7.13 -7.06 -3.85
C LEU A 19 -7.01 -8.50 -4.34
N ALA A 20 -5.91 -9.14 -4.00
CA ALA A 20 -5.68 -10.53 -4.40
C ALA A 20 -6.86 -11.42 -4.00
N ASP A 21 -7.48 -11.10 -2.87
CA ASP A 21 -8.62 -11.87 -2.39
C ASP A 21 -9.79 -11.76 -3.35
N GLN A 22 -9.97 -10.59 -3.94
CA GLN A 22 -11.06 -10.36 -4.88
C GLN A 22 -10.53 -9.83 -6.21
N PRO A 23 -10.29 -10.75 -7.15
CA PRO A 23 -9.77 -10.40 -8.49
C PRO A 23 -10.81 -9.66 -9.32
N LEU A 24 -12.07 -9.72 -8.90
CA LEU A 24 -13.15 -9.06 -9.63
C LEU A 24 -13.22 -7.58 -9.26
N ALA A 25 -12.76 -7.25 -8.06
CA ALA A 25 -12.75 -5.87 -7.60
C ALA A 25 -11.86 -4.99 -8.47
N PRO A 26 -12.25 -3.72 -8.65
CA PRO A 26 -11.51 -2.77 -9.46
C PRO A 26 -10.19 -2.36 -8.81
N LYS A 27 -9.33 -1.68 -9.57
CA LYS A 27 -8.04 -1.24 -9.07
C LYS A 27 -8.16 0.11 -8.37
N SER A 28 -7.41 0.29 -7.29
CA SER A 28 -7.44 1.54 -6.54
C SER A 28 -6.06 2.19 -6.51
N ILE A 29 -6.02 3.48 -6.82
CA ILE A 29 -4.76 4.22 -6.83
C ILE A 29 -4.45 4.81 -5.45
N LEU A 30 -3.20 4.70 -5.03
CA LEU A 30 -2.78 5.23 -3.73
C LEU A 30 -1.62 6.20 -3.89
N GLN A 31 -1.71 7.35 -3.23
CA GLN A 31 -0.67 8.36 -3.31
C GLN A 31 0.03 8.52 -1.95
N LEU A 32 1.34 8.34 -1.94
CA LEU A 32 2.12 8.46 -0.71
C LEU A 32 2.39 9.93 -0.38
N PRO A 33 2.56 10.21 0.91
CA PRO A 33 2.83 11.57 1.39
C PRO A 33 4.21 12.07 0.99
N GLU A 34 4.59 13.24 1.48
CA GLU A 34 5.89 13.83 1.17
C GLU A 34 7.02 12.90 1.59
N THR A 35 8.19 13.09 1.00
CA THR A 35 9.35 12.27 1.31
C THR A 35 10.43 13.09 2.01
N GLU A 36 11.30 12.40 2.75
CA GLU A 36 12.38 13.07 3.48
C GLU A 36 13.31 13.80 2.51
N LEU A 37 13.73 13.10 1.47
CA LEU A 37 14.63 13.68 0.47
C LEU A 37 13.87 14.63 -0.46
N GLY A 38 13.09 14.05 -1.37
CA GLY A 38 12.33 14.86 -2.30
C GLY A 38 11.37 14.03 -3.13
N GLU A 39 11.04 14.52 -4.31
CA GLU A 39 10.11 13.82 -5.21
C GLU A 39 10.88 13.12 -6.32
N TYR A 40 11.95 13.74 -6.79
CA TYR A 40 12.76 13.17 -7.86
C TYR A 40 13.02 11.69 -7.61
N SER A 41 12.90 11.27 -6.36
CA SER A 41 13.13 9.87 -5.99
C SER A 41 12.81 9.65 -4.52
N LEU A 42 12.48 8.41 -4.18
CA LEU A 42 12.16 8.06 -2.80
C LEU A 42 13.24 7.15 -2.20
N GLY A 43 13.39 5.96 -2.79
CA GLY A 43 14.38 5.02 -2.30
C GLY A 43 14.57 5.10 -0.80
N GLY A 44 13.57 4.66 -0.05
CA GLY A 44 13.65 4.70 1.40
C GLY A 44 12.40 4.17 2.07
N TYR A 45 11.26 4.36 1.41
CA TYR A 45 9.98 3.91 1.95
C TYR A 45 10.05 2.42 2.33
N SER A 46 9.64 2.12 3.55
CA SER A 46 9.64 0.75 4.04
C SER A 46 8.33 0.05 3.72
N ILE A 47 8.43 -1.12 3.08
CA ILE A 47 7.25 -1.89 2.72
C ILE A 47 6.14 -1.73 3.77
N SER A 48 6.50 -1.91 5.03
CA SER A 48 5.54 -1.79 6.12
C SER A 48 4.67 -0.55 5.94
N PHE A 49 5.32 0.59 5.69
CA PHE A 49 4.61 1.85 5.50
C PHE A 49 3.37 1.65 4.63
N LEU A 50 3.58 1.28 3.38
CA LEU A 50 2.49 1.04 2.45
C LEU A 50 1.43 0.15 3.07
N LYS A 51 1.84 -1.03 3.53
CA LYS A 51 0.92 -1.98 4.15
C LYS A 51 -0.02 -1.26 5.11
N GLN A 52 0.39 -0.10 5.59
CA GLN A 52 -0.41 0.68 6.52
C GLN A 52 -1.39 1.58 5.77
N LEU A 53 -0.89 2.31 4.79
CA LEU A 53 -1.71 3.21 3.99
C LEU A 53 -2.84 2.44 3.32
N ILE A 54 -2.49 1.44 2.52
CA ILE A 54 -3.48 0.64 1.82
C ILE A 54 -4.53 0.08 2.79
N ALA A 55 -4.07 -0.44 3.92
CA ALA A 55 -4.97 -0.99 4.92
C ALA A 55 -5.84 0.10 5.54
N GLY A 56 -5.26 1.29 5.71
CA GLY A 56 -5.99 2.39 6.29
C GLY A 56 -6.97 3.01 5.32
N LYS A 57 -6.77 2.76 4.03
CA LYS A 57 -7.65 3.30 3.00
C LYS A 57 -8.71 2.27 2.60
N LEU A 58 -8.33 1.00 2.62
CA LEU A 58 -9.24 -0.08 2.26
C LEU A 58 -9.87 -0.71 3.50
N GLN A 59 -10.00 0.09 4.56
CA GLN A 59 -10.58 -0.38 5.81
C GLN A 59 -11.94 -1.04 5.55
N GLU A 60 -12.50 -0.79 4.39
CA GLU A 60 -13.80 -1.36 4.03
C GLU A 60 -13.70 -2.87 3.87
N SER A 61 -12.56 -3.34 3.36
CA SER A 61 -12.35 -4.77 3.16
C SER A 61 -11.22 -5.27 4.05
N VAL A 62 -10.13 -4.51 4.11
CA VAL A 62 -8.99 -4.89 4.93
C VAL A 62 -9.27 -4.65 6.41
N PRO A 63 -9.13 -5.72 7.22
CA PRO A 63 -9.37 -5.64 8.67
C PRO A 63 -8.29 -4.85 9.39
N ASP A 64 -7.03 -5.19 9.12
CA ASP A 64 -5.90 -4.51 9.75
C ASP A 64 -4.65 -4.63 8.89
N PRO A 65 -3.75 -3.65 9.03
CA PRO A 65 -2.49 -3.63 8.26
C PRO A 65 -1.51 -4.72 8.70
N GLU A 66 -1.61 -5.12 9.97
CA GLU A 66 -0.75 -6.15 10.51
C GLU A 66 -1.27 -7.54 10.16
N LEU A 67 -2.59 -7.64 9.98
CA LEU A 67 -3.22 -8.91 9.63
C LEU A 67 -3.24 -9.13 8.13
N ILE A 68 -2.37 -8.41 7.42
CA ILE A 68 -2.28 -8.53 5.97
C ILE A 68 -0.84 -8.36 5.50
N ASP A 69 -0.56 -8.88 4.31
CA ASP A 69 0.78 -8.80 3.72
C ASP A 69 0.73 -8.16 2.34
N LEU A 70 1.91 -7.92 1.76
CA LEU A 70 2.00 -7.31 0.45
C LEU A 70 2.72 -8.24 -0.53
N ILE A 71 2.23 -8.30 -1.76
CA ILE A 71 2.83 -9.15 -2.78
C ILE A 71 3.15 -8.34 -4.03
N TYR A 72 4.35 -8.54 -4.57
CA TYR A 72 4.78 -7.85 -5.77
C TYR A 72 5.62 -8.76 -6.66
N CYS A 73 5.56 -8.50 -7.97
CA CYS A 73 6.31 -9.30 -8.93
C CYS A 73 6.23 -10.78 -8.59
N GLY A 74 5.06 -11.22 -8.15
CA GLY A 74 4.88 -12.61 -7.79
C GLY A 74 5.75 -13.03 -6.62
N ARG A 75 5.94 -12.13 -5.67
CA ARG A 75 6.78 -12.41 -4.51
C ARG A 75 6.45 -11.45 -3.36
N LYS A 76 6.34 -11.99 -2.16
CA LYS A 76 6.03 -11.18 -0.99
C LYS A 76 7.20 -10.24 -0.65
N LEU A 77 6.86 -9.08 -0.10
CA LEU A 77 7.88 -8.09 0.26
C LEU A 77 7.95 -7.93 1.78
N LYS A 78 9.14 -8.16 2.34
CA LYS A 78 9.34 -8.03 3.78
C LYS A 78 9.17 -6.59 4.22
N ASP A 79 8.99 -6.39 5.53
CA ASP A 79 8.81 -5.06 6.08
C ASP A 79 10.16 -4.34 6.20
N ASP A 80 11.23 -5.11 6.23
CA ASP A 80 12.58 -4.54 6.34
C ASP A 80 13.08 -4.08 4.98
N GLN A 81 12.38 -4.48 3.93
CA GLN A 81 12.76 -4.09 2.57
C GLN A 81 12.20 -2.72 2.21
N THR A 82 12.69 -2.15 1.11
CA THR A 82 12.23 -0.84 0.67
C THR A 82 11.81 -0.88 -0.79
N LEU A 83 11.34 0.25 -1.30
CA LEU A 83 10.89 0.35 -2.68
C LEU A 83 12.05 0.07 -3.65
N ASP A 84 13.20 0.66 -3.36
CA ASP A 84 14.38 0.47 -4.21
C ASP A 84 14.89 -0.96 -4.11
N PHE A 85 15.09 -1.44 -2.89
CA PHE A 85 15.58 -2.79 -2.66
C PHE A 85 15.00 -3.76 -3.69
N TYR A 86 13.71 -3.60 -3.98
CA TYR A 86 13.04 -4.45 -4.96
C TYR A 86 13.06 -3.82 -6.35
N GLY A 87 13.05 -2.49 -6.38
CA GLY A 87 13.07 -1.79 -7.65
C GLY A 87 11.68 -1.49 -8.16
N ILE A 88 10.74 -1.29 -7.24
CA ILE A 88 9.36 -0.99 -7.59
C ILE A 88 9.25 0.38 -8.26
N GLN A 89 8.24 0.54 -9.11
CA GLN A 89 8.03 1.80 -9.81
C GLN A 89 6.68 2.41 -9.42
N PRO A 90 6.58 3.74 -9.57
CA PRO A 90 5.35 4.47 -9.24
C PRO A 90 4.22 4.18 -10.23
N GLY A 91 4.48 3.28 -11.17
CA GLY A 91 3.48 2.93 -12.16
C GLY A 91 3.20 1.44 -12.19
N SER A 92 3.39 0.78 -11.06
CA SER A 92 3.15 -0.66 -10.95
C SER A 92 1.94 -0.95 -10.08
N THR A 93 1.50 -2.21 -10.10
CA THR A 93 0.34 -2.62 -9.30
C THR A 93 0.72 -3.71 -8.31
N VAL A 94 0.52 -3.44 -7.02
CA VAL A 94 0.83 -4.40 -5.98
C VAL A 94 -0.43 -5.06 -5.44
N HIS A 95 -0.34 -6.35 -5.14
CA HIS A 95 -1.47 -7.09 -4.62
C HIS A 95 -1.32 -7.34 -3.13
N VAL A 96 -2.44 -7.52 -2.44
CA VAL A 96 -2.43 -7.76 -1.00
C VAL A 96 -2.87 -9.19 -0.68
N LEU A 97 -2.13 -9.85 0.21
CA LEU A 97 -2.43 -11.22 0.60
C LEU A 97 -2.59 -11.33 2.11
N ARG A 98 -3.78 -11.74 2.55
CA ARG A 98 -4.05 -11.89 3.98
C ARG A 98 -3.02 -12.79 4.64
N LYS A 99 -2.85 -12.64 5.94
CA LYS A 99 -1.89 -13.45 6.69
C LYS A 99 -2.02 -14.92 6.34
N SER A 100 -0.89 -15.60 6.18
CA SER A 100 -0.89 -17.01 5.83
C SER A 100 -1.40 -17.86 7.00
N TRP A 101 -0.80 -17.67 8.16
CA TRP A 101 -1.20 -18.40 9.36
C TRP A 101 -2.70 -18.36 9.56
N SER A 102 -3.25 -19.39 10.20
CA SER A 102 -4.68 -19.47 10.45
C SER A 102 -5.13 -18.35 11.38
N GLY A 103 -4.62 -18.37 12.60
CA GLY A 103 -4.98 -17.35 13.57
C GLY A 103 -4.84 -17.83 15.01
N PRO A 104 -5.58 -18.90 15.35
CA PRO A 104 -5.56 -19.48 16.69
C PRO A 104 -4.25 -20.18 17.00
N SER A 105 -3.27 -19.43 17.48
CA SER A 105 -1.96 -19.98 17.80
C SER A 105 -2.10 -21.32 18.51
N SER A 106 -1.47 -22.35 17.96
CA SER A 106 -1.52 -23.68 18.54
C SER A 106 -0.13 -24.17 18.93
N GLY A 107 0.25 -23.90 20.18
CA GLY A 107 1.56 -24.32 20.65
C GLY A 107 1.71 -24.15 22.15
N GLY A 1 -15.31 32.89 -11.07
CA GLY A 1 -16.16 32.24 -10.09
C GLY A 1 -16.36 30.77 -10.40
N SER A 2 -16.88 30.48 -11.59
CA SER A 2 -17.14 29.11 -12.01
C SER A 2 -16.09 28.64 -13.01
N SER A 3 -14.84 28.98 -12.76
CA SER A 3 -13.75 28.59 -13.65
C SER A 3 -13.17 27.24 -13.25
N GLY A 4 -12.74 27.14 -11.99
CA GLY A 4 -12.17 25.89 -11.51
C GLY A 4 -10.88 26.10 -10.75
N SER A 5 -10.52 25.14 -9.90
CA SER A 5 -9.30 25.24 -9.11
C SER A 5 -8.65 23.87 -8.96
N SER A 6 -7.39 23.76 -9.36
CA SER A 6 -6.65 22.51 -9.27
C SER A 6 -5.35 22.69 -8.51
N GLY A 7 -5.20 21.96 -7.41
CA GLY A 7 -3.99 22.06 -6.61
C GLY A 7 -2.90 21.12 -7.09
N MET A 8 -1.83 21.69 -7.65
CA MET A 8 -0.72 20.89 -8.14
C MET A 8 0.19 20.46 -7.00
N SER A 9 0.84 19.31 -7.17
CA SER A 9 1.74 18.78 -6.15
C SER A 9 3.15 18.59 -6.71
N LEU A 10 4.14 18.75 -5.84
CA LEU A 10 5.53 18.59 -6.26
C LEU A 10 5.87 17.12 -6.50
N SER A 11 5.18 16.23 -5.79
CA SER A 11 5.41 14.80 -5.94
C SER A 11 4.14 14.10 -6.40
N ASP A 12 4.06 13.81 -7.69
CA ASP A 12 2.90 13.14 -8.26
C ASP A 12 3.06 11.62 -8.18
N TRP A 13 3.85 11.16 -7.22
CA TRP A 13 4.09 9.74 -7.04
C TRP A 13 2.78 9.00 -6.74
N HIS A 14 2.40 8.09 -7.64
CA HIS A 14 1.17 7.32 -7.47
C HIS A 14 1.42 5.84 -7.70
N LEU A 15 0.66 5.00 -7.01
CA LEU A 15 0.81 3.55 -7.14
C LEU A 15 -0.56 2.88 -7.28
N ALA A 16 -0.57 1.67 -7.82
CA ALA A 16 -1.80 0.91 -8.00
C ALA A 16 -1.99 -0.09 -6.87
N VAL A 17 -3.25 -0.39 -6.55
CA VAL A 17 -3.57 -1.34 -5.50
C VAL A 17 -4.62 -2.35 -5.96
N LYS A 18 -4.29 -3.63 -5.84
CA LYS A 18 -5.21 -4.69 -6.24
C LYS A 18 -5.40 -5.69 -5.11
N LEU A 19 -6.65 -6.15 -4.95
CA LEU A 19 -6.98 -7.11 -3.90
C LEU A 19 -6.78 -8.54 -4.40
N ALA A 20 -5.95 -9.30 -3.70
CA ALA A 20 -5.69 -10.68 -4.06
C ALA A 20 -6.87 -11.58 -3.72
N ASP A 21 -7.70 -11.13 -2.79
CA ASP A 21 -8.87 -11.89 -2.38
C ASP A 21 -10.02 -11.69 -3.35
N GLN A 22 -10.09 -10.50 -3.95
CA GLN A 22 -11.14 -10.18 -4.90
C GLN A 22 -10.56 -9.64 -6.20
N PRO A 23 -10.28 -10.55 -7.14
CA PRO A 23 -9.70 -10.19 -8.45
C PRO A 23 -10.69 -9.44 -9.33
N LEU A 24 -11.94 -9.36 -8.88
CA LEU A 24 -12.99 -8.67 -9.62
C LEU A 24 -13.15 -7.24 -9.13
N ALA A 25 -12.85 -7.01 -7.86
CA ALA A 25 -12.96 -5.69 -7.26
C ALA A 25 -12.21 -4.66 -8.09
N PRO A 26 -12.70 -3.41 -8.08
CA PRO A 26 -12.09 -2.31 -8.83
C PRO A 26 -10.75 -1.89 -8.24
N LYS A 27 -9.81 -1.51 -9.11
CA LYS A 27 -8.48 -1.09 -8.68
C LYS A 27 -8.57 0.18 -7.83
N SER A 28 -7.65 0.31 -6.88
CA SER A 28 -7.62 1.47 -6.00
C SER A 28 -6.29 2.20 -6.11
N ILE A 29 -6.34 3.45 -6.55
CA ILE A 29 -5.14 4.26 -6.71
C ILE A 29 -4.68 4.81 -5.37
N LEU A 30 -3.41 4.61 -5.04
CA LEU A 30 -2.84 5.10 -3.79
C LEU A 30 -1.81 6.19 -4.04
N GLN A 31 -1.80 7.20 -3.19
CA GLN A 31 -0.87 8.32 -3.32
C GLN A 31 -0.17 8.60 -2.00
N LEU A 32 1.10 8.23 -1.91
CA LEU A 32 1.89 8.45 -0.70
C LEU A 32 2.16 9.94 -0.49
N PRO A 33 2.32 10.33 0.78
CA PRO A 33 2.59 11.72 1.15
C PRO A 33 3.98 12.17 0.73
N GLU A 34 4.17 13.48 0.63
CA GLU A 34 5.47 14.04 0.24
C GLU A 34 6.56 13.61 1.21
N THR A 35 7.77 13.44 0.68
CA THR A 35 8.90 13.02 1.51
C THR A 35 9.85 14.20 1.76
N GLU A 36 10.58 14.12 2.87
CA GLU A 36 11.52 15.17 3.24
C GLU A 36 12.65 15.27 2.21
N LEU A 37 13.16 14.12 1.80
CA LEU A 37 14.26 14.07 0.83
C LEU A 37 13.91 14.90 -0.41
N GLY A 38 14.85 14.98 -1.35
CA GLY A 38 14.63 15.72 -2.57
C GLY A 38 13.46 15.19 -3.37
N GLU A 39 13.72 14.83 -4.62
CA GLU A 39 12.69 14.30 -5.50
C GLU A 39 13.12 12.98 -6.12
N TYR A 40 14.42 12.82 -6.32
CA TYR A 40 14.96 11.60 -6.91
C TYR A 40 14.22 10.38 -6.40
N SER A 41 14.31 9.29 -7.15
CA SER A 41 13.64 8.04 -6.77
C SER A 41 13.68 7.85 -5.26
N LEU A 42 12.51 7.93 -4.64
CA LEU A 42 12.40 7.76 -3.19
C LEU A 42 13.40 6.73 -2.69
N GLY A 43 13.27 5.49 -3.16
CA GLY A 43 14.17 4.43 -2.75
C GLY A 43 14.54 4.52 -1.28
N GLY A 44 13.55 4.82 -0.44
CA GLY A 44 13.81 4.94 0.97
C GLY A 44 12.64 4.45 1.81
N TYR A 45 11.42 4.64 1.30
CA TYR A 45 10.22 4.21 2.01
C TYR A 45 10.31 2.74 2.39
N SER A 46 9.84 2.42 3.60
CA SER A 46 9.87 1.05 4.10
C SER A 46 8.57 0.32 3.75
N ILE A 47 8.71 -0.88 3.20
CA ILE A 47 7.55 -1.68 2.82
C ILE A 47 6.44 -1.57 3.86
N SER A 48 6.82 -1.62 5.13
CA SER A 48 5.85 -1.52 6.21
C SER A 48 4.89 -0.36 5.99
N PHE A 49 5.45 0.81 5.73
CA PHE A 49 4.65 2.01 5.49
C PHE A 49 3.45 1.69 4.60
N LEU A 50 3.73 1.32 3.35
CA LEU A 50 2.67 1.00 2.40
C LEU A 50 1.65 0.06 3.02
N LYS A 51 2.11 -1.07 3.53
CA LYS A 51 1.24 -2.05 4.17
C LYS A 51 0.24 -1.37 5.08
N GLN A 52 0.58 -0.16 5.54
CA GLN A 52 -0.30 0.59 6.42
C GLN A 52 -1.26 1.46 5.63
N LEU A 53 -0.73 2.16 4.63
CA LEU A 53 -1.55 3.03 3.78
C LEU A 53 -2.65 2.24 3.09
N ILE A 54 -2.29 1.08 2.55
CA ILE A 54 -3.25 0.22 1.86
C ILE A 54 -4.33 -0.28 2.82
N ALA A 55 -3.89 -0.88 3.92
CA ALA A 55 -4.82 -1.40 4.92
C ALA A 55 -5.74 -0.30 5.44
N GLY A 56 -5.26 0.93 5.39
CA GLY A 56 -6.07 2.05 5.86
C GLY A 56 -7.12 2.48 4.86
N LYS A 57 -6.83 2.27 3.57
CA LYS A 57 -7.76 2.63 2.50
C LYS A 57 -8.74 1.50 2.23
N LEU A 58 -8.26 0.27 2.35
CA LEU A 58 -9.10 -0.91 2.11
C LEU A 58 -9.65 -1.45 3.42
N GLN A 59 -9.77 -0.58 4.42
CA GLN A 59 -10.29 -0.99 5.72
C GLN A 59 -11.62 -1.72 5.58
N GLU A 60 -12.25 -1.57 4.41
CA GLU A 60 -13.53 -2.22 4.15
C GLU A 60 -13.37 -3.73 4.09
N SER A 61 -12.22 -4.19 3.61
CA SER A 61 -11.95 -5.62 3.49
C SER A 61 -10.82 -6.03 4.43
N VAL A 62 -9.77 -5.21 4.47
CA VAL A 62 -8.62 -5.48 5.33
C VAL A 62 -8.85 -4.98 6.75
N PRO A 63 -8.84 -5.91 7.71
CA PRO A 63 -9.05 -5.59 9.13
C PRO A 63 -7.88 -4.81 9.72
N ASP A 64 -6.68 -5.32 9.53
CA ASP A 64 -5.48 -4.67 10.05
C ASP A 64 -4.32 -4.81 9.07
N PRO A 65 -3.41 -3.82 9.08
CA PRO A 65 -2.24 -3.82 8.20
C PRO A 65 -1.22 -4.88 8.59
N GLU A 66 -1.28 -5.33 9.83
CA GLU A 66 -0.36 -6.35 10.32
C GLU A 66 -0.85 -7.75 9.96
N LEU A 67 -2.16 -7.89 9.79
CA LEU A 67 -2.76 -9.18 9.44
C LEU A 67 -2.77 -9.38 7.93
N ILE A 68 -2.06 -8.51 7.22
CA ILE A 68 -1.98 -8.60 5.77
C ILE A 68 -0.53 -8.55 5.29
N ASP A 69 -0.33 -8.68 3.98
CA ASP A 69 1.01 -8.64 3.40
C ASP A 69 0.96 -8.10 1.98
N LEU A 70 2.08 -7.52 1.54
CA LEU A 70 2.16 -6.95 0.19
C LEU A 70 2.90 -7.91 -0.75
N ILE A 71 2.30 -8.17 -1.90
CA ILE A 71 2.90 -9.06 -2.88
C ILE A 71 3.28 -8.30 -4.15
N TYR A 72 4.55 -8.40 -4.53
CA TYR A 72 5.05 -7.72 -5.72
C TYR A 72 5.99 -8.62 -6.50
N CYS A 73 6.04 -8.42 -7.82
CA CYS A 73 6.90 -9.22 -8.69
C CYS A 73 6.74 -10.70 -8.40
N GLY A 74 5.53 -11.09 -7.98
CA GLY A 74 5.26 -12.48 -7.67
C GLY A 74 5.99 -12.96 -6.42
N ARG A 75 6.23 -12.03 -5.51
CA ARG A 75 6.92 -12.35 -4.26
C ARG A 75 6.55 -11.36 -3.16
N LYS A 76 6.31 -11.88 -1.95
CA LYS A 76 5.95 -11.03 -0.82
C LYS A 76 7.07 -10.05 -0.49
N LEU A 77 6.70 -8.91 0.07
CA LEU A 77 7.66 -7.88 0.44
C LEU A 77 7.74 -7.72 1.95
N LYS A 78 8.88 -8.05 2.53
CA LYS A 78 9.09 -7.95 3.96
C LYS A 78 9.02 -6.49 4.41
N ASP A 79 8.69 -6.28 5.69
CA ASP A 79 8.60 -4.94 6.23
C ASP A 79 9.96 -4.45 6.73
N ASP A 80 11.02 -4.97 6.12
CA ASP A 80 12.38 -4.59 6.50
C ASP A 80 13.17 -4.12 5.28
N GLN A 81 12.47 -3.98 4.16
CA GLN A 81 13.11 -3.53 2.92
C GLN A 81 12.55 -2.18 2.48
N THR A 82 13.02 -1.70 1.33
CA THR A 82 12.58 -0.41 0.80
C THR A 82 12.17 -0.54 -0.66
N LEU A 83 11.59 0.52 -1.21
CA LEU A 83 11.16 0.53 -2.61
C LEU A 83 12.33 0.23 -3.54
N ASP A 84 13.51 0.74 -3.18
CA ASP A 84 14.70 0.52 -3.99
C ASP A 84 15.16 -0.92 -3.90
N PHE A 85 15.14 -1.48 -2.69
CA PHE A 85 15.56 -2.86 -2.48
C PHE A 85 15.00 -3.77 -3.56
N TYR A 86 13.68 -3.73 -3.74
CA TYR A 86 13.02 -4.56 -4.74
C TYR A 86 13.03 -3.88 -6.10
N GLY A 87 13.05 -2.55 -6.10
CA GLY A 87 13.08 -1.80 -7.34
C GLY A 87 11.70 -1.30 -7.73
N ILE A 88 10.78 -1.26 -6.76
CA ILE A 88 9.43 -0.80 -7.01
C ILE A 88 9.42 0.65 -7.49
N GLN A 89 8.67 0.90 -8.56
CA GLN A 89 8.58 2.24 -9.13
C GLN A 89 7.14 2.75 -9.10
N PRO A 90 6.97 4.08 -9.17
CA PRO A 90 5.66 4.71 -9.16
C PRO A 90 4.87 4.43 -10.44
N GLY A 91 4.10 3.36 -10.44
CA GLY A 91 3.30 3.01 -11.60
C GLY A 91 2.98 1.53 -11.66
N SER A 92 3.70 0.73 -10.89
CA SER A 92 3.49 -0.71 -10.86
C SER A 92 2.16 -1.05 -10.19
N THR A 93 1.89 -2.34 -10.04
CA THR A 93 0.66 -2.79 -9.43
C THR A 93 0.91 -3.91 -8.43
N VAL A 94 0.62 -3.65 -7.15
CA VAL A 94 0.83 -4.64 -6.10
C VAL A 94 -0.49 -5.30 -5.71
N HIS A 95 -0.39 -6.50 -5.14
CA HIS A 95 -1.57 -7.25 -4.72
C HIS A 95 -1.58 -7.42 -3.20
N VAL A 96 -2.72 -7.14 -2.58
CA VAL A 96 -2.86 -7.27 -1.14
C VAL A 96 -3.23 -8.70 -0.75
N LEU A 97 -2.74 -9.14 0.40
CA LEU A 97 -3.02 -10.49 0.88
C LEU A 97 -3.52 -10.46 2.32
N ARG A 98 -4.50 -11.31 2.62
CA ARG A 98 -5.07 -11.37 3.96
C ARG A 98 -4.56 -12.61 4.71
N LYS A 99 -3.55 -12.41 5.54
CA LYS A 99 -2.96 -13.50 6.31
C LYS A 99 -4.05 -14.44 6.83
N SER A 100 -3.80 -15.74 6.75
CA SER A 100 -4.76 -16.75 7.21
C SER A 100 -4.24 -17.46 8.45
N TRP A 101 -4.65 -17.01 9.62
CA TRP A 101 -4.24 -17.61 10.87
C TRP A 101 -5.32 -17.47 11.93
N SER A 102 -5.42 -18.47 12.80
CA SER A 102 -6.42 -18.46 13.87
C SER A 102 -6.53 -17.07 14.49
N GLY A 103 -5.55 -16.71 15.30
CA GLY A 103 -5.56 -15.40 15.94
C GLY A 103 -5.86 -15.49 17.43
N PRO A 104 -4.83 -15.78 18.23
CA PRO A 104 -4.96 -15.90 19.69
C PRO A 104 -5.24 -14.56 20.36
N SER A 105 -5.38 -13.51 19.54
CA SER A 105 -5.65 -12.17 20.06
C SER A 105 -6.79 -12.21 21.07
N SER A 106 -7.90 -12.83 20.69
CA SER A 106 -9.06 -12.93 21.57
C SER A 106 -9.44 -14.39 21.80
N GLY A 107 -9.66 -14.74 23.06
CA GLY A 107 -10.04 -16.09 23.40
C GLY A 107 -8.83 -16.98 23.64
N GLY A 1 -22.15 29.78 12.85
CA GLY A 1 -21.98 28.45 12.29
C GLY A 1 -20.98 28.43 11.16
N SER A 2 -20.08 27.45 11.19
CA SER A 2 -19.05 27.31 10.16
C SER A 2 -19.62 26.62 8.91
N SER A 3 -18.83 26.60 7.85
CA SER A 3 -19.25 25.97 6.60
C SER A 3 -18.28 24.87 6.19
N GLY A 4 -16.99 25.18 6.20
CA GLY A 4 -15.99 24.21 5.83
C GLY A 4 -15.42 24.46 4.44
N SER A 5 -14.16 24.88 4.39
CA SER A 5 -13.51 25.16 3.11
C SER A 5 -12.89 23.90 2.54
N SER A 6 -12.91 23.79 1.20
CA SER A 6 -12.35 22.62 0.52
C SER A 6 -11.00 22.95 -0.08
N GLY A 7 -9.95 22.33 0.45
CA GLY A 7 -8.61 22.56 -0.06
C GLY A 7 -8.27 21.67 -1.23
N MET A 8 -7.68 22.25 -2.27
CA MET A 8 -7.31 21.51 -3.46
C MET A 8 -5.82 21.16 -3.44
N SER A 9 -5.51 19.89 -3.20
CA SER A 9 -4.13 19.43 -3.14
C SER A 9 -4.03 17.97 -3.58
N LEU A 10 -2.97 17.65 -4.32
CA LEU A 10 -2.75 16.29 -4.80
C LEU A 10 -1.26 15.96 -4.85
N SER A 11 -0.92 14.71 -4.55
CA SER A 11 0.47 14.28 -4.57
C SER A 11 0.90 13.90 -5.98
N ASP A 12 2.21 13.77 -6.18
CA ASP A 12 2.75 13.40 -7.48
C ASP A 12 2.99 11.90 -7.57
N TRP A 13 3.59 11.34 -6.52
CA TRP A 13 3.87 9.91 -6.49
C TRP A 13 2.59 9.11 -6.22
N HIS A 14 2.25 8.22 -7.15
CA HIS A 14 1.06 7.39 -7.02
C HIS A 14 1.39 5.92 -7.27
N LEU A 15 0.54 5.03 -6.77
CA LEU A 15 0.73 3.60 -6.95
C LEU A 15 -0.61 2.88 -7.08
N ALA A 16 -0.59 1.74 -7.76
CA ALA A 16 -1.79 0.94 -7.95
C ALA A 16 -1.90 -0.16 -6.91
N VAL A 17 -3.13 -0.57 -6.61
CA VAL A 17 -3.37 -1.62 -5.63
C VAL A 17 -4.49 -2.56 -6.09
N LYS A 18 -4.26 -3.86 -5.94
CA LYS A 18 -5.24 -4.86 -6.33
C LYS A 18 -5.45 -5.88 -5.22
N LEU A 19 -6.70 -6.33 -5.06
CA LEU A 19 -7.03 -7.32 -4.03
C LEU A 19 -6.78 -8.74 -4.54
N ALA A 20 -5.82 -9.41 -3.92
CA ALA A 20 -5.48 -10.78 -4.30
C ALA A 20 -6.62 -11.73 -3.96
N ASP A 21 -7.40 -11.37 -2.95
CA ASP A 21 -8.53 -12.21 -2.53
C ASP A 21 -9.75 -11.96 -3.41
N GLN A 22 -9.85 -10.76 -3.95
CA GLN A 22 -10.97 -10.39 -4.81
C GLN A 22 -10.48 -9.87 -6.16
N PRO A 23 -10.28 -10.79 -7.11
CA PRO A 23 -9.81 -10.44 -8.46
C PRO A 23 -10.86 -9.68 -9.26
N LEU A 24 -12.05 -9.54 -8.69
CA LEU A 24 -13.13 -8.84 -9.35
C LEU A 24 -13.28 -7.42 -8.81
N ALA A 25 -12.94 -7.24 -7.54
CA ALA A 25 -13.02 -5.94 -6.90
C ALA A 25 -12.31 -4.87 -7.73
N PRO A 26 -12.74 -3.62 -7.57
CA PRO A 26 -12.14 -2.48 -8.28
C PRO A 26 -10.73 -2.16 -7.82
N LYS A 27 -10.02 -1.35 -8.58
CA LYS A 27 -8.65 -0.97 -8.24
C LYS A 27 -8.65 0.24 -7.29
N SER A 28 -7.62 0.32 -6.45
CA SER A 28 -7.51 1.41 -5.50
C SER A 28 -6.20 2.16 -5.69
N ILE A 29 -6.29 3.42 -6.07
CA ILE A 29 -5.11 4.26 -6.29
C ILE A 29 -4.67 4.93 -5.00
N LEU A 30 -3.49 4.55 -4.51
CA LEU A 30 -2.95 5.13 -3.28
C LEU A 30 -1.82 6.11 -3.60
N GLN A 31 -1.79 7.21 -2.85
CA GLN A 31 -0.77 8.22 -3.05
C GLN A 31 -0.07 8.56 -1.73
N LEU A 32 1.14 8.03 -1.56
CA LEU A 32 1.91 8.28 -0.35
C LEU A 32 2.26 9.75 -0.20
N PRO A 33 2.42 10.21 1.06
CA PRO A 33 2.76 11.59 1.36
C PRO A 33 4.18 11.96 0.94
N GLU A 34 4.49 13.25 0.95
CA GLU A 34 5.81 13.72 0.57
C GLU A 34 6.88 13.14 1.49
N THR A 35 8.14 13.21 1.05
CA THR A 35 9.25 12.68 1.83
C THR A 35 10.17 13.80 2.29
N GLU A 36 11.10 13.48 3.20
CA GLU A 36 12.04 14.46 3.71
C GLU A 36 13.27 14.56 2.83
N LEU A 37 13.55 13.49 2.08
CA LEU A 37 14.71 13.44 1.20
C LEU A 37 14.33 13.93 -0.20
N GLY A 38 14.52 15.23 -0.44
CA GLY A 38 14.19 15.80 -1.73
C GLY A 38 12.91 15.24 -2.30
N GLU A 39 12.73 15.42 -3.61
CA GLU A 39 11.53 14.93 -4.29
C GLU A 39 11.88 13.84 -5.29
N TYR A 40 13.15 13.75 -5.65
CA TYR A 40 13.62 12.75 -6.59
C TYR A 40 13.36 11.34 -6.07
N SER A 41 13.83 10.34 -6.82
CA SER A 41 13.65 8.94 -6.43
C SER A 41 13.78 8.79 -4.92
N LEU A 42 12.68 8.40 -4.28
CA LEU A 42 12.66 8.20 -2.83
C LEU A 42 13.75 7.21 -2.40
N GLY A 43 13.66 6.00 -2.92
CA GLY A 43 14.64 4.98 -2.59
C GLY A 43 15.03 5.01 -1.13
N GLY A 44 14.10 4.65 -0.25
CA GLY A 44 14.36 4.65 1.17
C GLY A 44 13.16 4.21 1.99
N TYR A 45 11.98 4.47 1.47
CA TYR A 45 10.74 4.10 2.16
C TYR A 45 10.75 2.62 2.53
N SER A 46 10.20 2.31 3.70
CA SER A 46 10.14 0.94 4.18
C SER A 46 8.80 0.30 3.84
N ILE A 47 8.85 -0.87 3.19
CA ILE A 47 7.64 -1.58 2.80
C ILE A 47 6.56 -1.42 3.85
N SER A 48 6.91 -1.66 5.11
CA SER A 48 5.96 -1.55 6.21
C SER A 48 5.04 -0.34 6.02
N PHE A 49 5.65 0.83 5.85
CA PHE A 49 4.89 2.07 5.65
C PHE A 49 3.71 1.82 4.70
N LEU A 50 4.02 1.54 3.45
CA LEU A 50 2.99 1.30 2.44
C LEU A 50 1.91 0.37 2.98
N LYS A 51 2.32 -0.82 3.42
CA LYS A 51 1.39 -1.79 3.97
C LYS A 51 0.36 -1.13 4.85
N GLN A 52 0.71 0.03 5.40
CA GLN A 52 -0.20 0.78 6.27
C GLN A 52 -1.11 1.70 5.46
N LEU A 53 -0.52 2.38 4.49
CA LEU A 53 -1.27 3.30 3.63
C LEU A 53 -2.32 2.55 2.83
N ILE A 54 -1.90 1.48 2.16
CA ILE A 54 -2.80 0.68 1.36
C ILE A 54 -3.93 0.10 2.20
N ALA A 55 -3.56 -0.51 3.33
CA ALA A 55 -4.54 -1.11 4.23
C ALA A 55 -5.61 -0.09 4.63
N GLY A 56 -5.23 1.18 4.67
CA GLY A 56 -6.16 2.23 5.03
C GLY A 56 -7.19 2.49 3.95
N LYS A 57 -6.83 2.21 2.70
CA LYS A 57 -7.72 2.42 1.57
C LYS A 57 -8.59 1.19 1.33
N LEU A 58 -8.00 0.00 1.51
CA LEU A 58 -8.72 -1.24 1.32
C LEU A 58 -9.67 -1.52 2.49
N GLN A 59 -9.70 -0.59 3.44
CA GLN A 59 -10.55 -0.72 4.61
C GLN A 59 -11.84 -1.47 4.26
N GLU A 60 -12.35 -1.21 3.05
CA GLU A 60 -13.57 -1.86 2.59
C GLU A 60 -13.60 -3.33 3.00
N SER A 61 -12.52 -4.04 2.69
CA SER A 61 -12.42 -5.46 3.02
C SER A 61 -11.29 -5.71 4.01
N VAL A 62 -10.24 -4.91 3.91
CA VAL A 62 -9.09 -5.04 4.80
C VAL A 62 -9.39 -4.42 6.17
N PRO A 63 -9.47 -5.28 7.20
CA PRO A 63 -9.74 -4.83 8.57
C PRO A 63 -8.56 -4.07 9.17
N ASP A 64 -7.38 -4.66 9.11
CA ASP A 64 -6.18 -4.05 9.64
C ASP A 64 -4.96 -4.34 8.77
N PRO A 65 -3.97 -3.44 8.80
CA PRO A 65 -2.74 -3.59 8.02
C PRO A 65 -1.86 -4.73 8.51
N GLU A 66 -2.07 -5.13 9.77
CA GLU A 66 -1.29 -6.21 10.35
C GLU A 66 -1.89 -7.56 10.00
N LEU A 67 -3.20 -7.59 9.77
CA LEU A 67 -3.89 -8.82 9.43
C LEU A 67 -3.86 -9.06 7.92
N ILE A 68 -2.93 -8.39 7.24
CA ILE A 68 -2.77 -8.53 5.80
C ILE A 68 -1.30 -8.57 5.39
N ASP A 69 -1.06 -8.69 4.10
CA ASP A 69 0.30 -8.73 3.58
C ASP A 69 0.39 -8.09 2.20
N LEU A 70 1.59 -7.72 1.79
CA LEU A 70 1.80 -7.08 0.49
C LEU A 70 2.68 -7.97 -0.40
N ILE A 71 2.20 -8.22 -1.62
CA ILE A 71 2.94 -9.04 -2.56
C ILE A 71 3.26 -8.26 -3.83
N TYR A 72 4.51 -8.37 -4.28
CA TYR A 72 4.95 -7.67 -5.48
C TYR A 72 5.94 -8.52 -6.28
N CYS A 73 5.95 -8.32 -7.59
CA CYS A 73 6.84 -9.07 -8.47
C CYS A 73 6.82 -10.55 -8.12
N GLY A 74 5.64 -11.06 -7.78
CA GLY A 74 5.52 -12.47 -7.42
C GLY A 74 6.35 -12.84 -6.22
N ARG A 75 6.50 -11.89 -5.30
CA ARG A 75 7.27 -12.13 -4.08
C ARG A 75 6.81 -11.20 -2.96
N LYS A 76 6.77 -11.74 -1.74
CA LYS A 76 6.36 -10.96 -0.58
C LYS A 76 7.37 -9.86 -0.27
N LEU A 77 6.87 -8.69 0.11
CA LEU A 77 7.73 -7.56 0.45
C LEU A 77 7.89 -7.42 1.95
N LYS A 78 9.11 -7.64 2.43
CA LYS A 78 9.39 -7.52 3.87
C LYS A 78 9.53 -6.06 4.28
N ASP A 79 9.34 -5.80 5.56
CA ASP A 79 9.46 -4.44 6.09
C ASP A 79 10.90 -3.97 6.09
N ASP A 80 11.83 -4.92 6.19
CA ASP A 80 13.26 -4.60 6.20
C ASP A 80 13.71 -4.12 4.83
N GLN A 81 12.92 -4.43 3.81
CA GLN A 81 13.24 -4.02 2.44
C GLN A 81 12.72 -2.62 2.16
N THR A 82 13.10 -2.08 1.00
CA THR A 82 12.68 -0.74 0.61
C THR A 82 12.16 -0.73 -0.83
N LEU A 83 11.56 0.39 -1.22
CA LEU A 83 11.03 0.53 -2.58
C LEU A 83 12.13 0.32 -3.62
N ASP A 84 13.33 0.78 -3.29
CA ASP A 84 14.47 0.65 -4.20
C ASP A 84 15.01 -0.78 -4.18
N PHE A 85 15.19 -1.33 -2.99
CA PHE A 85 15.70 -2.69 -2.83
C PHE A 85 15.09 -3.62 -3.87
N TYR A 86 13.77 -3.54 -4.02
CA TYR A 86 13.05 -4.38 -4.97
C TYR A 86 12.98 -3.72 -6.35
N GLY A 87 12.87 -2.39 -6.34
CA GLY A 87 12.79 -1.64 -7.58
C GLY A 87 11.38 -1.18 -7.89
N ILE A 88 10.52 -1.19 -6.88
CA ILE A 88 9.15 -0.76 -7.04
C ILE A 88 9.07 0.66 -7.61
N GLN A 89 8.05 0.92 -8.42
CA GLN A 89 7.86 2.23 -9.01
C GLN A 89 6.42 2.70 -8.86
N PRO A 90 6.21 4.02 -9.02
CA PRO A 90 4.89 4.63 -8.89
C PRO A 90 3.96 4.24 -10.04
N GLY A 91 4.46 3.38 -10.93
CA GLY A 91 3.67 2.94 -12.07
C GLY A 91 3.39 1.46 -12.05
N SER A 92 3.68 0.81 -10.91
CA SER A 92 3.47 -0.61 -10.77
C SER A 92 2.22 -0.90 -9.95
N THR A 93 1.85 -2.17 -9.86
CA THR A 93 0.67 -2.58 -9.10
C THR A 93 1.00 -3.71 -8.14
N VAL A 94 0.55 -3.59 -6.90
CA VAL A 94 0.79 -4.61 -5.88
C VAL A 94 -0.49 -5.38 -5.57
N HIS A 95 -0.33 -6.51 -4.86
CA HIS A 95 -1.46 -7.34 -4.50
C HIS A 95 -1.44 -7.68 -3.01
N VAL A 96 -2.57 -7.51 -2.35
CA VAL A 96 -2.67 -7.81 -0.92
C VAL A 96 -3.18 -9.23 -0.68
N LEU A 97 -2.62 -9.88 0.34
CA LEU A 97 -3.02 -11.25 0.67
C LEU A 97 -3.42 -11.35 2.13
N ARG A 98 -4.66 -11.79 2.37
CA ARG A 98 -5.17 -11.94 3.73
C ARG A 98 -4.48 -13.11 4.44
N LYS A 99 -3.88 -12.81 5.59
CA LYS A 99 -3.19 -13.84 6.37
C LYS A 99 -4.15 -14.95 6.76
N SER A 100 -3.60 -16.08 7.20
CA SER A 100 -4.40 -17.23 7.61
C SER A 100 -4.58 -17.25 9.13
N TRP A 101 -4.89 -16.09 9.70
CA TRP A 101 -5.08 -15.98 11.13
C TRP A 101 -6.17 -16.93 11.61
N SER A 102 -7.25 -17.02 10.84
CA SER A 102 -8.37 -17.89 11.18
C SER A 102 -9.21 -18.22 9.94
N GLY A 103 -10.18 -19.10 10.12
CA GLY A 103 -11.04 -19.48 9.00
C GLY A 103 -12.42 -18.87 9.11
N PRO A 104 -12.59 -17.68 8.52
CA PRO A 104 -13.87 -16.96 8.53
C PRO A 104 -14.93 -17.64 7.67
N SER A 105 -15.78 -18.45 8.30
CA SER A 105 -16.83 -19.17 7.59
C SER A 105 -17.77 -18.19 6.89
N SER A 106 -17.85 -18.32 5.57
CA SER A 106 -18.71 -17.44 4.78
C SER A 106 -19.77 -18.25 4.03
N GLY A 107 -20.85 -17.58 3.64
CA GLY A 107 -21.91 -18.26 2.92
C GLY A 107 -22.09 -17.74 1.51
N GLY A 1 -23.45 5.52 4.35
CA GLY A 1 -23.14 6.93 4.49
C GLY A 1 -22.18 7.41 3.41
N SER A 2 -21.39 8.43 3.75
CA SER A 2 -20.44 9.01 2.80
C SER A 2 -19.09 8.30 2.91
N SER A 3 -18.86 7.33 2.02
CA SER A 3 -17.62 6.58 2.02
C SER A 3 -16.41 7.52 2.06
N GLY A 4 -15.42 7.18 2.87
CA GLY A 4 -14.23 8.00 2.98
C GLY A 4 -14.36 9.08 4.04
N SER A 5 -13.57 8.97 5.10
CA SER A 5 -13.60 9.93 6.19
C SER A 5 -12.68 11.11 5.90
N SER A 6 -11.41 10.81 5.64
CA SER A 6 -10.42 11.84 5.36
C SER A 6 -10.54 12.33 3.91
N GLY A 7 -10.31 13.62 3.72
CA GLY A 7 -10.39 14.19 2.39
C GLY A 7 -9.27 13.71 1.47
N MET A 8 -9.54 13.71 0.17
CA MET A 8 -8.55 13.27 -0.80
C MET A 8 -7.44 14.31 -0.96
N SER A 9 -6.24 13.98 -0.50
CA SER A 9 -5.11 14.89 -0.59
C SER A 9 -4.51 14.87 -2.00
N LEU A 10 -3.83 15.95 -2.36
CA LEU A 10 -3.21 16.07 -3.67
C LEU A 10 -1.73 15.75 -3.60
N SER A 11 -1.28 14.84 -4.45
CA SER A 11 0.13 14.45 -4.49
C SER A 11 0.58 14.15 -5.92
N ASP A 12 1.82 13.68 -6.06
CA ASP A 12 2.37 13.36 -7.37
C ASP A 12 2.55 11.85 -7.52
N TRP A 13 3.30 11.26 -6.59
CA TRP A 13 3.56 9.82 -6.63
C TRP A 13 2.26 9.04 -6.46
N HIS A 14 1.92 8.23 -7.46
CA HIS A 14 0.71 7.43 -7.42
C HIS A 14 1.02 5.97 -7.76
N LEU A 15 0.50 5.07 -6.93
CA LEU A 15 0.72 3.63 -7.13
C LEU A 15 -0.60 2.89 -7.24
N ALA A 16 -0.57 1.72 -7.86
CA ALA A 16 -1.77 0.90 -8.02
C ALA A 16 -1.92 -0.09 -6.87
N VAL A 17 -3.16 -0.48 -6.60
CA VAL A 17 -3.44 -1.42 -5.52
C VAL A 17 -4.44 -2.48 -5.97
N LYS A 18 -4.03 -3.75 -5.89
CA LYS A 18 -4.88 -4.86 -6.28
C LYS A 18 -5.17 -5.76 -5.10
N LEU A 19 -6.27 -6.52 -5.19
CA LEU A 19 -6.66 -7.44 -4.13
C LEU A 19 -6.39 -8.88 -4.52
N ALA A 20 -5.32 -9.45 -3.97
CA ALA A 20 -4.96 -10.83 -4.27
C ALA A 20 -6.09 -11.79 -3.92
N ASP A 21 -6.82 -11.47 -2.86
CA ASP A 21 -7.94 -12.30 -2.43
C ASP A 21 -9.08 -12.26 -3.46
N GLN A 22 -9.19 -11.13 -4.16
CA GLN A 22 -10.24 -10.97 -5.16
C GLN A 22 -9.67 -10.39 -6.45
N PRO A 23 -9.20 -11.28 -7.34
CA PRO A 23 -8.61 -10.87 -8.63
C PRO A 23 -9.66 -10.30 -9.58
N LEU A 24 -10.93 -10.41 -9.20
CA LEU A 24 -12.03 -9.91 -10.02
C LEU A 24 -12.41 -8.49 -9.62
N ALA A 25 -12.19 -8.16 -8.34
CA ALA A 25 -12.50 -6.84 -7.84
C ALA A 25 -11.76 -5.76 -8.61
N PRO A 26 -12.25 -4.51 -8.52
CA PRO A 26 -11.63 -3.37 -9.21
C PRO A 26 -10.29 -2.98 -8.60
N LYS A 27 -9.60 -2.06 -9.25
CA LYS A 27 -8.30 -1.59 -8.77
C LYS A 27 -8.44 -0.31 -7.97
N SER A 28 -7.49 -0.06 -7.08
CA SER A 28 -7.51 1.14 -6.24
C SER A 28 -6.19 1.90 -6.34
N ILE A 29 -6.26 3.22 -6.32
CA ILE A 29 -5.08 4.06 -6.40
C ILE A 29 -4.75 4.69 -5.06
N LEU A 30 -3.49 4.63 -4.67
CA LEU A 30 -3.04 5.21 -3.40
C LEU A 30 -1.99 6.30 -3.64
N GLN A 31 -2.03 7.33 -2.79
CA GLN A 31 -1.08 8.43 -2.90
C GLN A 31 -0.30 8.61 -1.61
N LEU A 32 0.94 8.13 -1.61
CA LEU A 32 1.80 8.23 -0.43
C LEU A 32 2.25 9.68 -0.21
N PRO A 33 2.51 10.02 1.07
CA PRO A 33 2.95 11.37 1.44
C PRO A 33 4.37 11.67 0.97
N GLU A 34 4.70 12.95 0.88
CA GLU A 34 6.02 13.36 0.44
C GLU A 34 7.12 12.68 1.26
N THR A 35 8.36 12.88 0.85
CA THR A 35 9.49 12.28 1.55
C THR A 35 10.70 13.21 1.56
N GLU A 36 11.63 12.98 2.48
CA GLU A 36 12.82 13.80 2.60
C GLU A 36 13.37 14.15 1.22
N LEU A 37 13.27 13.22 0.29
CA LEU A 37 13.75 13.42 -1.07
C LEU A 37 12.60 13.74 -2.02
N GLY A 38 12.92 13.92 -3.29
CA GLY A 38 11.91 14.24 -4.28
C GLY A 38 11.06 13.03 -4.63
N GLU A 39 9.88 13.28 -5.21
CA GLU A 39 8.97 12.21 -5.59
C GLU A 39 9.55 11.40 -6.75
N TYR A 40 10.23 12.07 -7.66
CA TYR A 40 10.83 11.42 -8.82
C TYR A 40 11.42 10.06 -8.43
N SER A 41 11.96 9.98 -7.21
CA SER A 41 12.55 8.74 -6.73
C SER A 41 12.57 8.71 -5.19
N LEU A 42 11.94 7.69 -4.63
CA LEU A 42 11.87 7.55 -3.18
C LEU A 42 13.04 6.71 -2.67
N GLY A 43 13.05 5.43 -3.02
CA GLY A 43 14.11 4.54 -2.60
C GLY A 43 14.49 4.76 -1.14
N GLY A 44 13.52 4.61 -0.24
CA GLY A 44 13.78 4.80 1.16
C GLY A 44 12.65 4.30 2.05
N TYR A 45 11.43 4.38 1.53
CA TYR A 45 10.26 3.93 2.27
C TYR A 45 10.35 2.45 2.60
N SER A 46 9.91 2.09 3.80
CA SER A 46 9.94 0.69 4.23
C SER A 46 8.62 -0.01 3.90
N ILE A 47 8.73 -1.17 3.26
CA ILE A 47 7.54 -1.94 2.89
C ILE A 47 6.45 -1.79 3.94
N SER A 48 6.80 -2.05 5.20
CA SER A 48 5.85 -1.95 6.29
C SER A 48 5.01 -0.69 6.18
N PHE A 49 5.68 0.44 5.96
CA PHE A 49 5.00 1.73 5.82
C PHE A 49 3.81 1.62 4.87
N LEU A 50 4.09 1.25 3.63
CA LEU A 50 3.05 1.11 2.62
C LEU A 50 1.92 0.20 3.13
N LYS A 51 2.29 -1.00 3.56
CA LYS A 51 1.31 -1.95 4.08
C LYS A 51 0.30 -1.27 4.99
N GLN A 52 0.71 -0.13 5.57
CA GLN A 52 -0.17 0.62 6.46
C GLN A 52 -1.08 1.55 5.67
N LEU A 53 -0.49 2.34 4.77
CA LEU A 53 -1.26 3.27 3.95
C LEU A 53 -2.34 2.53 3.16
N ILE A 54 -1.95 1.49 2.46
CA ILE A 54 -2.88 0.70 1.67
C ILE A 54 -3.99 0.12 2.54
N ALA A 55 -3.61 -0.43 3.67
CA ALA A 55 -4.58 -1.01 4.60
C ALA A 55 -5.60 0.03 5.05
N GLY A 56 -5.17 1.27 5.16
CA GLY A 56 -6.06 2.34 5.58
C GLY A 56 -7.12 2.65 4.54
N LYS A 57 -6.87 2.24 3.30
CA LYS A 57 -7.80 2.46 2.21
C LYS A 57 -8.65 1.23 1.94
N LEU A 58 -8.03 0.06 2.07
CA LEU A 58 -8.73 -1.20 1.84
C LEU A 58 -9.67 -1.52 2.99
N GLN A 59 -9.75 -0.61 3.96
CA GLN A 59 -10.62 -0.80 5.12
C GLN A 59 -11.88 -1.57 4.73
N GLU A 60 -12.37 -1.33 3.52
CA GLU A 60 -13.56 -2.01 3.03
C GLU A 60 -13.53 -3.50 3.37
N SER A 61 -12.42 -4.15 3.02
CA SER A 61 -12.25 -5.58 3.28
C SER A 61 -11.12 -5.82 4.27
N VAL A 62 -10.09 -4.99 4.19
CA VAL A 62 -8.94 -5.11 5.09
C VAL A 62 -9.24 -4.51 6.46
N PRO A 63 -9.32 -5.37 7.48
CA PRO A 63 -9.60 -4.94 8.86
C PRO A 63 -8.44 -4.17 9.47
N ASP A 64 -7.24 -4.74 9.39
CA ASP A 64 -6.05 -4.11 9.93
C ASP A 64 -4.84 -4.36 9.04
N PRO A 65 -3.86 -3.44 9.10
CA PRO A 65 -2.63 -3.54 8.30
C PRO A 65 -1.74 -4.68 8.76
N GLU A 66 -1.92 -5.12 10.01
CA GLU A 66 -1.12 -6.20 10.56
C GLU A 66 -1.73 -7.56 10.22
N LEU A 67 -3.04 -7.57 9.98
CA LEU A 67 -3.75 -8.79 9.64
C LEU A 67 -3.74 -9.03 8.13
N ILE A 68 -2.81 -8.38 7.44
CA ILE A 68 -2.68 -8.52 6.00
C ILE A 68 -1.21 -8.50 5.57
N ASP A 69 -0.98 -8.66 4.27
CA ASP A 69 0.37 -8.66 3.73
C ASP A 69 0.43 -7.90 2.41
N LEU A 70 1.59 -7.90 1.78
CA LEU A 70 1.77 -7.21 0.49
C LEU A 70 2.56 -8.07 -0.48
N ILE A 71 2.04 -8.22 -1.69
CA ILE A 71 2.70 -9.02 -2.72
C ILE A 71 3.00 -8.18 -3.95
N TYR A 72 4.24 -8.26 -4.44
CA TYR A 72 4.65 -7.51 -5.61
C TYR A 72 5.61 -8.34 -6.47
N CYS A 73 5.31 -8.41 -7.76
CA CYS A 73 6.15 -9.16 -8.70
C CYS A 73 6.03 -10.65 -8.44
N GLY A 74 4.87 -11.08 -7.97
CA GLY A 74 4.65 -12.49 -7.68
C GLY A 74 5.43 -12.97 -6.48
N ARG A 75 5.64 -12.08 -5.52
CA ARG A 75 6.39 -12.41 -4.31
C ARG A 75 6.08 -11.41 -3.19
N LYS A 76 6.04 -11.92 -1.96
CA LYS A 76 5.76 -11.08 -0.80
C LYS A 76 6.93 -10.16 -0.50
N LEU A 77 6.66 -9.06 0.19
CA LEU A 77 7.69 -8.10 0.55
C LEU A 77 7.84 -7.99 2.06
N LYS A 78 9.05 -8.18 2.56
CA LYS A 78 9.33 -8.10 3.99
C LYS A 78 9.35 -6.65 4.45
N ASP A 79 9.29 -6.45 5.76
CA ASP A 79 9.30 -5.11 6.34
C ASP A 79 10.73 -4.65 6.60
N ASP A 80 11.69 -5.26 5.90
CA ASP A 80 13.09 -4.91 6.05
C ASP A 80 13.69 -4.46 4.73
N GLN A 81 12.83 -4.29 3.72
CA GLN A 81 13.28 -3.86 2.40
C GLN A 81 12.70 -2.50 2.04
N THR A 82 13.20 -1.90 0.97
CA THR A 82 12.73 -0.60 0.53
C THR A 82 12.17 -0.67 -0.89
N LEU A 83 11.53 0.41 -1.32
CA LEU A 83 10.94 0.47 -2.66
C LEU A 83 12.00 0.20 -3.72
N ASP A 84 13.19 0.76 -3.53
CA ASP A 84 14.28 0.57 -4.48
C ASP A 84 14.86 -0.84 -4.36
N PHE A 85 14.93 -1.33 -3.13
CA PHE A 85 15.49 -2.67 -2.89
C PHE A 85 14.81 -3.71 -3.77
N TYR A 86 13.48 -3.65 -3.84
CA TYR A 86 12.71 -4.57 -4.65
C TYR A 86 12.64 -4.11 -6.10
N GLY A 87 12.63 -2.80 -6.30
CA GLY A 87 12.57 -2.25 -7.63
C GLY A 87 11.19 -1.73 -7.98
N ILE A 88 10.40 -1.42 -6.96
CA ILE A 88 9.04 -0.91 -7.15
C ILE A 88 9.08 0.47 -7.80
N GLN A 89 8.06 0.75 -8.62
CA GLN A 89 7.97 2.04 -9.30
C GLN A 89 6.58 2.64 -9.14
N PRO A 90 6.47 3.95 -9.37
CA PRO A 90 5.20 4.67 -9.26
C PRO A 90 4.22 4.30 -10.38
N GLY A 91 4.62 3.35 -11.21
CA GLY A 91 3.77 2.90 -12.31
C GLY A 91 3.53 1.42 -12.30
N SER A 92 3.74 0.80 -11.14
CA SER A 92 3.55 -0.64 -11.00
C SER A 92 2.28 -0.95 -10.20
N THR A 93 2.05 -2.23 -9.93
CA THR A 93 0.87 -2.66 -9.18
C THR A 93 1.24 -3.69 -8.13
N VAL A 94 0.71 -3.51 -6.92
CA VAL A 94 0.98 -4.42 -5.82
C VAL A 94 -0.28 -5.18 -5.41
N HIS A 95 -0.15 -6.49 -5.27
CA HIS A 95 -1.29 -7.32 -4.88
C HIS A 95 -1.31 -7.52 -3.37
N VAL A 96 -2.42 -7.10 -2.74
CA VAL A 96 -2.56 -7.24 -1.29
C VAL A 96 -3.08 -8.62 -0.92
N LEU A 97 -2.43 -9.25 0.04
CA LEU A 97 -2.83 -10.58 0.49
C LEU A 97 -3.15 -10.58 1.99
N ARG A 98 -4.40 -10.89 2.32
CA ARG A 98 -4.83 -10.93 3.71
C ARG A 98 -4.59 -12.31 4.32
N LYS A 99 -4.10 -12.33 5.55
CA LYS A 99 -3.83 -13.57 6.26
C LYS A 99 -5.13 -14.30 6.60
N SER A 100 -5.56 -15.19 5.72
CA SER A 100 -6.78 -15.95 5.93
C SER A 100 -6.59 -17.00 7.02
N TRP A 101 -7.13 -16.73 8.21
CA TRP A 101 -7.01 -17.64 9.34
C TRP A 101 -8.11 -18.69 9.29
N SER A 102 -9.36 -18.24 9.18
CA SER A 102 -10.50 -19.15 9.14
C SER A 102 -11.65 -18.53 8.33
N GLY A 103 -12.76 -19.25 8.27
CA GLY A 103 -13.91 -18.76 7.53
C GLY A 103 -15.02 -18.27 8.43
N PRO A 104 -14.96 -16.98 8.81
CA PRO A 104 -15.96 -16.37 9.69
C PRO A 104 -17.31 -16.21 9.00
N SER A 105 -17.39 -16.64 7.75
CA SER A 105 -18.63 -16.54 6.98
C SER A 105 -19.84 -16.84 7.86
N SER A 106 -20.74 -15.88 7.96
CA SER A 106 -21.94 -16.04 8.78
C SER A 106 -22.58 -17.41 8.54
N GLY A 107 -22.74 -17.77 7.27
CA GLY A 107 -23.33 -19.05 6.93
C GLY A 107 -23.87 -19.09 5.51
N GLY A 1 -23.75 14.22 10.61
CA GLY A 1 -23.16 13.19 11.45
C GLY A 1 -21.74 13.54 11.87
N SER A 2 -21.58 14.67 12.54
CA SER A 2 -20.27 15.13 13.00
C SER A 2 -19.27 15.14 11.84
N SER A 3 -19.72 15.61 10.68
CA SER A 3 -18.87 15.68 9.50
C SER A 3 -17.96 16.90 9.56
N GLY A 4 -16.89 16.87 8.76
CA GLY A 4 -15.96 17.98 8.73
C GLY A 4 -14.53 17.54 8.48
N SER A 5 -14.35 16.67 7.48
CA SER A 5 -13.03 16.16 7.15
C SER A 5 -12.57 16.68 5.79
N SER A 6 -11.44 17.37 5.78
CA SER A 6 -10.89 17.92 4.55
C SER A 6 -9.75 17.07 4.03
N GLY A 7 -9.45 17.20 2.73
CA GLY A 7 -8.38 16.44 2.14
C GLY A 7 -8.22 16.71 0.66
N MET A 8 -8.02 17.98 0.31
CA MET A 8 -7.86 18.37 -1.09
C MET A 8 -6.38 18.56 -1.44
N SER A 9 -5.74 17.49 -1.90
CA SER A 9 -4.32 17.54 -2.25
C SER A 9 -4.02 16.55 -3.38
N LEU A 10 -3.19 17.00 -4.32
CA LEU A 10 -2.81 16.16 -5.45
C LEU A 10 -1.32 15.82 -5.40
N SER A 11 -1.02 14.54 -5.18
CA SER A 11 0.37 14.09 -5.11
C SER A 11 0.89 13.72 -6.50
N ASP A 12 2.22 13.66 -6.63
CA ASP A 12 2.84 13.32 -7.90
C ASP A 12 3.02 11.81 -8.03
N TRP A 13 3.49 11.18 -6.95
CA TRP A 13 3.71 9.74 -6.95
C TRP A 13 2.40 8.99 -6.69
N HIS A 14 2.03 8.13 -7.63
CA HIS A 14 0.80 7.35 -7.52
C HIS A 14 1.06 5.88 -7.81
N LEU A 15 0.53 5.01 -6.96
CA LEU A 15 0.70 3.57 -7.14
C LEU A 15 -0.64 2.87 -7.31
N ALA A 16 -0.63 1.71 -7.97
CA ALA A 16 -1.84 0.95 -8.20
C ALA A 16 -1.99 -0.17 -7.17
N VAL A 17 -3.21 -0.36 -6.67
CA VAL A 17 -3.49 -1.40 -5.69
C VAL A 17 -4.59 -2.34 -6.17
N LYS A 18 -4.49 -3.60 -5.79
CA LYS A 18 -5.47 -4.60 -6.18
C LYS A 18 -5.63 -5.66 -5.09
N LEU A 19 -6.88 -5.94 -4.72
CA LEU A 19 -7.16 -6.94 -3.69
C LEU A 19 -7.05 -8.34 -4.26
N ALA A 20 -5.98 -9.05 -3.90
CA ALA A 20 -5.77 -10.41 -4.37
C ALA A 20 -6.94 -11.31 -4.00
N ASP A 21 -7.50 -11.09 -2.83
CA ASP A 21 -8.64 -11.88 -2.35
C ASP A 21 -9.83 -11.73 -3.29
N GLN A 22 -10.02 -10.52 -3.82
CA GLN A 22 -11.12 -10.25 -4.73
C GLN A 22 -10.62 -9.72 -6.07
N PRO A 23 -10.44 -10.62 -7.04
CA PRO A 23 -9.96 -10.27 -8.38
C PRO A 23 -10.98 -9.46 -9.17
N LEU A 24 -12.21 -9.40 -8.65
CA LEU A 24 -13.27 -8.67 -9.32
C LEU A 24 -13.31 -7.22 -8.84
N ALA A 25 -13.01 -7.01 -7.56
CA ALA A 25 -13.00 -5.67 -6.98
C ALA A 25 -12.22 -4.70 -7.85
N PRO A 26 -12.63 -3.43 -7.84
CA PRO A 26 -11.98 -2.37 -8.63
C PRO A 26 -10.60 -2.02 -8.10
N LYS A 27 -9.86 -1.22 -8.86
CA LYS A 27 -8.52 -0.81 -8.46
C LYS A 27 -8.57 0.43 -7.57
N SER A 28 -7.64 0.51 -6.63
CA SER A 28 -7.58 1.64 -5.71
C SER A 28 -6.23 2.34 -5.79
N ILE A 29 -6.22 3.53 -6.39
CA ILE A 29 -4.99 4.30 -6.53
C ILE A 29 -4.56 4.91 -5.20
N LEU A 30 -3.33 4.61 -4.79
CA LEU A 30 -2.81 5.13 -3.53
C LEU A 30 -1.83 6.27 -3.79
N GLN A 31 -1.84 7.26 -2.90
CA GLN A 31 -0.94 8.40 -3.02
C GLN A 31 -0.14 8.61 -1.74
N LEU A 32 1.11 8.15 -1.77
CA LEU A 32 1.99 8.29 -0.61
C LEU A 32 2.44 9.73 -0.43
N PRO A 33 2.75 10.11 0.82
CA PRO A 33 3.20 11.47 1.15
C PRO A 33 4.61 11.75 0.61
N GLU A 34 5.04 13.00 0.76
CA GLU A 34 6.36 13.40 0.29
C GLU A 34 7.44 13.05 1.31
N THR A 35 8.67 12.93 0.84
CA THR A 35 9.79 12.58 1.72
C THR A 35 10.92 13.60 1.59
N GLU A 36 11.89 13.52 2.48
CA GLU A 36 13.03 14.43 2.47
C GLU A 36 13.74 14.40 1.13
N LEU A 37 13.89 13.20 0.58
CA LEU A 37 14.56 13.03 -0.71
C LEU A 37 13.80 13.75 -1.82
N GLY A 38 12.50 13.47 -1.90
CA GLY A 38 11.68 14.10 -2.93
C GLY A 38 10.69 13.14 -3.54
N GLU A 39 10.39 13.33 -4.83
CA GLU A 39 9.46 12.48 -5.54
C GLU A 39 10.15 11.73 -6.67
N TYR A 40 11.07 12.40 -7.34
CA TYR A 40 11.81 11.80 -8.45
C TYR A 40 12.50 10.51 -8.01
N SER A 41 12.56 10.30 -6.70
CA SER A 41 13.20 9.11 -6.15
C SER A 41 13.02 9.04 -4.63
N LEU A 42 12.37 7.99 -4.16
CA LEU A 42 12.13 7.81 -2.74
C LEU A 42 13.25 7.01 -2.10
N GLY A 43 13.45 5.77 -2.57
CA GLY A 43 14.49 4.92 -2.02
C GLY A 43 14.71 5.14 -0.55
N GLY A 44 13.75 4.70 0.27
CA GLY A 44 13.86 4.86 1.70
C GLY A 44 12.63 4.36 2.44
N TYR A 45 11.49 4.41 1.78
CA TYR A 45 10.24 3.95 2.37
C TYR A 45 10.29 2.46 2.67
N SER A 46 10.04 2.10 3.92
CA SER A 46 10.06 0.70 4.33
C SER A 46 8.74 0.02 3.99
N ILE A 47 8.82 -1.12 3.29
CA ILE A 47 7.64 -1.87 2.91
C ILE A 47 6.54 -1.76 3.96
N SER A 48 6.93 -1.91 5.22
CA SER A 48 5.98 -1.82 6.32
C SER A 48 5.08 -0.60 6.18
N PHE A 49 5.70 0.56 5.99
CA PHE A 49 4.96 1.81 5.83
C PHE A 49 3.80 1.63 4.86
N LEU A 50 4.12 1.37 3.61
CA LEU A 50 3.10 1.18 2.58
C LEU A 50 1.97 0.29 3.09
N LYS A 51 2.32 -0.92 3.50
CA LYS A 51 1.34 -1.87 4.01
C LYS A 51 0.29 -1.16 4.85
N GLN A 52 0.67 -0.04 5.46
CA GLN A 52 -0.24 0.73 6.30
C GLN A 52 -1.13 1.63 5.45
N LEU A 53 -0.53 2.25 4.42
CA LEU A 53 -1.26 3.14 3.54
C LEU A 53 -2.31 2.37 2.74
N ILE A 54 -1.86 1.35 2.01
CA ILE A 54 -2.75 0.53 1.21
C ILE A 54 -3.87 -0.07 2.07
N ALA A 55 -3.48 -0.73 3.16
CA ALA A 55 -4.45 -1.34 4.06
C ALA A 55 -5.51 -0.34 4.51
N GLY A 56 -5.11 0.93 4.59
CA GLY A 56 -6.03 1.97 4.99
C GLY A 56 -7.08 2.27 3.95
N LYS A 57 -6.78 1.93 2.70
CA LYS A 57 -7.71 2.17 1.60
C LYS A 57 -8.55 0.92 1.33
N LEU A 58 -7.93 -0.24 1.46
CA LEU A 58 -8.62 -1.51 1.23
C LEU A 58 -9.55 -1.83 2.38
N GLN A 59 -9.64 -0.93 3.34
CA GLN A 59 -10.50 -1.12 4.51
C GLN A 59 -11.75 -1.90 4.13
N GLU A 60 -12.26 -1.65 2.93
CA GLU A 60 -13.46 -2.33 2.45
C GLU A 60 -13.46 -3.79 2.89
N SER A 61 -12.34 -4.47 2.67
CA SER A 61 -12.21 -5.87 3.04
C SER A 61 -11.07 -6.08 4.04
N VAL A 62 -10.06 -5.22 3.95
CA VAL A 62 -8.92 -5.30 4.84
C VAL A 62 -9.23 -4.71 6.22
N PRO A 63 -9.30 -5.57 7.24
CA PRO A 63 -9.59 -5.16 8.61
C PRO A 63 -8.46 -4.35 9.24
N ASP A 64 -7.25 -4.89 9.15
CA ASP A 64 -6.08 -4.22 9.71
C ASP A 64 -4.84 -4.47 8.85
N PRO A 65 -3.89 -3.54 8.89
CA PRO A 65 -2.64 -3.64 8.12
C PRO A 65 -1.72 -4.75 8.64
N GLU A 66 -1.97 -5.17 9.87
CA GLU A 66 -1.17 -6.22 10.49
C GLU A 66 -1.71 -7.60 10.13
N LEU A 67 -3.01 -7.68 9.92
CA LEU A 67 -3.66 -8.95 9.58
C LEU A 67 -3.63 -9.17 8.06
N ILE A 68 -2.69 -8.52 7.39
CA ILE A 68 -2.56 -8.65 5.94
C ILE A 68 -1.10 -8.65 5.52
N ASP A 69 -0.85 -8.82 4.22
CA ASP A 69 0.51 -8.84 3.69
C ASP A 69 0.55 -8.15 2.33
N LEU A 70 1.77 -7.97 1.81
CA LEU A 70 1.96 -7.32 0.52
C LEU A 70 2.73 -8.23 -0.43
N ILE A 71 2.23 -8.33 -1.66
CA ILE A 71 2.88 -9.17 -2.67
C ILE A 71 3.20 -8.36 -3.92
N TYR A 72 4.41 -8.54 -4.45
CA TYR A 72 4.83 -7.83 -5.65
C TYR A 72 5.70 -8.73 -6.52
N CYS A 73 5.49 -8.64 -7.84
CA CYS A 73 6.25 -9.44 -8.79
C CYS A 73 6.21 -10.92 -8.41
N GLY A 74 5.06 -11.35 -7.89
CA GLY A 74 4.91 -12.75 -7.49
C GLY A 74 5.78 -13.10 -6.31
N ARG A 75 6.19 -12.09 -5.55
CA ARG A 75 7.04 -12.31 -4.38
C ARG A 75 6.63 -11.38 -3.24
N LYS A 76 6.52 -11.93 -2.03
CA LYS A 76 6.15 -11.14 -0.87
C LYS A 76 7.26 -10.19 -0.47
N LEU A 77 6.89 -8.98 -0.08
CA LEU A 77 7.86 -7.96 0.33
C LEU A 77 7.94 -7.87 1.85
N LYS A 78 9.15 -7.97 2.38
CA LYS A 78 9.36 -7.87 3.83
C LYS A 78 9.46 -6.42 4.27
N ASP A 79 9.24 -6.18 5.56
CA ASP A 79 9.31 -4.83 6.11
C ASP A 79 10.75 -4.34 6.17
N ASP A 80 11.69 -5.28 6.16
CA ASP A 80 13.10 -4.95 6.21
C ASP A 80 13.57 -4.36 4.88
N GLN A 81 12.79 -4.59 3.83
CA GLN A 81 13.13 -4.08 2.50
C GLN A 81 12.47 -2.73 2.27
N THR A 82 12.74 -2.15 1.09
CA THR A 82 12.19 -0.84 0.74
C THR A 82 11.79 -0.81 -0.72
N LEU A 83 11.36 0.37 -1.18
CA LEU A 83 10.94 0.54 -2.58
C LEU A 83 12.11 0.28 -3.53
N ASP A 84 13.23 0.95 -3.28
CA ASP A 84 14.41 0.80 -4.11
C ASP A 84 15.01 -0.59 -3.96
N PHE A 85 15.08 -1.07 -2.72
CA PHE A 85 15.62 -2.40 -2.44
C PHE A 85 15.24 -3.39 -3.53
N TYR A 86 13.97 -3.35 -3.93
CA TYR A 86 13.48 -4.26 -4.97
C TYR A 86 13.53 -3.59 -6.34
N GLY A 87 13.27 -2.28 -6.36
CA GLY A 87 13.30 -1.54 -7.61
C GLY A 87 11.91 -1.20 -8.10
N ILE A 88 11.00 -0.93 -7.17
CA ILE A 88 9.62 -0.60 -7.53
C ILE A 88 9.54 0.80 -8.14
N GLN A 89 8.60 0.98 -9.06
CA GLN A 89 8.41 2.27 -9.72
C GLN A 89 6.99 2.78 -9.52
N PRO A 90 6.84 4.11 -9.59
CA PRO A 90 5.54 4.76 -9.41
C PRO A 90 4.59 4.50 -10.58
N GLY A 91 3.83 3.42 -10.49
CA GLY A 91 2.90 3.07 -11.55
C GLY A 91 2.52 1.60 -11.52
N SER A 92 3.37 0.78 -10.92
CA SER A 92 3.12 -0.65 -10.83
C SER A 92 1.86 -0.94 -10.00
N THR A 93 1.54 -2.23 -9.86
CA THR A 93 0.37 -2.63 -9.09
C THR A 93 0.70 -3.75 -8.11
N VAL A 94 0.41 -3.52 -6.84
CA VAL A 94 0.68 -4.51 -5.80
C VAL A 94 -0.60 -5.22 -5.37
N HIS A 95 -0.45 -6.43 -4.84
CA HIS A 95 -1.59 -7.20 -4.37
C HIS A 95 -1.47 -7.52 -2.89
N VAL A 96 -2.57 -7.35 -2.16
CA VAL A 96 -2.58 -7.62 -0.72
C VAL A 96 -3.19 -8.99 -0.43
N LEU A 97 -2.52 -9.76 0.43
CA LEU A 97 -2.99 -11.08 0.80
C LEU A 97 -3.31 -11.16 2.29
N ARG A 98 -4.58 -11.43 2.59
CA ARG A 98 -5.02 -11.52 3.98
C ARG A 98 -4.52 -12.81 4.62
N LYS A 99 -3.82 -12.67 5.74
CA LYS A 99 -3.29 -13.83 6.45
C LYS A 99 -4.41 -14.78 6.88
N SER A 100 -4.07 -16.05 7.01
CA SER A 100 -5.04 -17.06 7.40
C SER A 100 -5.15 -17.16 8.92
N TRP A 101 -6.35 -16.88 9.43
CA TRP A 101 -6.59 -16.94 10.87
C TRP A 101 -7.82 -17.77 11.18
N SER A 102 -7.82 -18.39 12.36
CA SER A 102 -8.94 -19.23 12.78
C SER A 102 -10.26 -18.50 12.57
N GLY A 103 -10.40 -17.34 13.22
CA GLY A 103 -11.63 -16.57 13.09
C GLY A 103 -11.85 -15.65 14.26
N PRO A 104 -11.96 -16.24 15.47
CA PRO A 104 -12.18 -15.48 16.70
C PRO A 104 -10.97 -14.65 17.11
N SER A 105 -10.81 -13.50 16.47
CA SER A 105 -9.68 -12.62 16.75
C SER A 105 -9.84 -11.97 18.13
N SER A 106 -10.97 -11.31 18.33
CA SER A 106 -11.24 -10.63 19.60
C SER A 106 -10.15 -9.62 19.92
N GLY A 107 -9.71 -8.88 18.91
CA GLY A 107 -8.67 -7.89 19.12
C GLY A 107 -8.18 -7.30 17.81
N GLY A 1 -13.22 18.75 1.38
CA GLY A 1 -12.96 19.85 0.49
C GLY A 1 -11.74 20.67 0.90
N SER A 2 -10.56 20.19 0.51
CA SER A 2 -9.32 20.88 0.85
C SER A 2 -9.49 22.40 0.75
N SER A 3 -10.09 22.85 -0.35
CA SER A 3 -10.30 24.28 -0.56
C SER A 3 -9.05 25.07 -0.22
N GLY A 4 -7.89 24.55 -0.62
CA GLY A 4 -6.64 25.23 -0.34
C GLY A 4 -5.80 25.44 -1.59
N SER A 5 -4.56 24.98 -1.56
CA SER A 5 -3.66 25.13 -2.70
C SER A 5 -4.18 24.37 -3.91
N SER A 6 -4.08 24.98 -5.08
CA SER A 6 -4.55 24.37 -6.31
C SER A 6 -3.76 24.89 -7.51
N GLY A 7 -3.28 23.96 -8.35
CA GLY A 7 -2.52 24.36 -9.52
C GLY A 7 -1.04 24.02 -9.38
N MET A 8 -0.69 22.78 -9.72
CA MET A 8 0.70 22.33 -9.64
C MET A 8 0.95 21.17 -10.59
N SER A 9 2.07 21.23 -11.31
CA SER A 9 2.43 20.19 -12.27
C SER A 9 3.65 19.42 -11.78
N LEU A 10 3.92 19.49 -10.48
CA LEU A 10 5.05 18.80 -9.90
C LEU A 10 4.87 17.29 -9.97
N SER A 11 5.90 16.56 -9.55
CA SER A 11 5.85 15.10 -9.57
C SER A 11 4.74 14.57 -8.66
N ASP A 12 4.06 13.53 -9.12
CA ASP A 12 2.96 12.94 -8.35
C ASP A 12 3.11 11.43 -8.28
N TRP A 13 3.86 10.95 -7.29
CA TRP A 13 4.08 9.52 -7.12
C TRP A 13 2.77 8.82 -6.77
N HIS A 14 2.32 7.95 -7.66
CA HIS A 14 1.08 7.20 -7.45
C HIS A 14 1.29 5.71 -7.74
N LEU A 15 0.55 4.88 -7.03
CA LEU A 15 0.65 3.42 -7.21
C LEU A 15 -0.74 2.80 -7.34
N ALA A 16 -0.78 1.59 -7.91
CA ALA A 16 -2.05 0.88 -8.08
C ALA A 16 -2.23 -0.18 -7.00
N VAL A 17 -3.48 -0.35 -6.56
CA VAL A 17 -3.78 -1.34 -5.53
C VAL A 17 -4.81 -2.35 -6.02
N LYS A 18 -4.53 -3.62 -5.81
CA LYS A 18 -5.43 -4.69 -6.22
C LYS A 18 -5.65 -5.70 -5.10
N LEU A 19 -6.89 -6.16 -4.95
CA LEU A 19 -7.22 -7.14 -3.92
C LEU A 19 -7.08 -8.56 -4.44
N ALA A 20 -6.03 -9.25 -4.01
CA ALA A 20 -5.78 -10.62 -4.43
C ALA A 20 -7.01 -11.50 -4.18
N ASP A 21 -7.68 -11.26 -3.06
CA ASP A 21 -8.87 -12.03 -2.71
C ASP A 21 -10.01 -11.74 -3.67
N GLN A 22 -10.01 -10.54 -4.24
CA GLN A 22 -11.05 -10.14 -5.18
C GLN A 22 -10.43 -9.59 -6.47
N PRO A 23 -10.17 -10.50 -7.43
CA PRO A 23 -9.58 -10.13 -8.71
C PRO A 23 -10.55 -9.34 -9.60
N LEU A 24 -11.79 -9.23 -9.14
CA LEU A 24 -12.81 -8.49 -9.88
C LEU A 24 -12.97 -7.08 -9.34
N ALA A 25 -12.72 -6.91 -8.04
CA ALA A 25 -12.84 -5.61 -7.40
C ALA A 25 -12.13 -4.53 -8.21
N PRO A 26 -12.66 -3.30 -8.15
CA PRO A 26 -12.09 -2.16 -8.88
C PRO A 26 -10.74 -1.73 -8.32
N LYS A 27 -9.75 -1.59 -9.20
CA LYS A 27 -8.42 -1.17 -8.79
C LYS A 27 -8.46 0.20 -8.12
N SER A 28 -7.67 0.35 -7.05
CA SER A 28 -7.61 1.60 -6.31
C SER A 28 -6.21 2.19 -6.34
N ILE A 29 -6.13 3.51 -6.53
CA ILE A 29 -4.85 4.19 -6.58
C ILE A 29 -4.45 4.72 -5.21
N LEU A 30 -3.19 4.52 -4.84
CA LEU A 30 -2.69 4.97 -3.55
C LEU A 30 -1.77 6.18 -3.71
N GLN A 31 -1.79 7.08 -2.74
CA GLN A 31 -0.96 8.28 -2.78
C GLN A 31 -0.17 8.44 -1.48
N LEU A 32 1.13 8.20 -1.55
CA LEU A 32 1.99 8.31 -0.38
C LEU A 32 2.34 9.78 -0.11
N PRO A 33 2.57 10.10 1.18
CA PRO A 33 2.92 11.46 1.60
C PRO A 33 4.31 11.88 1.14
N GLU A 34 4.74 13.05 1.58
CA GLU A 34 6.06 13.56 1.22
C GLU A 34 7.12 13.10 2.21
N THR A 35 8.35 13.58 2.02
CA THR A 35 9.45 13.21 2.89
C THR A 35 10.50 14.33 2.96
N GLU A 36 11.57 14.08 3.70
CA GLU A 36 12.64 15.05 3.84
C GLU A 36 13.13 15.53 2.47
N LEU A 37 12.92 14.71 1.45
CA LEU A 37 13.33 15.04 0.10
C LEU A 37 12.12 15.25 -0.80
N GLY A 38 11.42 14.17 -1.12
CA GLY A 38 10.25 14.27 -1.97
C GLY A 38 9.79 12.92 -2.48
N GLU A 39 8.77 12.93 -3.34
CA GLU A 39 8.25 11.70 -3.90
C GLU A 39 9.07 11.25 -5.11
N TYR A 40 9.41 12.19 -5.97
CA TYR A 40 10.19 11.89 -7.17
C TYR A 40 11.20 10.78 -6.89
N SER A 41 11.96 10.94 -5.81
CA SER A 41 12.97 9.95 -5.43
C SER A 41 12.74 9.47 -4.00
N LEU A 42 12.21 8.25 -3.87
CA LEU A 42 11.94 7.68 -2.56
C LEU A 42 13.17 6.95 -2.02
N GLY A 43 13.45 5.77 -2.58
CA GLY A 43 14.59 4.99 -2.15
C GLY A 43 14.87 5.15 -0.67
N GLY A 44 13.90 4.78 0.16
CA GLY A 44 14.07 4.89 1.60
C GLY A 44 12.86 4.40 2.36
N TYR A 45 11.69 4.50 1.74
CA TYR A 45 10.44 4.07 2.36
C TYR A 45 10.48 2.58 2.67
N SER A 46 10.13 2.22 3.91
CA SER A 46 10.12 0.82 4.32
C SER A 46 8.79 0.16 3.98
N ILE A 47 8.86 -0.99 3.32
CA ILE A 47 7.66 -1.72 2.94
C ILE A 47 6.57 -1.60 4.01
N SER A 48 6.97 -1.84 5.26
CA SER A 48 6.03 -1.77 6.37
C SER A 48 5.08 -0.59 6.20
N PHE A 49 5.64 0.59 6.00
CA PHE A 49 4.83 1.81 5.82
C PHE A 49 3.71 1.57 4.83
N LEU A 50 4.07 1.25 3.58
CA LEU A 50 3.09 0.99 2.54
C LEU A 50 1.98 0.07 3.04
N LYS A 51 2.37 -1.10 3.53
CA LYS A 51 1.42 -2.07 4.04
C LYS A 51 0.33 -1.40 4.87
N GLN A 52 0.66 -0.22 5.41
CA GLN A 52 -0.28 0.54 6.21
C GLN A 52 -1.14 1.45 5.35
N LEU A 53 -0.49 2.17 4.44
CA LEU A 53 -1.19 3.08 3.55
C LEU A 53 -2.31 2.37 2.79
N ILE A 54 -1.99 1.22 2.22
CA ILE A 54 -2.96 0.43 1.48
C ILE A 54 -4.08 -0.04 2.39
N ALA A 55 -3.72 -0.74 3.46
CA ALA A 55 -4.69 -1.26 4.41
C ALA A 55 -5.67 -0.16 4.83
N GLY A 56 -5.17 1.07 4.92
CA GLY A 56 -6.02 2.18 5.31
C GLY A 56 -7.00 2.58 4.24
N LYS A 57 -6.62 2.35 2.98
CA LYS A 57 -7.48 2.69 1.86
C LYS A 57 -8.47 1.56 1.57
N LEU A 58 -8.10 0.34 1.94
CA LEU A 58 -8.96 -0.82 1.73
C LEU A 58 -9.64 -1.23 3.02
N GLN A 59 -9.80 -0.28 3.93
CA GLN A 59 -10.44 -0.55 5.22
C GLN A 59 -11.81 -1.18 5.02
N GLU A 60 -12.33 -1.09 3.80
CA GLU A 60 -13.64 -1.65 3.47
C GLU A 60 -13.63 -3.16 3.62
N SER A 61 -12.51 -3.78 3.26
CA SER A 61 -12.37 -5.23 3.35
C SER A 61 -11.25 -5.62 4.30
N VAL A 62 -10.13 -4.91 4.20
CA VAL A 62 -8.97 -5.18 5.05
C VAL A 62 -9.23 -4.72 6.48
N PRO A 63 -9.16 -5.66 7.43
CA PRO A 63 -9.38 -5.37 8.85
C PRO A 63 -8.26 -4.54 9.45
N ASP A 64 -7.02 -4.98 9.24
CA ASP A 64 -5.85 -4.28 9.77
C ASP A 64 -4.63 -4.53 8.89
N PRO A 65 -3.70 -3.56 8.88
CA PRO A 65 -2.48 -3.64 8.09
C PRO A 65 -1.52 -4.70 8.63
N GLU A 66 -1.75 -5.13 9.87
CA GLU A 66 -0.90 -6.13 10.50
C GLU A 66 -1.41 -7.54 10.21
N LEU A 67 -2.72 -7.66 10.02
CA LEU A 67 -3.33 -8.95 9.74
C LEU A 67 -3.33 -9.24 8.23
N ILE A 68 -2.52 -8.47 7.49
CA ILE A 68 -2.42 -8.64 6.05
C ILE A 68 -0.97 -8.55 5.59
N ASP A 69 -0.72 -8.95 4.35
CA ASP A 69 0.62 -8.91 3.78
C ASP A 69 0.61 -8.25 2.41
N LEU A 70 1.80 -7.88 1.94
CA LEU A 70 1.92 -7.22 0.64
C LEU A 70 2.65 -8.13 -0.35
N ILE A 71 2.20 -8.13 -1.60
CA ILE A 71 2.82 -8.95 -2.64
C ILE A 71 3.12 -8.13 -3.88
N TYR A 72 4.35 -8.26 -4.39
CA TYR A 72 4.77 -7.52 -5.56
C TYR A 72 5.61 -8.40 -6.49
N CYS A 73 5.48 -8.19 -7.79
CA CYS A 73 6.23 -8.96 -8.78
C CYS A 73 6.07 -10.46 -8.52
N GLY A 74 4.96 -10.84 -7.93
CA GLY A 74 4.71 -12.24 -7.62
C GLY A 74 5.55 -12.74 -6.46
N ARG A 75 5.92 -11.83 -5.56
CA ARG A 75 6.74 -12.18 -4.40
C ARG A 75 6.43 -11.26 -3.22
N LYS A 76 6.25 -11.85 -2.05
CA LYS A 76 5.95 -11.09 -0.85
C LYS A 76 7.08 -10.11 -0.53
N LEU A 77 6.72 -8.98 0.07
CA LEU A 77 7.71 -7.96 0.44
C LEU A 77 7.85 -7.86 1.95
N LYS A 78 9.08 -8.01 2.44
CA LYS A 78 9.35 -7.93 3.86
C LYS A 78 9.39 -6.48 4.34
N ASP A 79 9.20 -6.28 5.64
CA ASP A 79 9.22 -4.94 6.20
C ASP A 79 10.64 -4.45 6.42
N ASP A 80 11.61 -5.29 6.06
CA ASP A 80 13.02 -4.95 6.22
C ASP A 80 13.58 -4.36 4.92
N GLN A 81 12.79 -4.44 3.86
CA GLN A 81 13.22 -3.92 2.56
C GLN A 81 12.57 -2.56 2.28
N THR A 82 13.00 -1.93 1.19
CA THR A 82 12.45 -0.63 0.81
C THR A 82 12.06 -0.61 -0.66
N LEU A 83 11.65 0.56 -1.14
CA LEU A 83 11.24 0.72 -2.53
C LEU A 83 12.39 0.40 -3.48
N ASP A 84 13.53 1.05 -3.24
CA ASP A 84 14.72 0.84 -4.08
C ASP A 84 15.13 -0.62 -4.07
N PHE A 85 15.36 -1.16 -2.88
CA PHE A 85 15.77 -2.56 -2.73
C PHE A 85 15.09 -3.43 -3.80
N TYR A 86 13.78 -3.28 -3.94
CA TYR A 86 13.03 -4.05 -4.92
C TYR A 86 13.00 -3.34 -6.27
N GLY A 87 13.13 -2.01 -6.24
CA GLY A 87 13.11 -1.24 -7.47
C GLY A 87 11.71 -0.92 -7.93
N ILE A 88 10.77 -0.90 -6.99
CA ILE A 88 9.38 -0.61 -7.31
C ILE A 88 9.26 0.69 -8.10
N GLN A 89 8.39 0.69 -9.11
CA GLN A 89 8.18 1.86 -9.94
C GLN A 89 6.84 2.52 -9.63
N PRO A 90 6.74 3.84 -9.88
CA PRO A 90 5.52 4.60 -9.63
C PRO A 90 4.40 4.24 -10.61
N GLY A 91 4.67 3.26 -11.48
CA GLY A 91 3.68 2.84 -12.45
C GLY A 91 3.40 1.36 -12.39
N SER A 92 3.63 0.75 -11.22
CA SER A 92 3.41 -0.67 -11.03
C SER A 92 2.14 -0.92 -10.22
N THR A 93 1.83 -2.19 -10.00
CA THR A 93 0.65 -2.57 -9.23
C THR A 93 0.97 -3.65 -8.21
N VAL A 94 0.40 -3.53 -7.02
CA VAL A 94 0.62 -4.49 -5.95
C VAL A 94 -0.67 -5.20 -5.56
N HIS A 95 -0.55 -6.33 -4.88
CA HIS A 95 -1.71 -7.09 -4.43
C HIS A 95 -1.68 -7.30 -2.92
N VAL A 96 -2.88 -7.35 -2.32
CA VAL A 96 -2.98 -7.54 -0.88
C VAL A 96 -3.45 -8.96 -0.54
N LEU A 97 -2.68 -9.64 0.30
CA LEU A 97 -3.02 -11.00 0.70
C LEU A 97 -3.29 -11.08 2.20
N ARG A 98 -4.50 -11.50 2.56
CA ARG A 98 -4.88 -11.62 3.96
C ARG A 98 -4.20 -12.82 4.61
N LYS A 99 -3.78 -12.66 5.85
CA LYS A 99 -3.12 -13.73 6.59
C LYS A 99 -4.12 -14.81 6.99
N SER A 100 -3.61 -16.01 7.27
CA SER A 100 -4.45 -17.13 7.67
C SER A 100 -4.47 -17.28 9.19
N TRP A 101 -5.35 -16.52 9.84
CA TRP A 101 -5.47 -16.57 11.29
C TRP A 101 -6.91 -16.32 11.73
N SER A 102 -7.36 -17.07 12.73
CA SER A 102 -8.72 -16.93 13.23
C SER A 102 -9.18 -15.48 13.18
N GLY A 103 -8.58 -14.64 14.02
CA GLY A 103 -8.93 -13.24 14.06
C GLY A 103 -10.08 -12.94 15.01
N PRO A 104 -9.75 -12.77 16.30
CA PRO A 104 -10.74 -12.48 17.34
C PRO A 104 -11.35 -11.09 17.20
N SER A 105 -12.29 -10.78 18.07
CA SER A 105 -12.95 -9.47 18.05
C SER A 105 -12.74 -8.73 19.37
N SER A 106 -12.34 -7.46 19.27
CA SER A 106 -12.11 -6.65 20.46
C SER A 106 -13.42 -6.34 21.17
N GLY A 107 -13.71 -7.10 22.22
CA GLY A 107 -14.93 -6.89 22.98
C GLY A 107 -14.72 -7.02 24.48
N GLY A 1 -11.73 33.92 16.82
CA GLY A 1 -11.18 32.62 17.13
C GLY A 1 -10.20 32.14 16.07
N SER A 2 -9.99 30.83 16.02
CA SER A 2 -9.07 30.24 15.05
C SER A 2 -9.69 29.02 14.37
N SER A 3 -9.16 28.66 13.21
CA SER A 3 -9.67 27.52 12.46
C SER A 3 -8.56 26.87 11.63
N GLY A 4 -8.79 25.64 11.19
CA GLY A 4 -7.81 24.94 10.40
C GLY A 4 -7.67 25.52 9.00
N SER A 5 -6.45 25.93 8.65
CA SER A 5 -6.19 26.51 7.34
C SER A 5 -5.72 25.43 6.35
N SER A 6 -6.63 24.99 5.49
CA SER A 6 -6.32 23.97 4.51
C SER A 6 -5.40 24.53 3.42
N GLY A 7 -4.45 23.70 2.98
CA GLY A 7 -3.52 24.14 1.95
C GLY A 7 -2.41 23.13 1.72
N MET A 8 -2.79 21.87 1.54
CA MET A 8 -1.82 20.80 1.31
C MET A 8 -1.69 20.51 -0.18
N SER A 9 -0.50 20.02 -0.58
CA SER A 9 -0.26 19.70 -1.98
C SER A 9 -0.27 18.19 -2.20
N LEU A 10 -0.60 17.78 -3.42
CA LEU A 10 -0.64 16.36 -3.76
C LEU A 10 0.69 15.89 -4.34
N SER A 11 1.13 14.72 -3.91
CA SER A 11 2.39 14.16 -4.38
C SER A 11 2.28 13.72 -5.84
N ASP A 12 3.42 13.40 -6.44
CA ASP A 12 3.45 12.96 -7.83
C ASP A 12 3.50 11.44 -7.92
N TRP A 13 4.38 10.84 -7.13
CA TRP A 13 4.52 9.39 -7.12
C TRP A 13 3.20 8.71 -6.79
N HIS A 14 2.73 7.86 -7.70
CA HIS A 14 1.47 7.15 -7.50
C HIS A 14 1.65 5.66 -7.75
N LEU A 15 0.86 4.84 -7.06
CA LEU A 15 0.93 3.39 -7.20
C LEU A 15 -0.46 2.79 -7.29
N ALA A 16 -0.55 1.61 -7.91
CA ALA A 16 -1.83 0.92 -8.05
C ALA A 16 -2.00 -0.15 -6.98
N VAL A 17 -3.25 -0.40 -6.60
CA VAL A 17 -3.55 -1.39 -5.58
C VAL A 17 -4.68 -2.32 -6.03
N LYS A 18 -4.45 -3.63 -5.94
CA LYS A 18 -5.45 -4.61 -6.33
C LYS A 18 -5.63 -5.66 -5.24
N LEU A 19 -6.89 -6.00 -4.98
CA LEU A 19 -7.21 -7.00 -3.95
C LEU A 19 -7.09 -8.41 -4.51
N ALA A 20 -6.15 -9.18 -3.96
CA ALA A 20 -5.93 -10.55 -4.41
C ALA A 20 -7.17 -11.41 -4.15
N ASP A 21 -7.87 -11.12 -3.06
CA ASP A 21 -9.06 -11.86 -2.70
C ASP A 21 -10.17 -11.64 -3.72
N GLN A 22 -10.24 -10.42 -4.24
CA GLN A 22 -11.26 -10.07 -5.24
C GLN A 22 -10.62 -9.55 -6.51
N PRO A 23 -10.38 -10.47 -7.47
CA PRO A 23 -9.76 -10.12 -8.75
C PRO A 23 -10.70 -9.30 -9.64
N LEU A 24 -11.94 -9.15 -9.19
CA LEU A 24 -12.93 -8.39 -9.95
C LEU A 24 -13.06 -6.98 -9.40
N ALA A 25 -12.91 -6.84 -8.09
CA ALA A 25 -13.01 -5.54 -7.44
C ALA A 25 -12.27 -4.47 -8.23
N PRO A 26 -12.69 -3.21 -8.07
CA PRO A 26 -12.07 -2.08 -8.77
C PRO A 26 -10.67 -1.77 -8.25
N LYS A 27 -9.83 -1.23 -9.13
CA LYS A 27 -8.46 -0.89 -8.77
C LYS A 27 -8.41 0.38 -7.93
N SER A 28 -7.51 0.41 -6.96
CA SER A 28 -7.37 1.58 -6.09
C SER A 28 -5.97 2.18 -6.21
N ILE A 29 -5.92 3.49 -6.48
CA ILE A 29 -4.65 4.18 -6.62
C ILE A 29 -4.22 4.81 -5.30
N LEU A 30 -2.99 4.53 -4.89
CA LEU A 30 -2.46 5.08 -3.64
C LEU A 30 -1.38 6.12 -3.92
N GLN A 31 -1.31 7.14 -3.08
CA GLN A 31 -0.32 8.20 -3.23
C GLN A 31 0.35 8.52 -1.90
N LEU A 32 1.65 8.19 -1.80
CA LEU A 32 2.40 8.45 -0.58
C LEU A 32 2.47 9.95 -0.29
N PRO A 33 2.65 10.28 1.00
CA PRO A 33 2.75 11.68 1.44
C PRO A 33 4.04 12.34 0.98
N GLU A 34 4.26 13.58 1.42
CA GLU A 34 5.45 14.33 1.05
C GLU A 34 6.66 13.40 0.92
N THR A 35 7.28 13.42 -0.26
CA THR A 35 8.45 12.58 -0.51
C THR A 35 9.52 12.79 0.55
N GLU A 36 10.38 11.79 0.74
CA GLU A 36 11.44 11.86 1.72
C GLU A 36 12.68 12.55 1.13
N LEU A 37 12.96 12.25 -0.14
CA LEU A 37 14.10 12.83 -0.83
C LEU A 37 13.72 13.30 -2.23
N GLY A 38 13.37 14.58 -2.34
CA GLY A 38 12.99 15.12 -3.63
C GLY A 38 12.11 14.18 -4.42
N GLU A 39 12.08 14.38 -5.74
CA GLU A 39 11.27 13.54 -6.62
C GLU A 39 12.17 12.61 -7.46
N TYR A 40 13.34 13.11 -7.81
CA TYR A 40 14.28 12.34 -8.62
C TYR A 40 14.18 10.86 -8.30
N SER A 41 13.97 10.54 -7.02
CA SER A 41 13.85 9.15 -6.59
C SER A 41 13.53 9.08 -5.10
N LEU A 42 12.83 8.02 -4.70
CA LEU A 42 12.46 7.83 -3.31
C LEU A 42 13.53 7.05 -2.55
N GLY A 43 13.77 5.82 -2.98
CA GLY A 43 14.77 4.99 -2.34
C GLY A 43 14.88 5.27 -0.85
N GLY A 44 13.93 4.75 -0.08
CA GLY A 44 13.95 4.96 1.36
C GLY A 44 12.66 4.50 2.02
N TYR A 45 11.55 4.61 1.29
CA TYR A 45 10.26 4.20 1.82
C TYR A 45 10.25 2.71 2.18
N SER A 46 9.95 2.41 3.44
CA SER A 46 9.91 1.04 3.90
C SER A 46 8.57 0.38 3.56
N ILE A 47 8.64 -0.85 3.05
CA ILE A 47 7.43 -1.58 2.69
C ILE A 47 6.37 -1.46 3.77
N SER A 48 6.77 -1.64 5.02
CA SER A 48 5.85 -1.55 6.14
C SER A 48 4.92 -0.35 5.99
N PHE A 49 5.48 0.77 5.55
CA PHE A 49 4.70 1.98 5.36
C PHE A 49 3.46 1.72 4.52
N LEU A 50 3.67 1.27 3.29
CA LEU A 50 2.57 0.98 2.39
C LEU A 50 1.53 0.07 3.06
N LYS A 51 2.00 -1.04 3.61
CA LYS A 51 1.12 -1.99 4.29
C LYS A 51 0.14 -1.25 5.20
N GLN A 52 0.50 -0.04 5.59
CA GLN A 52 -0.36 0.76 6.46
C GLN A 52 -1.34 1.60 5.64
N LEU A 53 -0.81 2.36 4.69
CA LEU A 53 -1.64 3.21 3.84
C LEU A 53 -2.69 2.39 3.11
N ILE A 54 -2.30 1.21 2.65
CA ILE A 54 -3.21 0.32 1.94
C ILE A 54 -4.33 -0.16 2.85
N ALA A 55 -3.95 -0.76 3.97
CA ALA A 55 -4.92 -1.27 4.94
C ALA A 55 -5.90 -0.18 5.36
N GLY A 56 -5.44 1.07 5.31
CA GLY A 56 -6.29 2.18 5.69
C GLY A 56 -7.24 2.60 4.58
N LYS A 57 -6.85 2.31 3.34
CA LYS A 57 -7.68 2.65 2.19
C LYS A 57 -8.66 1.54 1.87
N LEU A 58 -8.22 0.29 2.04
CA LEU A 58 -9.06 -0.86 1.77
C LEU A 58 -9.73 -1.36 3.05
N GLN A 59 -9.87 -0.46 4.02
CA GLN A 59 -10.50 -0.80 5.29
C GLN A 59 -11.83 -1.51 5.07
N GLU A 60 -12.37 -1.38 3.87
CA GLU A 60 -13.64 -2.02 3.54
C GLU A 60 -13.52 -3.54 3.58
N SER A 61 -12.35 -4.04 3.20
CA SER A 61 -12.10 -5.48 3.19
C SER A 61 -10.98 -5.84 4.16
N VAL A 62 -9.90 -5.06 4.13
CA VAL A 62 -8.76 -5.30 5.00
C VAL A 62 -9.05 -4.81 6.41
N PRO A 63 -9.03 -5.75 7.38
CA PRO A 63 -9.28 -5.44 8.79
C PRO A 63 -8.14 -4.64 9.42
N ASP A 64 -6.92 -5.13 9.25
CA ASP A 64 -5.75 -4.46 9.80
C ASP A 64 -4.51 -4.73 8.95
N PRO A 65 -3.55 -3.80 9.00
CA PRO A 65 -2.31 -3.92 8.23
C PRO A 65 -1.41 -5.03 8.75
N GLU A 66 -1.62 -5.43 10.00
CA GLU A 66 -0.83 -6.49 10.61
C GLU A 66 -1.40 -7.87 10.27
N LEU A 67 -2.71 -7.91 10.03
CA LEU A 67 -3.38 -9.17 9.70
C LEU A 67 -3.42 -9.37 8.18
N ILE A 68 -2.53 -8.68 7.47
CA ILE A 68 -2.46 -8.79 6.02
C ILE A 68 -1.02 -8.75 5.53
N ASP A 69 -0.82 -9.09 4.27
CA ASP A 69 0.51 -9.08 3.67
C ASP A 69 0.51 -8.37 2.33
N LEU A 70 1.69 -7.97 1.87
CA LEU A 70 1.82 -7.27 0.59
C LEU A 70 2.58 -8.12 -0.41
N ILE A 71 1.98 -8.33 -1.58
CA ILE A 71 2.60 -9.13 -2.62
C ILE A 71 2.91 -8.27 -3.85
N TYR A 72 4.15 -8.36 -4.34
CA TYR A 72 4.58 -7.60 -5.49
C TYR A 72 5.48 -8.43 -6.40
N CYS A 73 5.32 -8.27 -7.70
CA CYS A 73 6.11 -9.01 -8.68
C CYS A 73 6.03 -10.51 -8.42
N GLY A 74 4.94 -10.94 -7.80
CA GLY A 74 4.75 -12.35 -7.51
C GLY A 74 5.55 -12.80 -6.31
N ARG A 75 5.84 -11.87 -5.40
CA ARG A 75 6.61 -12.17 -4.20
C ARG A 75 6.26 -11.21 -3.08
N LYS A 76 6.10 -11.74 -1.87
CA LYS A 76 5.77 -10.93 -0.71
C LYS A 76 6.92 -9.99 -0.36
N LEU A 77 6.60 -8.72 -0.14
CA LEU A 77 7.60 -7.72 0.20
C LEU A 77 7.75 -7.59 1.72
N LYS A 78 8.95 -7.87 2.22
CA LYS A 78 9.22 -7.77 3.65
C LYS A 78 9.13 -6.34 4.13
N ASP A 79 8.95 -6.17 5.43
CA ASP A 79 8.84 -4.83 6.02
C ASP A 79 10.21 -4.33 6.46
N ASP A 80 11.25 -4.79 5.78
CA ASP A 80 12.61 -4.38 6.09
C ASP A 80 13.29 -3.75 4.88
N GLN A 81 12.84 -4.13 3.69
CA GLN A 81 13.40 -3.60 2.46
C GLN A 81 12.74 -2.27 2.08
N THR A 82 13.21 -1.67 1.00
CA THR A 82 12.67 -0.40 0.53
C THR A 82 12.30 -0.47 -0.95
N LEU A 83 11.66 0.59 -1.45
CA LEU A 83 11.26 0.65 -2.84
C LEU A 83 12.43 0.37 -3.77
N ASP A 84 13.51 1.13 -3.58
CA ASP A 84 14.71 0.98 -4.40
C ASP A 84 15.31 -0.41 -4.21
N PHE A 85 15.21 -0.95 -3.00
CA PHE A 85 15.75 -2.27 -2.70
C PHE A 85 15.23 -3.30 -3.70
N TYR A 86 13.94 -3.26 -3.98
CA TYR A 86 13.33 -4.19 -4.92
C TYR A 86 13.36 -3.64 -6.34
N GLY A 87 13.46 -2.32 -6.45
CA GLY A 87 13.50 -1.69 -7.75
C GLY A 87 12.11 -1.38 -8.29
N ILE A 88 11.17 -1.15 -7.39
CA ILE A 88 9.79 -0.86 -7.79
C ILE A 88 9.71 0.46 -8.54
N GLN A 89 8.67 0.61 -9.36
CA GLN A 89 8.48 1.83 -10.13
C GLN A 89 7.12 2.45 -9.83
N PRO A 90 7.04 3.79 -9.93
CA PRO A 90 5.81 4.53 -9.67
C PRO A 90 4.75 4.30 -10.74
N GLY A 91 3.91 3.29 -10.53
CA GLY A 91 2.87 2.98 -11.49
C GLY A 91 2.52 1.49 -11.50
N SER A 92 3.34 0.69 -10.84
CA SER A 92 3.11 -0.75 -10.78
C SER A 92 1.83 -1.07 -10.00
N THR A 93 1.54 -2.35 -9.85
CA THR A 93 0.36 -2.79 -9.14
C THR A 93 0.69 -3.87 -8.12
N VAL A 94 0.49 -3.56 -6.84
CA VAL A 94 0.77 -4.51 -5.77
C VAL A 94 -0.51 -5.16 -5.26
N HIS A 95 -0.49 -6.49 -5.15
CA HIS A 95 -1.64 -7.23 -4.68
C HIS A 95 -1.54 -7.51 -3.18
N VAL A 96 -2.67 -7.44 -2.49
CA VAL A 96 -2.69 -7.68 -1.05
C VAL A 96 -3.21 -9.09 -0.74
N LEU A 97 -2.57 -9.75 0.21
CA LEU A 97 -2.97 -11.11 0.59
C LEU A 97 -3.04 -11.24 2.11
N ARG A 98 -4.19 -11.67 2.61
CA ARG A 98 -4.40 -11.83 4.04
C ARG A 98 -3.63 -13.05 4.56
N LYS A 99 -3.32 -13.02 5.85
CA LYS A 99 -2.58 -14.13 6.47
C LYS A 99 -3.48 -15.34 6.67
N SER A 100 -4.61 -15.15 7.35
CA SER A 100 -5.55 -16.23 7.61
C SER A 100 -6.93 -15.67 7.92
N TRP A 101 -7.87 -15.86 6.99
CA TRP A 101 -9.23 -15.38 7.16
C TRP A 101 -9.66 -15.48 8.62
N SER A 102 -10.55 -14.58 9.04
CA SER A 102 -11.03 -14.56 10.41
C SER A 102 -11.83 -15.83 10.72
N GLY A 103 -12.31 -15.93 11.96
CA GLY A 103 -13.08 -17.09 12.36
C GLY A 103 -14.51 -16.75 12.69
N PRO A 104 -15.38 -16.72 11.67
CA PRO A 104 -16.80 -16.40 11.84
C PRO A 104 -17.55 -17.50 12.57
N SER A 105 -17.09 -18.74 12.42
CA SER A 105 -17.72 -19.88 13.06
C SER A 105 -17.86 -19.65 14.56
N SER A 106 -16.78 -19.18 15.18
CA SER A 106 -16.77 -18.93 16.62
C SER A 106 -17.13 -17.46 16.91
N GLY A 107 -18.15 -16.97 16.22
CA GLY A 107 -18.58 -15.60 16.43
C GLY A 107 -19.10 -14.96 15.15
N GLY A 1 -17.28 19.24 6.81
CA GLY A 1 -16.37 18.16 7.11
C GLY A 1 -16.29 17.85 8.59
N SER A 2 -16.33 16.57 8.93
CA SER A 2 -16.27 16.16 10.33
C SER A 2 -14.85 16.24 10.87
N SER A 3 -13.91 15.66 10.13
CA SER A 3 -12.51 15.67 10.53
C SER A 3 -11.60 15.31 9.36
N GLY A 4 -10.84 16.29 8.87
CA GLY A 4 -9.96 16.06 7.76
C GLY A 4 -9.13 17.28 7.41
N SER A 5 -8.69 17.36 6.15
CA SER A 5 -7.89 18.49 5.70
C SER A 5 -8.16 18.79 4.22
N SER A 6 -7.87 20.01 3.81
CA SER A 6 -8.10 20.44 2.44
C SER A 6 -6.84 21.08 1.85
N GLY A 7 -6.85 21.31 0.54
CA GLY A 7 -5.71 21.91 -0.11
C GLY A 7 -5.41 21.28 -1.46
N MET A 8 -4.25 21.58 -2.02
CA MET A 8 -3.85 21.04 -3.31
C MET A 8 -2.52 20.30 -3.20
N SER A 9 -2.58 18.99 -3.01
CA SER A 9 -1.38 18.18 -2.89
C SER A 9 -0.87 17.76 -4.26
N LEU A 10 0.44 17.56 -4.35
CA LEU A 10 1.07 17.16 -5.60
C LEU A 10 0.91 15.66 -5.83
N SER A 11 1.11 14.87 -4.79
CA SER A 11 1.00 13.42 -4.88
C SER A 11 1.65 12.90 -6.15
N ASP A 12 2.62 13.65 -6.67
CA ASP A 12 3.32 13.27 -7.88
C ASP A 12 3.52 11.76 -7.94
N TRP A 13 3.75 11.15 -6.78
CA TRP A 13 3.96 9.72 -6.69
C TRP A 13 2.63 8.98 -6.54
N HIS A 14 2.34 8.09 -7.48
CA HIS A 14 1.10 7.32 -7.45
C HIS A 14 1.39 5.83 -7.62
N LEU A 15 0.55 5.00 -7.00
CA LEU A 15 0.72 3.55 -7.10
C LEU A 15 -0.63 2.86 -7.23
N ALA A 16 -0.63 1.68 -7.83
CA ALA A 16 -1.86 0.91 -8.02
C ALA A 16 -1.99 -0.19 -6.96
N VAL A 17 -3.20 -0.39 -6.47
CA VAL A 17 -3.45 -1.41 -5.47
C VAL A 17 -4.49 -2.42 -5.95
N LYS A 18 -4.13 -3.70 -5.92
CA LYS A 18 -5.03 -4.76 -6.36
C LYS A 18 -5.30 -5.74 -5.22
N LEU A 19 -6.54 -6.17 -5.10
CA LEU A 19 -6.93 -7.12 -4.06
C LEU A 19 -6.83 -8.55 -4.55
N ALA A 20 -5.76 -9.24 -4.15
CA ALA A 20 -5.54 -10.61 -4.55
C ALA A 20 -6.77 -11.47 -4.28
N ASP A 21 -7.42 -11.21 -3.15
CA ASP A 21 -8.61 -11.97 -2.77
C ASP A 21 -9.69 -11.83 -3.85
N GLN A 22 -9.79 -10.65 -4.44
CA GLN A 22 -10.79 -10.40 -5.47
C GLN A 22 -10.12 -10.00 -6.78
N PRO A 23 -9.88 -11.00 -7.65
CA PRO A 23 -9.24 -10.78 -8.96
C PRO A 23 -10.15 -10.02 -9.93
N LEU A 24 -11.40 -9.83 -9.52
CA LEU A 24 -12.36 -9.11 -10.37
C LEU A 24 -12.51 -7.67 -9.90
N ALA A 25 -12.41 -7.45 -8.60
CA ALA A 25 -12.52 -6.11 -8.03
C ALA A 25 -11.68 -5.11 -8.82
N PRO A 26 -12.11 -3.84 -8.81
CA PRO A 26 -11.41 -2.76 -9.52
C PRO A 26 -10.07 -2.42 -8.88
N LYS A 27 -9.30 -1.58 -9.55
CA LYS A 27 -7.99 -1.16 -9.04
C LYS A 27 -8.13 0.02 -8.08
N SER A 28 -7.19 0.12 -7.15
CA SER A 28 -7.21 1.19 -6.16
C SER A 28 -5.90 1.97 -6.16
N ILE A 29 -5.94 3.17 -6.70
CA ILE A 29 -4.75 4.02 -6.78
C ILE A 29 -4.46 4.68 -5.43
N LEU A 30 -3.28 4.41 -4.89
CA LEU A 30 -2.88 4.99 -3.60
C LEU A 30 -1.89 6.13 -3.80
N GLN A 31 -2.02 7.17 -2.99
CA GLN A 31 -1.13 8.32 -3.08
C GLN A 31 -0.42 8.56 -1.75
N LEU A 32 0.80 8.05 -1.63
CA LEU A 32 1.59 8.21 -0.40
C LEU A 32 1.89 9.68 -0.15
N PRO A 33 2.06 10.02 1.14
CA PRO A 33 2.37 11.40 1.55
C PRO A 33 3.78 11.82 1.15
N GLU A 34 4.03 13.12 1.20
CA GLU A 34 5.34 13.67 0.84
C GLU A 34 6.36 13.37 1.94
N THR A 35 7.63 13.48 1.58
CA THR A 35 8.71 13.23 2.53
C THR A 35 9.75 14.35 2.51
N GLU A 36 10.33 14.65 3.67
CA GLU A 36 11.34 15.71 3.76
C GLU A 36 12.47 15.47 2.77
N LEU A 37 12.86 14.21 2.61
CA LEU A 37 13.93 13.85 1.69
C LEU A 37 13.83 14.65 0.39
N GLY A 38 12.66 14.61 -0.23
CA GLY A 38 12.45 15.33 -1.48
C GLY A 38 11.44 14.66 -2.38
N GLU A 39 11.41 15.09 -3.64
CA GLU A 39 10.48 14.51 -4.61
C GLU A 39 11.14 13.40 -5.42
N TYR A 40 12.43 13.59 -5.73
CA TYR A 40 13.17 12.60 -6.50
C TYR A 40 12.82 11.19 -6.06
N SER A 41 13.12 10.21 -6.92
CA SER A 41 12.83 8.81 -6.61
C SER A 41 12.96 8.54 -5.12
N LEU A 42 11.84 8.42 -4.44
CA LEU A 42 11.83 8.16 -3.00
C LEU A 42 12.93 7.17 -2.63
N GLY A 43 12.80 5.94 -3.11
CA GLY A 43 13.79 4.92 -2.82
C GLY A 43 14.25 4.96 -1.37
N GLY A 44 13.39 4.49 -0.48
CA GLY A 44 13.73 4.48 0.93
C GLY A 44 12.58 4.02 1.81
N TYR A 45 11.36 4.32 1.37
CA TYR A 45 10.17 3.93 2.13
C TYR A 45 10.23 2.46 2.52
N SER A 46 9.81 2.16 3.75
CA SER A 46 9.82 0.79 4.25
C SER A 46 8.50 0.09 3.93
N ILE A 47 8.60 -1.07 3.29
CA ILE A 47 7.41 -1.84 2.94
C ILE A 47 6.35 -1.74 4.01
N SER A 48 6.76 -1.85 5.27
CA SER A 48 5.83 -1.78 6.39
C SER A 48 4.93 -0.56 6.27
N PHE A 49 5.53 0.59 5.99
CA PHE A 49 4.78 1.84 5.84
C PHE A 49 3.56 1.63 4.94
N LEU A 50 3.82 1.35 3.66
CA LEU A 50 2.75 1.14 2.71
C LEU A 50 1.65 0.26 3.30
N LYS A 51 2.00 -0.95 3.68
CA LYS A 51 1.04 -1.89 4.27
C LYS A 51 0.05 -1.14 5.16
N GLN A 52 0.49 -0.04 5.75
CA GLN A 52 -0.37 0.75 6.63
C GLN A 52 -1.29 1.64 5.82
N LEU A 53 -0.74 2.29 4.79
CA LEU A 53 -1.53 3.17 3.93
C LEU A 53 -2.62 2.40 3.22
N ILE A 54 -2.25 1.30 2.57
CA ILE A 54 -3.20 0.47 1.85
C ILE A 54 -4.31 -0.02 2.77
N ALA A 55 -3.93 -0.71 3.84
CA ALA A 55 -4.88 -1.23 4.81
C ALA A 55 -5.87 -0.15 5.23
N GLY A 56 -5.38 1.07 5.39
CA GLY A 56 -6.23 2.17 5.79
C GLY A 56 -7.18 2.61 4.69
N LYS A 57 -6.74 2.48 3.45
CA LYS A 57 -7.56 2.86 2.31
C LYS A 57 -8.55 1.75 1.96
N LEU A 58 -8.17 0.51 2.22
CA LEU A 58 -9.03 -0.63 1.93
C LEU A 58 -9.68 -1.15 3.20
N GLN A 59 -9.86 -0.27 4.18
CA GLN A 59 -10.48 -0.63 5.45
C GLN A 59 -11.82 -1.33 5.21
N GLU A 60 -12.36 -1.16 4.01
CA GLU A 60 -13.64 -1.77 3.66
C GLU A 60 -13.54 -3.30 3.72
N SER A 61 -12.42 -3.83 3.25
CA SER A 61 -12.22 -5.28 3.25
C SER A 61 -11.08 -5.66 4.19
N VAL A 62 -10.00 -4.90 4.16
CA VAL A 62 -8.85 -5.16 5.01
C VAL A 62 -9.16 -4.84 6.48
N PRO A 63 -9.08 -5.87 7.33
CA PRO A 63 -9.35 -5.73 8.77
C PRO A 63 -8.29 -4.91 9.48
N ASP A 64 -7.03 -5.28 9.28
CA ASP A 64 -5.91 -4.58 9.91
C ASP A 64 -4.65 -4.68 9.05
N PRO A 65 -3.79 -3.67 9.15
CA PRO A 65 -2.53 -3.63 8.39
C PRO A 65 -1.52 -4.67 8.87
N GLU A 66 -1.74 -5.18 10.08
CA GLU A 66 -0.86 -6.19 10.65
C GLU A 66 -1.27 -7.59 10.21
N LEU A 67 -2.56 -7.77 9.99
CA LEU A 67 -3.09 -9.07 9.57
C LEU A 67 -3.11 -9.18 8.06
N ILE A 68 -2.20 -8.47 7.40
CA ILE A 68 -2.11 -8.50 5.95
C ILE A 68 -0.67 -8.44 5.49
N ASP A 69 -0.45 -8.64 4.20
CA ASP A 69 0.89 -8.62 3.62
C ASP A 69 0.89 -7.95 2.25
N LEU A 70 2.08 -7.71 1.72
CA LEU A 70 2.22 -7.08 0.41
C LEU A 70 2.89 -8.02 -0.58
N ILE A 71 2.31 -8.11 -1.77
CA ILE A 71 2.85 -8.97 -2.82
C ILE A 71 3.16 -8.17 -4.08
N TYR A 72 4.37 -8.33 -4.59
CA TYR A 72 4.80 -7.63 -5.79
C TYR A 72 5.70 -8.53 -6.66
N CYS A 73 5.51 -8.44 -7.97
CA CYS A 73 6.29 -9.23 -8.92
C CYS A 73 6.17 -10.72 -8.58
N GLY A 74 4.99 -11.15 -8.17
CA GLY A 74 4.78 -12.54 -7.83
C GLY A 74 5.63 -12.98 -6.65
N ARG A 75 5.88 -12.06 -5.73
CA ARG A 75 6.69 -12.37 -4.56
C ARG A 75 6.41 -11.37 -3.43
N LYS A 76 6.25 -11.88 -2.22
CA LYS A 76 5.97 -11.04 -1.06
C LYS A 76 7.19 -10.20 -0.69
N LEU A 77 6.94 -9.01 -0.16
CA LEU A 77 8.01 -8.11 0.23
C LEU A 77 8.08 -7.97 1.74
N LYS A 78 9.26 -8.20 2.31
CA LYS A 78 9.45 -8.10 3.75
C LYS A 78 9.17 -6.67 4.24
N ASP A 79 9.21 -6.48 5.55
CA ASP A 79 8.96 -5.18 6.14
C ASP A 79 10.27 -4.50 6.53
N ASP A 80 11.38 -5.03 6.03
CA ASP A 80 12.69 -4.48 6.33
C ASP A 80 13.37 -3.96 5.07
N GLN A 81 12.77 -4.28 3.92
CA GLN A 81 13.31 -3.84 2.64
C GLN A 81 12.78 -2.46 2.26
N THR A 82 13.18 -1.97 1.08
CA THR A 82 12.74 -0.67 0.62
C THR A 82 12.18 -0.75 -0.81
N LEU A 83 11.47 0.28 -1.21
CA LEU A 83 10.88 0.33 -2.55
C LEU A 83 11.93 0.12 -3.62
N ASP A 84 13.11 0.69 -3.39
CA ASP A 84 14.21 0.57 -4.34
C ASP A 84 14.77 -0.86 -4.36
N PHE A 85 15.08 -1.38 -3.17
CA PHE A 85 15.62 -2.72 -3.05
C PHE A 85 15.03 -3.65 -4.10
N TYR A 86 13.70 -3.74 -4.12
CA TYR A 86 13.00 -4.59 -5.08
C TYR A 86 12.96 -3.94 -6.46
N GLY A 87 12.92 -2.61 -6.47
CA GLY A 87 12.89 -1.89 -7.73
C GLY A 87 11.48 -1.49 -8.12
N ILE A 88 10.67 -1.11 -7.13
CA ILE A 88 9.30 -0.71 -7.39
C ILE A 88 9.22 0.74 -7.84
N GLN A 89 8.46 0.99 -8.90
CA GLN A 89 8.30 2.33 -9.44
C GLN A 89 6.88 2.84 -9.24
N PRO A 90 6.72 4.18 -9.19
CA PRO A 90 5.41 4.81 -9.00
C PRO A 90 4.51 4.64 -10.22
N GLY A 91 3.89 3.47 -10.34
CA GLY A 91 3.00 3.22 -11.46
C GLY A 91 2.59 1.76 -11.55
N SER A 92 3.41 0.88 -10.98
CA SER A 92 3.13 -0.55 -11.00
C SER A 92 1.88 -0.87 -10.20
N THR A 93 1.58 -2.16 -10.06
CA THR A 93 0.40 -2.60 -9.31
C THR A 93 0.77 -3.71 -8.33
N VAL A 94 0.58 -3.45 -7.04
CA VAL A 94 0.88 -4.43 -6.01
C VAL A 94 -0.39 -5.13 -5.53
N HIS A 95 -0.27 -6.41 -5.21
CA HIS A 95 -1.40 -7.20 -4.73
C HIS A 95 -1.36 -7.36 -3.22
N VAL A 96 -2.53 -7.41 -2.59
CA VAL A 96 -2.61 -7.57 -1.15
C VAL A 96 -3.23 -8.91 -0.78
N LEU A 97 -2.63 -9.58 0.21
CA LEU A 97 -3.12 -10.88 0.66
C LEU A 97 -3.32 -10.89 2.17
N ARG A 98 -4.56 -11.16 2.60
CA ARG A 98 -4.89 -11.20 4.01
C ARG A 98 -4.25 -12.42 4.68
N LYS A 99 -3.41 -12.16 5.69
CA LYS A 99 -2.73 -13.23 6.41
C LYS A 99 -3.72 -14.30 6.85
N SER A 100 -3.22 -15.51 7.06
CA SER A 100 -4.07 -16.62 7.49
C SER A 100 -4.34 -16.56 8.98
N TRP A 101 -4.67 -15.37 9.47
CA TRP A 101 -4.96 -15.18 10.88
C TRP A 101 -5.68 -16.38 11.47
N SER A 102 -6.90 -16.62 11.01
CA SER A 102 -7.69 -17.75 11.49
C SER A 102 -8.99 -17.87 10.69
N GLY A 103 -9.79 -18.88 11.02
CA GLY A 103 -11.05 -19.09 10.34
C GLY A 103 -12.23 -19.06 11.28
N PRO A 104 -12.80 -17.87 11.50
CA PRO A 104 -13.95 -17.68 12.39
C PRO A 104 -15.23 -18.27 11.81
N SER A 105 -15.10 -18.91 10.64
CA SER A 105 -16.25 -19.52 9.99
C SER A 105 -16.45 -20.95 10.46
N SER A 106 -15.37 -21.73 10.46
CA SER A 106 -15.43 -23.11 10.89
C SER A 106 -14.41 -23.39 11.99
N GLY A 107 -14.90 -23.60 13.21
CA GLY A 107 -14.02 -23.86 14.33
C GLY A 107 -14.73 -24.57 15.48
N GLY A 1 -12.94 24.95 -1.77
CA GLY A 1 -11.56 24.77 -2.16
C GLY A 1 -10.70 25.96 -1.80
N SER A 2 -9.80 25.79 -0.84
CA SER A 2 -8.92 26.85 -0.39
C SER A 2 -7.52 26.66 -0.95
N SER A 3 -7.01 25.43 -0.86
CA SER A 3 -5.67 25.12 -1.36
C SER A 3 -5.49 25.61 -2.79
N GLY A 4 -4.26 25.55 -3.28
CA GLY A 4 -3.97 25.99 -4.63
C GLY A 4 -2.52 25.77 -5.02
N SER A 5 -2.19 26.10 -6.26
CA SER A 5 -0.83 25.93 -6.75
C SER A 5 0.11 26.96 -6.15
N SER A 6 1.36 26.54 -5.90
CA SER A 6 2.36 27.43 -5.31
C SER A 6 3.77 27.01 -5.72
N GLY A 7 4.74 27.85 -5.40
CA GLY A 7 6.12 27.54 -5.75
C GLY A 7 6.78 26.63 -4.74
N MET A 8 6.08 25.58 -4.34
CA MET A 8 6.61 24.63 -3.37
C MET A 8 6.92 23.29 -4.03
N SER A 9 7.82 22.54 -3.42
CA SER A 9 8.21 21.23 -3.96
C SER A 9 7.20 20.16 -3.55
N LEU A 10 6.58 19.53 -4.55
CA LEU A 10 5.59 18.49 -4.29
C LEU A 10 5.90 17.24 -5.10
N SER A 11 5.51 16.08 -4.58
CA SER A 11 5.76 14.81 -5.23
C SER A 11 4.44 14.18 -5.70
N ASP A 12 4.27 14.06 -7.02
CA ASP A 12 3.07 13.47 -7.58
C ASP A 12 3.24 11.97 -7.78
N TRP A 13 3.84 11.31 -6.80
CA TRP A 13 4.07 9.87 -6.88
C TRP A 13 2.80 9.10 -6.56
N HIS A 14 2.38 8.24 -7.49
CA HIS A 14 1.17 7.44 -7.30
C HIS A 14 1.47 5.96 -7.52
N LEU A 15 0.59 5.10 -7.00
CA LEU A 15 0.75 3.66 -7.13
C LEU A 15 -0.60 2.98 -7.27
N ALA A 16 -0.59 1.76 -7.81
CA ALA A 16 -1.82 1.00 -8.00
C ALA A 16 -1.97 -0.06 -6.91
N VAL A 17 -3.22 -0.33 -6.53
CA VAL A 17 -3.51 -1.32 -5.50
C VAL A 17 -4.51 -2.35 -5.99
N LYS A 18 -4.13 -3.62 -5.93
CA LYS A 18 -5.00 -4.71 -6.36
C LYS A 18 -5.28 -5.68 -5.22
N LEU A 19 -6.43 -6.32 -5.26
CA LEU A 19 -6.81 -7.28 -4.23
C LEU A 19 -6.56 -8.72 -4.68
N ALA A 20 -5.52 -9.33 -4.14
CA ALA A 20 -5.18 -10.71 -4.50
C ALA A 20 -6.37 -11.64 -4.30
N ASP A 21 -7.13 -11.41 -3.24
CA ASP A 21 -8.29 -12.24 -2.94
C ASP A 21 -9.35 -12.09 -4.03
N GLN A 22 -9.40 -10.91 -4.65
CA GLN A 22 -10.36 -10.66 -5.71
C GLN A 22 -9.66 -10.15 -6.97
N PRO A 23 -9.32 -11.08 -7.86
CA PRO A 23 -8.64 -10.76 -9.13
C PRO A 23 -9.54 -10.01 -10.10
N LEU A 24 -10.83 -9.94 -9.76
CA LEU A 24 -11.80 -9.25 -10.61
C LEU A 24 -12.03 -7.82 -10.13
N ALA A 25 -11.95 -7.63 -8.82
CA ALA A 25 -12.15 -6.31 -8.23
C ALA A 25 -11.37 -5.24 -9.00
N PRO A 26 -11.91 -4.01 -9.00
CA PRO A 26 -11.27 -2.89 -9.69
C PRO A 26 -9.98 -2.43 -9.01
N LYS A 27 -9.05 -1.92 -9.82
CA LYS A 27 -7.77 -1.44 -9.30
C LYS A 27 -7.95 -0.13 -8.54
N SER A 28 -7.23 0.00 -7.43
CA SER A 28 -7.30 1.21 -6.62
C SER A 28 -6.04 2.06 -6.80
N ILE A 29 -6.16 3.34 -6.47
CA ILE A 29 -5.04 4.27 -6.58
C ILE A 29 -4.58 4.75 -5.22
N LEU A 30 -3.29 4.54 -4.93
CA LEU A 30 -2.72 4.95 -3.65
C LEU A 30 -1.78 6.14 -3.84
N GLN A 31 -2.03 7.21 -3.09
CA GLN A 31 -1.20 8.40 -3.16
C GLN A 31 -0.44 8.63 -1.86
N LEU A 32 0.79 8.14 -1.82
CA LEU A 32 1.62 8.30 -0.63
C LEU A 32 1.93 9.77 -0.36
N PRO A 33 2.16 10.10 0.92
CA PRO A 33 2.47 11.47 1.34
C PRO A 33 3.85 11.93 0.86
N GLU A 34 4.02 13.24 0.73
CA GLU A 34 5.29 13.80 0.29
C GLU A 34 6.44 13.30 1.18
N THR A 35 7.66 13.60 0.76
CA THR A 35 8.85 13.19 1.50
C THR A 35 9.87 14.31 1.59
N GLU A 36 10.95 14.08 2.32
CA GLU A 36 12.00 15.08 2.49
C GLU A 36 12.93 15.08 1.28
N LEU A 37 12.89 14.01 0.51
CA LEU A 37 13.74 13.88 -0.68
C LEU A 37 13.09 14.58 -1.88
N GLY A 38 13.81 14.61 -3.00
CA GLY A 38 13.28 15.23 -4.20
C GLY A 38 12.06 14.53 -4.74
N GLU A 39 12.02 14.33 -6.05
CA GLU A 39 10.91 13.66 -6.70
C GLU A 39 11.34 12.34 -7.33
N TYR A 40 12.61 12.28 -7.74
CA TYR A 40 13.15 11.08 -8.36
C TYR A 40 12.78 9.83 -7.55
N SER A 41 13.10 8.67 -8.10
CA SER A 41 12.81 7.40 -7.42
C SER A 41 13.01 7.52 -5.92
N LEU A 42 11.89 7.61 -5.19
CA LEU A 42 11.95 7.73 -3.73
C LEU A 42 13.10 6.91 -3.16
N GLY A 43 13.14 5.62 -3.53
CA GLY A 43 14.19 4.75 -3.04
C GLY A 43 14.57 5.04 -1.61
N GLY A 44 13.65 4.74 -0.68
CA GLY A 44 13.92 4.98 0.72
C GLY A 44 12.77 4.53 1.61
N TYR A 45 11.55 4.62 1.08
CA TYR A 45 10.36 4.22 1.84
C TYR A 45 10.45 2.76 2.25
N SER A 46 9.99 2.47 3.46
CA SER A 46 10.01 1.11 3.99
C SER A 46 8.70 0.39 3.69
N ILE A 47 8.80 -0.79 3.10
CA ILE A 47 7.63 -1.59 2.76
C ILE A 47 6.55 -1.44 3.83
N SER A 48 6.94 -1.62 5.08
CA SER A 48 6.00 -1.51 6.20
C SER A 48 5.06 -0.33 6.00
N PHE A 49 5.64 0.84 5.75
CA PHE A 49 4.86 2.06 5.55
C PHE A 49 3.64 1.77 4.68
N LEU A 50 3.88 1.42 3.43
CA LEU A 50 2.78 1.13 2.49
C LEU A 50 1.75 0.21 3.13
N LYS A 51 2.20 -0.95 3.60
CA LYS A 51 1.31 -1.92 4.24
C LYS A 51 0.34 -1.21 5.18
N GLN A 52 0.72 -0.03 5.65
CA GLN A 52 -0.11 0.74 6.57
C GLN A 52 -1.07 1.63 5.79
N LEU A 53 -0.54 2.38 4.84
CA LEU A 53 -1.35 3.29 4.02
C LEU A 53 -2.44 2.51 3.28
N ILE A 54 -2.08 1.33 2.80
CA ILE A 54 -3.03 0.49 2.06
C ILE A 54 -4.14 -0.02 2.97
N ALA A 55 -3.74 -0.69 4.05
CA ALA A 55 -4.70 -1.23 5.01
C ALA A 55 -5.70 -0.16 5.44
N GLY A 56 -5.25 1.09 5.48
CA GLY A 56 -6.11 2.19 5.88
C GLY A 56 -7.04 2.62 4.77
N LYS A 57 -6.60 2.49 3.53
CA LYS A 57 -7.40 2.87 2.38
C LYS A 57 -8.41 1.77 2.03
N LEU A 58 -8.07 0.54 2.36
CA LEU A 58 -8.94 -0.60 2.08
C LEU A 58 -9.69 -1.03 3.35
N GLN A 59 -9.93 -0.07 4.23
CA GLN A 59 -10.64 -0.34 5.48
C GLN A 59 -11.94 -1.09 5.20
N GLU A 60 -12.39 -1.06 3.96
CA GLU A 60 -13.63 -1.74 3.57
C GLU A 60 -13.41 -3.25 3.46
N SER A 61 -12.21 -3.64 3.06
CA SER A 61 -11.88 -5.06 2.93
C SER A 61 -10.83 -5.47 3.95
N VAL A 62 -9.73 -4.73 3.99
CA VAL A 62 -8.64 -5.01 4.92
C VAL A 62 -8.88 -4.32 6.26
N PRO A 63 -9.09 -5.12 7.31
CA PRO A 63 -9.33 -4.61 8.67
C PRO A 63 -8.07 -3.98 9.27
N ASP A 64 -6.97 -4.71 9.23
CA ASP A 64 -5.71 -4.23 9.78
C ASP A 64 -4.54 -4.65 8.91
N PRO A 65 -3.46 -3.84 8.91
CA PRO A 65 -2.27 -4.12 8.12
C PRO A 65 -1.48 -5.31 8.65
N GLU A 66 -1.64 -5.59 9.94
CA GLU A 66 -0.95 -6.71 10.58
C GLU A 66 -1.63 -8.03 10.22
N LEU A 67 -2.92 -7.98 9.92
CA LEU A 67 -3.67 -9.17 9.57
C LEU A 67 -3.65 -9.40 8.07
N ILE A 68 -2.70 -8.77 7.38
CA ILE A 68 -2.57 -8.91 5.94
C ILE A 68 -1.11 -8.88 5.51
N ASP A 69 -0.86 -9.16 4.24
CA ASP A 69 0.49 -9.17 3.71
C ASP A 69 0.54 -8.47 2.35
N LEU A 70 1.70 -7.91 2.02
CA LEU A 70 1.88 -7.23 0.75
C LEU A 70 2.68 -8.08 -0.24
N ILE A 71 2.11 -8.27 -1.42
CA ILE A 71 2.77 -9.08 -2.46
C ILE A 71 3.05 -8.24 -3.70
N TYR A 72 4.27 -8.34 -4.22
CA TYR A 72 4.66 -7.60 -5.41
C TYR A 72 5.56 -8.45 -6.30
N CYS A 73 5.32 -8.37 -7.61
CA CYS A 73 6.11 -9.12 -8.57
C CYS A 73 6.07 -10.62 -8.26
N GLY A 74 5.00 -11.05 -7.59
CA GLY A 74 4.86 -12.45 -7.24
C GLY A 74 5.68 -12.84 -6.03
N ARG A 75 6.13 -11.83 -5.28
CA ARG A 75 6.95 -12.07 -4.09
C ARG A 75 6.55 -11.12 -2.97
N LYS A 76 6.33 -11.68 -1.78
CA LYS A 76 5.94 -10.90 -0.62
C LYS A 76 7.04 -9.90 -0.25
N LEU A 77 6.63 -8.70 0.16
CA LEU A 77 7.58 -7.66 0.54
C LEU A 77 7.67 -7.53 2.05
N LYS A 78 8.89 -7.54 2.58
CA LYS A 78 9.11 -7.42 4.01
C LYS A 78 9.43 -5.98 4.40
N ASP A 79 9.27 -5.67 5.67
CA ASP A 79 9.54 -4.32 6.17
C ASP A 79 11.05 -4.10 6.34
N ASP A 80 11.83 -5.08 5.92
CA ASP A 80 13.29 -4.99 6.04
C ASP A 80 13.89 -4.37 4.78
N GLN A 81 13.11 -4.36 3.70
CA GLN A 81 13.57 -3.80 2.43
C GLN A 81 12.85 -2.50 2.12
N THR A 82 13.16 -1.92 0.96
CA THR A 82 12.53 -0.67 0.54
C THR A 82 12.02 -0.76 -0.89
N LEU A 83 11.44 0.33 -1.38
CA LEU A 83 10.90 0.37 -2.73
C LEU A 83 12.01 0.15 -3.76
N ASP A 84 13.13 0.84 -3.57
CA ASP A 84 14.27 0.72 -4.48
C ASP A 84 14.89 -0.68 -4.40
N PHE A 85 15.06 -1.17 -3.17
CA PHE A 85 15.64 -2.48 -2.96
C PHE A 85 15.08 -3.49 -3.95
N TYR A 86 13.77 -3.43 -4.18
CA TYR A 86 13.12 -4.34 -5.11
C TYR A 86 13.02 -3.73 -6.50
N GLY A 87 13.12 -2.41 -6.57
CA GLY A 87 13.05 -1.73 -7.84
C GLY A 87 11.63 -1.46 -8.29
N ILE A 88 10.76 -1.15 -7.33
CA ILE A 88 9.37 -0.87 -7.62
C ILE A 88 9.21 0.45 -8.37
N GLN A 89 8.17 0.55 -9.19
CA GLN A 89 7.91 1.76 -9.95
C GLN A 89 6.56 2.36 -9.59
N PRO A 90 6.44 3.69 -9.72
CA PRO A 90 5.20 4.42 -9.41
C PRO A 90 4.09 4.11 -10.40
N GLY A 91 4.37 3.22 -11.35
CA GLY A 91 3.38 2.86 -12.34
C GLY A 91 3.00 1.39 -12.29
N SER A 92 3.50 0.70 -11.28
CA SER A 92 3.22 -0.73 -11.11
C SER A 92 1.98 -0.94 -10.24
N THR A 93 1.65 -2.21 -10.00
CA THR A 93 0.50 -2.55 -9.18
C THR A 93 0.83 -3.65 -8.18
N VAL A 94 0.40 -3.47 -6.94
CA VAL A 94 0.66 -4.45 -5.90
C VAL A 94 -0.59 -5.26 -5.57
N HIS A 95 -0.42 -6.34 -4.82
CA HIS A 95 -1.53 -7.19 -4.45
C HIS A 95 -1.53 -7.47 -2.95
N VAL A 96 -2.68 -7.30 -2.31
CA VAL A 96 -2.81 -7.53 -0.87
C VAL A 96 -3.37 -8.92 -0.59
N LEU A 97 -2.65 -9.70 0.21
CA LEU A 97 -3.08 -11.05 0.56
C LEU A 97 -3.55 -11.10 2.01
N ARG A 98 -4.77 -11.61 2.21
CA ARG A 98 -5.33 -11.73 3.54
C ARG A 98 -4.74 -12.92 4.29
N LYS A 99 -4.31 -12.69 5.53
CA LYS A 99 -3.72 -13.74 6.35
C LYS A 99 -4.77 -14.79 6.73
N SER A 100 -5.73 -14.38 7.54
CA SER A 100 -6.79 -15.28 7.98
C SER A 100 -8.10 -14.53 8.18
N TRP A 101 -9.21 -15.25 8.11
CA TRP A 101 -10.53 -14.65 8.28
C TRP A 101 -10.80 -14.35 9.75
N SER A 102 -11.71 -13.41 10.00
CA SER A 102 -12.05 -13.02 11.36
C SER A 102 -12.07 -14.24 12.28
N GLY A 103 -11.90 -13.99 13.57
CA GLY A 103 -11.90 -15.07 14.55
C GLY A 103 -13.29 -15.40 15.06
N PRO A 104 -13.81 -16.56 14.67
CA PRO A 104 -15.15 -17.00 15.10
C PRO A 104 -15.20 -17.35 16.57
N SER A 105 -14.09 -17.17 17.27
CA SER A 105 -14.00 -17.47 18.70
C SER A 105 -14.00 -18.97 18.93
N SER A 106 -13.20 -19.69 18.15
CA SER A 106 -13.11 -21.14 18.27
C SER A 106 -12.01 -21.53 19.24
N GLY A 107 -12.41 -21.98 20.42
CA GLY A 107 -11.44 -22.38 21.43
C GLY A 107 -10.82 -23.73 21.13
#